data_2BSC
# 
_entry.id   2BSC 
# 
_audit_conform.dict_name       mmcif_pdbx.dic 
_audit_conform.dict_version    5.398 
_audit_conform.dict_location   http://mmcif.pdb.org/dictionaries/ascii/mmcif_pdbx.dic 
# 
loop_
_database_2.database_id 
_database_2.database_code 
_database_2.pdbx_database_accession 
_database_2.pdbx_DOI 
PDB   2BSC         pdb_00002bsc 10.2210/pdb2bsc/pdb 
PDBE  EBI-24142    ?            ?                   
WWPDB D_1290024142 ?            ?                   
# 
loop_
_pdbx_audit_revision_history.ordinal 
_pdbx_audit_revision_history.data_content_type 
_pdbx_audit_revision_history.major_revision 
_pdbx_audit_revision_history.minor_revision 
_pdbx_audit_revision_history.revision_date 
1 'Structure model' 1 0 2006-05-24 
2 'Structure model' 1 1 2011-05-08 
3 'Structure model' 1 2 2011-07-13 
4 'Structure model' 1 3 2019-07-24 
5 'Structure model' 1 4 2020-07-29 
6 'Structure model' 1 5 2023-12-13 
7 'Structure model' 1 6 2024-11-06 
# 
loop_
_pdbx_audit_revision_details.ordinal 
_pdbx_audit_revision_details.revision_ordinal 
_pdbx_audit_revision_details.data_content_type 
_pdbx_audit_revision_details.provider 
_pdbx_audit_revision_details.type 
_pdbx_audit_revision_details.description 
_pdbx_audit_revision_details.details 
1 1 'Structure model' repository 'Initial release' ?                          ? 
2 5 'Structure model' repository Remediation       'Carbohydrate remediation' ? 
# 
loop_
_pdbx_audit_revision_group.ordinal 
_pdbx_audit_revision_group.revision_ordinal 
_pdbx_audit_revision_group.data_content_type 
_pdbx_audit_revision_group.group 
1  2 'Structure model' 'Version format compliance' 
2  3 'Structure model' 'Version format compliance' 
3  4 'Structure model' 'Data collection'           
4  5 'Structure model' 'Data collection'           
5  5 'Structure model' 'Derived calculations'      
6  5 'Structure model' Other                       
7  5 'Structure model' 'Structure summary'         
8  6 'Structure model' 'Data collection'           
9  6 'Structure model' 'Database references'       
10 6 'Structure model' 'Refinement description'    
11 6 'Structure model' 'Structure summary'         
12 7 'Structure model' 'Structure summary'         
# 
loop_
_pdbx_audit_revision_category.ordinal 
_pdbx_audit_revision_category.revision_ordinal 
_pdbx_audit_revision_category.data_content_type 
_pdbx_audit_revision_category.category 
1  4 'Structure model' diffrn_source                 
2  5 'Structure model' chem_comp                     
3  5 'Structure model' entity                        
4  5 'Structure model' pdbx_chem_comp_identifier     
5  5 'Structure model' pdbx_database_status          
6  5 'Structure model' pdbx_entity_nonpoly           
7  5 'Structure model' struct_site                   
8  5 'Structure model' struct_site_gen               
9  6 'Structure model' chem_comp                     
10 6 'Structure model' chem_comp_atom                
11 6 'Structure model' chem_comp_bond                
12 6 'Structure model' database_2                    
13 6 'Structure model' pdbx_initial_refinement_model 
14 7 'Structure model' pdbx_entry_details            
15 7 'Structure model' pdbx_modification_feature     
# 
loop_
_pdbx_audit_revision_item.ordinal 
_pdbx_audit_revision_item.revision_ordinal 
_pdbx_audit_revision_item.data_content_type 
_pdbx_audit_revision_item.item 
1 4 'Structure model' '_diffrn_source.pdbx_synchrotron_site' 
2 5 'Structure model' '_chem_comp.name'                      
3 5 'Structure model' '_chem_comp.type'                      
4 5 'Structure model' '_entity.pdbx_description'             
5 5 'Structure model' '_pdbx_database_status.status_code_sf' 
6 5 'Structure model' '_pdbx_entity_nonpoly.name'            
7 6 'Structure model' '_chem_comp.pdbx_synonyms'             
8 6 'Structure model' '_database_2.pdbx_DOI'                 
9 6 'Structure model' '_database_2.pdbx_database_accession'  
# 
_pdbx_database_status.status_code                     REL 
_pdbx_database_status.entry_id                        2BSC 
_pdbx_database_status.deposit_site                    PDBE 
_pdbx_database_status.process_site                    PDBE 
_pdbx_database_status.SG_entry                        . 
_pdbx_database_status.recvd_initial_deposition_date   2005-05-20 
_pdbx_database_status.pdb_format_compatible           Y 
_pdbx_database_status.status_code_sf                  REL 
_pdbx_database_status.status_code_mr                  ? 
_pdbx_database_status.status_code_cs                  ? 
_pdbx_database_status.methods_development_category    ? 
_pdbx_database_status.status_code_nmr_data            ? 
# 
_pdbx_database_related.db_name        PDB 
_pdbx_database_related.db_id          2BSB 
_pdbx_database_related.content_type   unspecified 
_pdbx_database_related.details        'E. COLI F17E-G LECTIN DOMAIN COMPLEX WITH N-ACETYLGLUCOSAMINE' 
# 
loop_
_audit_author.name 
_audit_author.pdbx_ordinal 
'Buts, L.'      1 
'Wellens, A.'   2 
'Van Molle, I.' 3 
'Wyns, L.'      4 
'Loris, R.'     5 
'Lahmann, M.'   6 
'Oscarson, S.'  7 
'De Greve, H.'  8 
'Bouckaert, J.' 9 
# 
_citation.id                        primary 
_citation.title                     'Impact of Natural Variation in Bacterial F17G Adhesins on Crystallization Behaviour.' 
_citation.journal_abbrev            'Acta Crystallogr.,Sect.D' 
_citation.journal_volume            61 
_citation.page_first                1149 
_citation.page_last                 ? 
_citation.year                      2005 
_citation.journal_id_ASTM           ABCRE6 
_citation.country                   DK 
_citation.journal_id_ISSN           0907-4449 
_citation.journal_id_CSD            0766 
_citation.book_publisher            ? 
_citation.pdbx_database_id_PubMed   16041081 
_citation.pdbx_database_id_DOI      10.1107/S0907444905017038 
# 
loop_
_citation_author.citation_id 
_citation_author.name 
_citation_author.ordinal 
_citation_author.identifier_ORCID 
primary 'Buts, L.'      1 ? 
primary 'Wellens, A.'   2 ? 
primary 'Van Molle, I.' 3 ? 
primary 'Wyns, L.'      4 ? 
primary 'Loris, R.'     5 ? 
primary 'Lahmann, M.'   6 ? 
primary 'Oscarson, S.'  7 ? 
primary 'De Greve, H.'  8 ? 
primary 'Bouckaert, J.' 9 ? 
# 
loop_
_entity.id 
_entity.type 
_entity.src_method 
_entity.pdbx_description 
_entity.formula_weight 
_entity.pdbx_number_of_molecules 
_entity.pdbx_ec 
_entity.pdbx_mutation 
_entity.pdbx_fragment 
_entity.details 
1 polymer     man 'F17A-G ADHESIN'                         19048.227 1   ? ? 'LECTIN DOMAIN, RESIDUES 23-199' ? 
2 non-polymer man 2-acetamido-2-deoxy-beta-D-glucopyranose 221.208   1   ? ? ?                                ? 
3 water       nat water                                    18.015    245 ? ? ?                                ? 
# 
_entity_poly.entity_id                      1 
_entity_poly.type                           'polypeptide(L)' 
_entity_poly.nstd_linkage                   no 
_entity_poly.nstd_monomer                   no 
_entity_poly.pdbx_seq_one_letter_code       
;AVSFIGSTENDVGPSLGSYSRTHAMDNLPFVYDTRNKIGYQNANVWHISKGFCVGLDGKVDLPVVGSLDGQSIYGLTEEV
GLLIWMGDTKYSRGTAMSGNSWENVFSGWCVGANTASTQGLSVRVTPVILKRNSSARYSVQKTSIGSIRMRPYNGSSAGS
VQTTVNFSLNPFTLNDT
;
_entity_poly.pdbx_seq_one_letter_code_can   
;AVSFIGSTENDVGPSLGSYSRTHAMDNLPFVYDTRNKIGYQNANVWHISKGFCVGLDGKVDLPVVGSLDGQSIYGLTEEV
GLLIWMGDTKYSRGTAMSGNSWENVFSGWCVGANTASTQGLSVRVTPVILKRNSSARYSVQKTSIGSIRMRPYNGSSAGS
VQTTVNFSLNPFTLNDT
;
_entity_poly.pdbx_strand_id                 A 
_entity_poly.pdbx_target_identifier         ? 
# 
loop_
_pdbx_entity_nonpoly.entity_id 
_pdbx_entity_nonpoly.name 
_pdbx_entity_nonpoly.comp_id 
2 2-acetamido-2-deoxy-beta-D-glucopyranose NAG 
3 water                                    HOH 
# 
loop_
_entity_poly_seq.entity_id 
_entity_poly_seq.num 
_entity_poly_seq.mon_id 
_entity_poly_seq.hetero 
1 1   ALA n 
1 2   VAL n 
1 3   SER n 
1 4   PHE n 
1 5   ILE n 
1 6   GLY n 
1 7   SER n 
1 8   THR n 
1 9   GLU n 
1 10  ASN n 
1 11  ASP n 
1 12  VAL n 
1 13  GLY n 
1 14  PRO n 
1 15  SER n 
1 16  LEU n 
1 17  GLY n 
1 18  SER n 
1 19  TYR n 
1 20  SER n 
1 21  ARG n 
1 22  THR n 
1 23  HIS n 
1 24  ALA n 
1 25  MET n 
1 26  ASP n 
1 27  ASN n 
1 28  LEU n 
1 29  PRO n 
1 30  PHE n 
1 31  VAL n 
1 32  TYR n 
1 33  ASP n 
1 34  THR n 
1 35  ARG n 
1 36  ASN n 
1 37  LYS n 
1 38  ILE n 
1 39  GLY n 
1 40  TYR n 
1 41  GLN n 
1 42  ASN n 
1 43  ALA n 
1 44  ASN n 
1 45  VAL n 
1 46  TRP n 
1 47  HIS n 
1 48  ILE n 
1 49  SER n 
1 50  LYS n 
1 51  GLY n 
1 52  PHE n 
1 53  CYS n 
1 54  VAL n 
1 55  GLY n 
1 56  LEU n 
1 57  ASP n 
1 58  GLY n 
1 59  LYS n 
1 60  VAL n 
1 61  ASP n 
1 62  LEU n 
1 63  PRO n 
1 64  VAL n 
1 65  VAL n 
1 66  GLY n 
1 67  SER n 
1 68  LEU n 
1 69  ASP n 
1 70  GLY n 
1 71  GLN n 
1 72  SER n 
1 73  ILE n 
1 74  TYR n 
1 75  GLY n 
1 76  LEU n 
1 77  THR n 
1 78  GLU n 
1 79  GLU n 
1 80  VAL n 
1 81  GLY n 
1 82  LEU n 
1 83  LEU n 
1 84  ILE n 
1 85  TRP n 
1 86  MET n 
1 87  GLY n 
1 88  ASP n 
1 89  THR n 
1 90  LYS n 
1 91  TYR n 
1 92  SER n 
1 93  ARG n 
1 94  GLY n 
1 95  THR n 
1 96  ALA n 
1 97  MET n 
1 98  SER n 
1 99  GLY n 
1 100 ASN n 
1 101 SER n 
1 102 TRP n 
1 103 GLU n 
1 104 ASN n 
1 105 VAL n 
1 106 PHE n 
1 107 SER n 
1 108 GLY n 
1 109 TRP n 
1 110 CYS n 
1 111 VAL n 
1 112 GLY n 
1 113 ALA n 
1 114 ASN n 
1 115 THR n 
1 116 ALA n 
1 117 SER n 
1 118 THR n 
1 119 GLN n 
1 120 GLY n 
1 121 LEU n 
1 122 SER n 
1 123 VAL n 
1 124 ARG n 
1 125 VAL n 
1 126 THR n 
1 127 PRO n 
1 128 VAL n 
1 129 ILE n 
1 130 LEU n 
1 131 LYS n 
1 132 ARG n 
1 133 ASN n 
1 134 SER n 
1 135 SER n 
1 136 ALA n 
1 137 ARG n 
1 138 TYR n 
1 139 SER n 
1 140 VAL n 
1 141 GLN n 
1 142 LYS n 
1 143 THR n 
1 144 SER n 
1 145 ILE n 
1 146 GLY n 
1 147 SER n 
1 148 ILE n 
1 149 ARG n 
1 150 MET n 
1 151 ARG n 
1 152 PRO n 
1 153 TYR n 
1 154 ASN n 
1 155 GLY n 
1 156 SER n 
1 157 SER n 
1 158 ALA n 
1 159 GLY n 
1 160 SER n 
1 161 VAL n 
1 162 GLN n 
1 163 THR n 
1 164 THR n 
1 165 VAL n 
1 166 ASN n 
1 167 PHE n 
1 168 SER n 
1 169 LEU n 
1 170 ASN n 
1 171 PRO n 
1 172 PHE n 
1 173 THR n 
1 174 LEU n 
1 175 ASN n 
1 176 ASP n 
1 177 THR n 
# 
_entity_src_gen.entity_id                          1 
_entity_src_gen.pdbx_src_id                        1 
_entity_src_gen.pdbx_alt_source_flag               sample 
_entity_src_gen.pdbx_seq_type                      ? 
_entity_src_gen.pdbx_beg_seq_num                   ? 
_entity_src_gen.pdbx_end_seq_num                   ? 
_entity_src_gen.gene_src_common_name               ? 
_entity_src_gen.gene_src_genus                     ? 
_entity_src_gen.pdbx_gene_src_gene                 ? 
_entity_src_gen.gene_src_species                   ? 
_entity_src_gen.gene_src_strain                    ? 
_entity_src_gen.gene_src_tissue                    ? 
_entity_src_gen.gene_src_tissue_fraction           ? 
_entity_src_gen.gene_src_details                   ? 
_entity_src_gen.pdbx_gene_src_fragment             ? 
_entity_src_gen.pdbx_gene_src_scientific_name      'ESCHERICHIA COLI' 
_entity_src_gen.pdbx_gene_src_ncbi_taxonomy_id     562 
_entity_src_gen.pdbx_gene_src_variant              ? 
_entity_src_gen.pdbx_gene_src_cell_line            ? 
_entity_src_gen.pdbx_gene_src_atcc                 ? 
_entity_src_gen.pdbx_gene_src_organ                ? 
_entity_src_gen.pdbx_gene_src_organelle            ? 
_entity_src_gen.pdbx_gene_src_cell                 ? 
_entity_src_gen.pdbx_gene_src_cellular_location    ? 
_entity_src_gen.host_org_common_name               ? 
_entity_src_gen.pdbx_host_org_scientific_name      'ESCHERICHIA COLI' 
_entity_src_gen.pdbx_host_org_ncbi_taxonomy_id     511693 
_entity_src_gen.host_org_genus                     ? 
_entity_src_gen.pdbx_host_org_gene                 ? 
_entity_src_gen.pdbx_host_org_organ                ? 
_entity_src_gen.host_org_species                   ? 
_entity_src_gen.pdbx_host_org_tissue               ? 
_entity_src_gen.pdbx_host_org_tissue_fraction      ? 
_entity_src_gen.pdbx_host_org_strain               BL21 
_entity_src_gen.pdbx_host_org_variant              ? 
_entity_src_gen.pdbx_host_org_cell_line            ? 
_entity_src_gen.pdbx_host_org_atcc                 ? 
_entity_src_gen.pdbx_host_org_culture_collection   ? 
_entity_src_gen.pdbx_host_org_cell                 ? 
_entity_src_gen.pdbx_host_org_organelle            ? 
_entity_src_gen.pdbx_host_org_cellular_location    ? 
_entity_src_gen.pdbx_host_org_vector_type          ? 
_entity_src_gen.pdbx_host_org_vector               ? 
_entity_src_gen.host_org_details                   ? 
_entity_src_gen.expression_system_id               ? 
_entity_src_gen.plasmid_name                       ? 
_entity_src_gen.plasmid_details                    ? 
_entity_src_gen.pdbx_description                   ? 
# 
loop_
_chem_comp.id 
_chem_comp.type 
_chem_comp.mon_nstd_flag 
_chem_comp.name 
_chem_comp.pdbx_synonyms 
_chem_comp.formula 
_chem_comp.formula_weight 
ALA 'L-peptide linking'          y ALANINE                                  ? 'C3 H7 N O2'     89.093  
ARG 'L-peptide linking'          y ARGININE                                 ? 'C6 H15 N4 O2 1' 175.209 
ASN 'L-peptide linking'          y ASPARAGINE                               ? 'C4 H8 N2 O3'    132.118 
ASP 'L-peptide linking'          y 'ASPARTIC ACID'                          ? 'C4 H7 N O4'     133.103 
CYS 'L-peptide linking'          y CYSTEINE                                 ? 'C3 H7 N O2 S'   121.158 
GLN 'L-peptide linking'          y GLUTAMINE                                ? 'C5 H10 N2 O3'   146.144 
GLU 'L-peptide linking'          y 'GLUTAMIC ACID'                          ? 'C5 H9 N O4'     147.129 
GLY 'peptide linking'            y GLYCINE                                  ? 'C2 H5 N O2'     75.067  
HIS 'L-peptide linking'          y HISTIDINE                                ? 'C6 H10 N3 O2 1' 156.162 
HOH non-polymer                  . WATER                                    ? 'H2 O'           18.015  
ILE 'L-peptide linking'          y ISOLEUCINE                               ? 'C6 H13 N O2'    131.173 
LEU 'L-peptide linking'          y LEUCINE                                  ? 'C6 H13 N O2'    131.173 
LYS 'L-peptide linking'          y LYSINE                                   ? 'C6 H15 N2 O2 1' 147.195 
MET 'L-peptide linking'          y METHIONINE                               ? 'C5 H11 N O2 S'  149.211 
NAG 'D-saccharide, beta linking' . 2-acetamido-2-deoxy-beta-D-glucopyranose 
;N-acetyl-beta-D-glucosamine; 2-acetamido-2-deoxy-beta-D-glucose; 2-acetamido-2-deoxy-D-glucose; 2-acetamido-2-deoxy-glucose; N-ACETYL-D-GLUCOSAMINE
;
'C8 H15 N O6'    221.208 
PHE 'L-peptide linking'          y PHENYLALANINE                            ? 'C9 H11 N O2'    165.189 
PRO 'L-peptide linking'          y PROLINE                                  ? 'C5 H9 N O2'     115.130 
SER 'L-peptide linking'          y SERINE                                   ? 'C3 H7 N O3'     105.093 
THR 'L-peptide linking'          y THREONINE                                ? 'C4 H9 N O3'     119.119 
TRP 'L-peptide linking'          y TRYPTOPHAN                               ? 'C11 H12 N2 O2'  204.225 
TYR 'L-peptide linking'          y TYROSINE                                 ? 'C9 H11 N O3'    181.189 
VAL 'L-peptide linking'          y VALINE                                   ? 'C5 H11 N O2'    117.146 
# 
loop_
_pdbx_chem_comp_identifier.comp_id 
_pdbx_chem_comp_identifier.type 
_pdbx_chem_comp_identifier.program 
_pdbx_chem_comp_identifier.program_version 
_pdbx_chem_comp_identifier.identifier 
NAG 'CONDENSED IUPAC CARBOHYDRATE SYMBOL' GMML     1.0 DGlcpNAcb                      
NAG 'COMMON NAME'                         GMML     1.0 N-acetyl-b-D-glucopyranosamine 
NAG 'IUPAC CARBOHYDRATE SYMBOL'           PDB-CARE 1.0 b-D-GlcpNAc                    
NAG 'SNFG CARBOHYDRATE SYMBOL'            GMML     1.0 GlcNAc                         
# 
loop_
_pdbx_poly_seq_scheme.asym_id 
_pdbx_poly_seq_scheme.entity_id 
_pdbx_poly_seq_scheme.seq_id 
_pdbx_poly_seq_scheme.mon_id 
_pdbx_poly_seq_scheme.ndb_seq_num 
_pdbx_poly_seq_scheme.pdb_seq_num 
_pdbx_poly_seq_scheme.auth_seq_num 
_pdbx_poly_seq_scheme.pdb_mon_id 
_pdbx_poly_seq_scheme.auth_mon_id 
_pdbx_poly_seq_scheme.pdb_strand_id 
_pdbx_poly_seq_scheme.pdb_ins_code 
_pdbx_poly_seq_scheme.hetero 
A 1 1   ALA 1   1   1   ALA ALA A . n 
A 1 2   VAL 2   2   2   VAL VAL A . n 
A 1 3   SER 3   3   3   SER SER A . n 
A 1 4   PHE 4   4   4   PHE PHE A . n 
A 1 5   ILE 5   5   5   ILE ILE A . n 
A 1 6   GLY 6   6   6   GLY GLY A . n 
A 1 7   SER 7   7   7   SER SER A . n 
A 1 8   THR 8   8   8   THR THR A . n 
A 1 9   GLU 9   9   9   GLU GLU A . n 
A 1 10  ASN 10  10  10  ASN ASN A . n 
A 1 11  ASP 11  11  11  ASP ASP A . n 
A 1 12  VAL 12  12  12  VAL VAL A . n 
A 1 13  GLY 13  13  13  GLY GLY A . n 
A 1 14  PRO 14  14  14  PRO PRO A . n 
A 1 15  SER 15  15  15  SER SER A . n 
A 1 16  LEU 16  16  16  LEU LEU A . n 
A 1 17  GLY 17  17  17  GLY GLY A . n 
A 1 18  SER 18  18  18  SER SER A . n 
A 1 19  TYR 19  19  19  TYR TYR A . n 
A 1 20  SER 20  20  20  SER SER A . n 
A 1 21  ARG 21  21  ?   ?   ?   A . n 
A 1 22  THR 22  22  ?   ?   ?   A . n 
A 1 23  HIS 23  23  ?   ?   ?   A . n 
A 1 24  ALA 24  24  ?   ?   ?   A . n 
A 1 25  MET 25  25  ?   ?   ?   A . n 
A 1 26  ASP 26  26  ?   ?   ?   A . n 
A 1 27  ASN 27  27  ?   ?   ?   A . n 
A 1 28  LEU 28  28  28  LEU LEU A . n 
A 1 29  PRO 29  29  29  PRO PRO A . n 
A 1 30  PHE 30  30  30  PHE PHE A . n 
A 1 31  VAL 31  31  31  VAL VAL A . n 
A 1 32  TYR 32  32  32  TYR TYR A . n 
A 1 33  ASP 33  33  ?   ?   ?   A . n 
A 1 34  THR 34  34  34  THR THR A . n 
A 1 35  ARG 35  35  35  ARG ARG A . n 
A 1 36  ASN 36  36  36  ASN ASN A . n 
A 1 37  LYS 37  37  37  LYS LYS A . n 
A 1 38  ILE 38  38  38  ILE ILE A . n 
A 1 39  GLY 39  39  39  GLY GLY A . n 
A 1 40  TYR 40  40  40  TYR TYR A . n 
A 1 41  GLN 41  41  41  GLN GLN A . n 
A 1 42  ASN 42  42  42  ASN ASN A . n 
A 1 43  ALA 43  43  43  ALA ALA A . n 
A 1 44  ASN 44  44  44  ASN ASN A . n 
A 1 45  VAL 45  45  45  VAL VAL A . n 
A 1 46  TRP 46  46  46  TRP TRP A . n 
A 1 47  HIS 47  47  47  HIS HIS A . n 
A 1 48  ILE 48  48  48  ILE ILE A . n 
A 1 49  SER 49  49  49  SER SER A . n 
A 1 50  LYS 50  50  50  LYS LYS A . n 
A 1 51  GLY 51  51  51  GLY GLY A . n 
A 1 52  PHE 52  52  52  PHE PHE A . n 
A 1 53  CYS 53  53  53  CYS CYS A . n 
A 1 54  VAL 54  54  54  VAL VAL A . n 
A 1 55  GLY 55  55  55  GLY GLY A . n 
A 1 56  LEU 56  56  56  LEU LEU A . n 
A 1 57  ASP 57  57  57  ASP ASP A . n 
A 1 58  GLY 58  58  58  GLY GLY A . n 
A 1 59  LYS 59  59  59  LYS LYS A . n 
A 1 60  VAL 60  60  60  VAL VAL A . n 
A 1 61  ASP 61  61  61  ASP ASP A . n 
A 1 62  LEU 62  62  62  LEU LEU A . n 
A 1 63  PRO 63  63  63  PRO PRO A . n 
A 1 64  VAL 64  64  64  VAL VAL A . n 
A 1 65  VAL 65  65  65  VAL VAL A . n 
A 1 66  GLY 66  66  66  GLY GLY A . n 
A 1 67  SER 67  67  67  SER SER A . n 
A 1 68  LEU 68  68  68  LEU LEU A . n 
A 1 69  ASP 69  69  69  ASP ASP A . n 
A 1 70  GLY 70  70  70  GLY GLY A . n 
A 1 71  GLN 71  71  71  GLN GLN A . n 
A 1 72  SER 72  72  72  SER SER A . n 
A 1 73  ILE 73  73  73  ILE ILE A . n 
A 1 74  TYR 74  74  74  TYR TYR A . n 
A 1 75  GLY 75  75  75  GLY GLY A . n 
A 1 76  LEU 76  76  76  LEU LEU A . n 
A 1 77  THR 77  77  77  THR THR A . n 
A 1 78  GLU 78  78  78  GLU GLU A . n 
A 1 79  GLU 79  79  79  GLU GLU A . n 
A 1 80  VAL 80  80  80  VAL VAL A . n 
A 1 81  GLY 81  81  81  GLY GLY A . n 
A 1 82  LEU 82  82  82  LEU LEU A . n 
A 1 83  LEU 83  83  83  LEU LEU A . n 
A 1 84  ILE 84  84  84  ILE ILE A . n 
A 1 85  TRP 85  85  85  TRP TRP A . n 
A 1 86  MET 86  86  86  MET MET A . n 
A 1 87  GLY 87  87  87  GLY GLY A . n 
A 1 88  ASP 88  88  88  ASP ASP A . n 
A 1 89  THR 89  89  89  THR THR A . n 
A 1 90  LYS 90  90  90  LYS LYS A . n 
A 1 91  TYR 91  91  91  TYR TYR A . n 
A 1 92  SER 92  92  92  SER SER A . n 
A 1 93  ARG 93  93  93  ARG ARG A . n 
A 1 94  GLY 94  94  94  GLY GLY A . n 
A 1 95  THR 95  95  95  THR THR A . n 
A 1 96  ALA 96  96  96  ALA ALA A . n 
A 1 97  MET 97  97  97  MET MET A . n 
A 1 98  SER 98  98  98  SER SER A . n 
A 1 99  GLY 99  99  99  GLY GLY A . n 
A 1 100 ASN 100 100 100 ASN ASN A . n 
A 1 101 SER 101 101 101 SER SER A . n 
A 1 102 TRP 102 102 102 TRP TRP A . n 
A 1 103 GLU 103 103 103 GLU GLU A . n 
A 1 104 ASN 104 104 104 ASN ASN A . n 
A 1 105 VAL 105 105 105 VAL VAL A . n 
A 1 106 PHE 106 106 106 PHE PHE A . n 
A 1 107 SER 107 107 107 SER SER A . n 
A 1 108 GLY 108 108 108 GLY GLY A . n 
A 1 109 TRP 109 109 109 TRP TRP A . n 
A 1 110 CYS 110 110 110 CYS CYS A . n 
A 1 111 VAL 111 111 111 VAL VAL A . n 
A 1 112 GLY 112 112 112 GLY GLY A . n 
A 1 113 ALA 113 113 113 ALA ALA A . n 
A 1 114 ASN 114 114 114 ASN ASN A . n 
A 1 115 THR 115 115 115 THR THR A . n 
A 1 116 ALA 116 116 116 ALA ALA A . n 
A 1 117 SER 117 117 117 SER SER A . n 
A 1 118 THR 118 118 118 THR THR A . n 
A 1 119 GLN 119 119 119 GLN GLN A . n 
A 1 120 GLY 120 120 120 GLY GLY A . n 
A 1 121 LEU 121 121 121 LEU LEU A . n 
A 1 122 SER 122 122 122 SER SER A . n 
A 1 123 VAL 123 123 123 VAL VAL A . n 
A 1 124 ARG 124 124 124 ARG ARG A . n 
A 1 125 VAL 125 125 125 VAL VAL A . n 
A 1 126 THR 126 126 126 THR THR A . n 
A 1 127 PRO 127 127 127 PRO PRO A . n 
A 1 128 VAL 128 128 128 VAL VAL A . n 
A 1 129 ILE 129 129 129 ILE ILE A . n 
A 1 130 LEU 130 130 130 LEU LEU A . n 
A 1 131 LYS 131 131 131 LYS LYS A . n 
A 1 132 ARG 132 132 132 ARG ARG A . n 
A 1 133 ASN 133 133 133 ASN ASN A . n 
A 1 134 SER 134 134 ?   ?   ?   A . n 
A 1 135 SER 135 135 ?   ?   ?   A . n 
A 1 136 ALA 136 136 ?   ?   ?   A . n 
A 1 137 ARG 137 137 137 ARG ARG A . n 
A 1 138 TYR 138 138 138 TYR TYR A . n 
A 1 139 SER 139 139 139 SER SER A . n 
A 1 140 VAL 140 140 140 VAL VAL A . n 
A 1 141 GLN 141 141 141 GLN GLN A . n 
A 1 142 LYS 142 142 142 LYS LYS A . n 
A 1 143 THR 143 143 143 THR THR A . n 
A 1 144 SER 144 144 144 SER SER A . n 
A 1 145 ILE 145 145 145 ILE ILE A . n 
A 1 146 GLY 146 146 146 GLY GLY A . n 
A 1 147 SER 147 147 147 SER SER A . n 
A 1 148 ILE 148 148 148 ILE ILE A . n 
A 1 149 ARG 149 149 149 ARG ARG A . n 
A 1 150 MET 150 150 150 MET MET A . n 
A 1 151 ARG 151 151 151 ARG ARG A . n 
A 1 152 PRO 152 152 152 PRO PRO A . n 
A 1 153 TYR 153 153 153 TYR TYR A . n 
A 1 154 ASN 154 154 154 ASN ASN A . n 
A 1 155 GLY 155 155 155 GLY GLY A . n 
A 1 156 SER 156 156 156 SER SER A . n 
A 1 157 SER 157 157 157 SER SER A . n 
A 1 158 ALA 158 158 158 ALA ALA A . n 
A 1 159 GLY 159 159 159 GLY GLY A . n 
A 1 160 SER 160 160 160 SER SER A . n 
A 1 161 VAL 161 161 161 VAL VAL A . n 
A 1 162 GLN 162 162 162 GLN GLN A . n 
A 1 163 THR 163 163 163 THR THR A . n 
A 1 164 THR 164 164 164 THR THR A . n 
A 1 165 VAL 165 165 165 VAL VAL A . n 
A 1 166 ASN 166 166 166 ASN ASN A . n 
A 1 167 PHE 167 167 167 PHE PHE A . n 
A 1 168 SER 168 168 168 SER SER A . n 
A 1 169 LEU 169 169 169 LEU LEU A . n 
A 1 170 ASN 170 170 170 ASN ASN A . n 
A 1 171 PRO 171 171 171 PRO PRO A . n 
A 1 172 PHE 172 172 172 PHE PHE A . n 
A 1 173 THR 173 173 173 THR THR A . n 
A 1 174 LEU 174 174 174 LEU LEU A . n 
A 1 175 ASN 175 175 175 ASN ASN A . n 
A 1 176 ASP 176 176 176 ASP ASP A . n 
A 1 177 THR 177 177 ?   ?   ?   A . n 
# 
loop_
_pdbx_nonpoly_scheme.asym_id 
_pdbx_nonpoly_scheme.entity_id 
_pdbx_nonpoly_scheme.mon_id 
_pdbx_nonpoly_scheme.ndb_seq_num 
_pdbx_nonpoly_scheme.pdb_seq_num 
_pdbx_nonpoly_scheme.auth_seq_num 
_pdbx_nonpoly_scheme.pdb_mon_id 
_pdbx_nonpoly_scheme.auth_mon_id 
_pdbx_nonpoly_scheme.pdb_strand_id 
_pdbx_nonpoly_scheme.pdb_ins_code 
B 2 NAG 1   1176 1176 NAG NAG A . 
C 3 HOH 1   2001 2001 HOH HOH A . 
C 3 HOH 2   2002 2002 HOH HOH A . 
C 3 HOH 3   2003 2003 HOH HOH A . 
C 3 HOH 4   2004 2004 HOH HOH A . 
C 3 HOH 5   2005 2005 HOH HOH A . 
C 3 HOH 6   2006 2006 HOH HOH A . 
C 3 HOH 7   2007 2007 HOH HOH A . 
C 3 HOH 8   2008 2008 HOH HOH A . 
C 3 HOH 9   2009 2009 HOH HOH A . 
C 3 HOH 10  2010 2010 HOH HOH A . 
C 3 HOH 11  2011 2011 HOH HOH A . 
C 3 HOH 12  2012 2012 HOH HOH A . 
C 3 HOH 13  2013 2013 HOH HOH A . 
C 3 HOH 14  2014 2014 HOH HOH A . 
C 3 HOH 15  2015 2015 HOH HOH A . 
C 3 HOH 16  2016 2016 HOH HOH A . 
C 3 HOH 17  2017 2017 HOH HOH A . 
C 3 HOH 18  2018 2018 HOH HOH A . 
C 3 HOH 19  2019 2019 HOH HOH A . 
C 3 HOH 20  2020 2020 HOH HOH A . 
C 3 HOH 21  2021 2021 HOH HOH A . 
C 3 HOH 22  2022 2022 HOH HOH A . 
C 3 HOH 23  2023 2023 HOH HOH A . 
C 3 HOH 24  2024 2024 HOH HOH A . 
C 3 HOH 25  2025 2025 HOH HOH A . 
C 3 HOH 26  2026 2026 HOH HOH A . 
C 3 HOH 27  2027 2027 HOH HOH A . 
C 3 HOH 28  2028 2028 HOH HOH A . 
C 3 HOH 29  2029 2029 HOH HOH A . 
C 3 HOH 30  2030 2030 HOH HOH A . 
C 3 HOH 31  2031 2031 HOH HOH A . 
C 3 HOH 32  2032 2032 HOH HOH A . 
C 3 HOH 33  2033 2033 HOH HOH A . 
C 3 HOH 34  2034 2034 HOH HOH A . 
C 3 HOH 35  2035 2035 HOH HOH A . 
C 3 HOH 36  2036 2036 HOH HOH A . 
C 3 HOH 37  2037 2037 HOH HOH A . 
C 3 HOH 38  2038 2038 HOH HOH A . 
C 3 HOH 39  2039 2039 HOH HOH A . 
C 3 HOH 40  2040 2040 HOH HOH A . 
C 3 HOH 41  2041 2041 HOH HOH A . 
C 3 HOH 42  2042 2042 HOH HOH A . 
C 3 HOH 43  2043 2043 HOH HOH A . 
C 3 HOH 44  2044 2044 HOH HOH A . 
C 3 HOH 45  2045 2045 HOH HOH A . 
C 3 HOH 46  2046 2046 HOH HOH A . 
C 3 HOH 47  2047 2047 HOH HOH A . 
C 3 HOH 48  2048 2048 HOH HOH A . 
C 3 HOH 49  2049 2049 HOH HOH A . 
C 3 HOH 50  2050 2050 HOH HOH A . 
C 3 HOH 51  2051 2051 HOH HOH A . 
C 3 HOH 52  2052 2052 HOH HOH A . 
C 3 HOH 53  2053 2053 HOH HOH A . 
C 3 HOH 54  2054 2054 HOH HOH A . 
C 3 HOH 55  2055 2055 HOH HOH A . 
C 3 HOH 56  2056 2056 HOH HOH A . 
C 3 HOH 57  2057 2057 HOH HOH A . 
C 3 HOH 58  2058 2058 HOH HOH A . 
C 3 HOH 59  2059 2059 HOH HOH A . 
C 3 HOH 60  2060 2060 HOH HOH A . 
C 3 HOH 61  2061 2061 HOH HOH A . 
C 3 HOH 62  2062 2062 HOH HOH A . 
C 3 HOH 63  2063 2063 HOH HOH A . 
C 3 HOH 64  2064 2064 HOH HOH A . 
C 3 HOH 65  2065 2065 HOH HOH A . 
C 3 HOH 66  2066 2066 HOH HOH A . 
C 3 HOH 67  2067 2067 HOH HOH A . 
C 3 HOH 68  2068 2068 HOH HOH A . 
C 3 HOH 69  2069 2069 HOH HOH A . 
C 3 HOH 70  2070 2070 HOH HOH A . 
C 3 HOH 71  2071 2071 HOH HOH A . 
C 3 HOH 72  2072 2072 HOH HOH A . 
C 3 HOH 73  2073 2073 HOH HOH A . 
C 3 HOH 74  2074 2074 HOH HOH A . 
C 3 HOH 75  2075 2075 HOH HOH A . 
C 3 HOH 76  2076 2076 HOH HOH A . 
C 3 HOH 77  2077 2077 HOH HOH A . 
C 3 HOH 78  2078 2078 HOH HOH A . 
C 3 HOH 79  2079 2079 HOH HOH A . 
C 3 HOH 80  2080 2080 HOH HOH A . 
C 3 HOH 81  2081 2081 HOH HOH A . 
C 3 HOH 82  2082 2082 HOH HOH A . 
C 3 HOH 83  2083 2083 HOH HOH A . 
C 3 HOH 84  2084 2084 HOH HOH A . 
C 3 HOH 85  2085 2085 HOH HOH A . 
C 3 HOH 86  2086 2086 HOH HOH A . 
C 3 HOH 87  2087 2087 HOH HOH A . 
C 3 HOH 88  2088 2088 HOH HOH A . 
C 3 HOH 89  2089 2089 HOH HOH A . 
C 3 HOH 90  2090 2090 HOH HOH A . 
C 3 HOH 91  2091 2091 HOH HOH A . 
C 3 HOH 92  2092 2092 HOH HOH A . 
C 3 HOH 93  2093 2093 HOH HOH A . 
C 3 HOH 94  2094 2094 HOH HOH A . 
C 3 HOH 95  2095 2095 HOH HOH A . 
C 3 HOH 96  2096 2096 HOH HOH A . 
C 3 HOH 97  2097 2097 HOH HOH A . 
C 3 HOH 98  2098 2098 HOH HOH A . 
C 3 HOH 99  2099 2099 HOH HOH A . 
C 3 HOH 100 2100 2100 HOH HOH A . 
C 3 HOH 101 2101 2101 HOH HOH A . 
C 3 HOH 102 2102 2102 HOH HOH A . 
C 3 HOH 103 2103 2103 HOH HOH A . 
C 3 HOH 104 2104 2104 HOH HOH A . 
C 3 HOH 105 2105 2105 HOH HOH A . 
C 3 HOH 106 2106 2106 HOH HOH A . 
C 3 HOH 107 2107 2107 HOH HOH A . 
C 3 HOH 108 2108 2108 HOH HOH A . 
C 3 HOH 109 2109 2109 HOH HOH A . 
C 3 HOH 110 2110 2110 HOH HOH A . 
C 3 HOH 111 2111 2111 HOH HOH A . 
C 3 HOH 112 2112 2112 HOH HOH A . 
C 3 HOH 113 2113 2113 HOH HOH A . 
C 3 HOH 114 2114 2114 HOH HOH A . 
C 3 HOH 115 2115 2115 HOH HOH A . 
C 3 HOH 116 2116 2116 HOH HOH A . 
C 3 HOH 117 2117 2117 HOH HOH A . 
C 3 HOH 118 2118 2118 HOH HOH A . 
C 3 HOH 119 2119 2119 HOH HOH A . 
C 3 HOH 120 2120 2120 HOH HOH A . 
C 3 HOH 121 2121 2121 HOH HOH A . 
C 3 HOH 122 2122 2122 HOH HOH A . 
C 3 HOH 123 2123 2123 HOH HOH A . 
C 3 HOH 124 2124 2124 HOH HOH A . 
C 3 HOH 125 2125 2125 HOH HOH A . 
C 3 HOH 126 2126 2126 HOH HOH A . 
C 3 HOH 127 2127 2127 HOH HOH A . 
C 3 HOH 128 2128 2128 HOH HOH A . 
C 3 HOH 129 2129 2129 HOH HOH A . 
C 3 HOH 130 2130 2130 HOH HOH A . 
C 3 HOH 131 2131 2131 HOH HOH A . 
C 3 HOH 132 2132 2132 HOH HOH A . 
C 3 HOH 133 2133 2133 HOH HOH A . 
C 3 HOH 134 2134 2134 HOH HOH A . 
C 3 HOH 135 2135 2135 HOH HOH A . 
C 3 HOH 136 2136 2136 HOH HOH A . 
C 3 HOH 137 2137 2137 HOH HOH A . 
C 3 HOH 138 2138 2138 HOH HOH A . 
C 3 HOH 139 2139 2139 HOH HOH A . 
C 3 HOH 140 2140 2140 HOH HOH A . 
C 3 HOH 141 2141 2141 HOH HOH A . 
C 3 HOH 142 2142 2142 HOH HOH A . 
C 3 HOH 143 2143 2143 HOH HOH A . 
C 3 HOH 144 2144 2144 HOH HOH A . 
C 3 HOH 145 2145 2145 HOH HOH A . 
C 3 HOH 146 2146 2146 HOH HOH A . 
C 3 HOH 147 2147 2147 HOH HOH A . 
C 3 HOH 148 2148 2148 HOH HOH A . 
C 3 HOH 149 2149 2149 HOH HOH A . 
C 3 HOH 150 2150 2150 HOH HOH A . 
C 3 HOH 151 2151 2151 HOH HOH A . 
C 3 HOH 152 2152 2152 HOH HOH A . 
C 3 HOH 153 2153 2153 HOH HOH A . 
C 3 HOH 154 2154 2154 HOH HOH A . 
C 3 HOH 155 2155 2155 HOH HOH A . 
C 3 HOH 156 2156 2156 HOH HOH A . 
C 3 HOH 157 2157 2157 HOH HOH A . 
C 3 HOH 158 2158 2158 HOH HOH A . 
C 3 HOH 159 2159 2159 HOH HOH A . 
C 3 HOH 160 2160 2160 HOH HOH A . 
C 3 HOH 161 2161 2161 HOH HOH A . 
C 3 HOH 162 2162 2162 HOH HOH A . 
C 3 HOH 163 2163 2163 HOH HOH A . 
C 3 HOH 164 2164 2164 HOH HOH A . 
C 3 HOH 165 2165 2165 HOH HOH A . 
C 3 HOH 166 2166 2166 HOH HOH A . 
C 3 HOH 167 2167 2167 HOH HOH A . 
C 3 HOH 168 2168 2168 HOH HOH A . 
C 3 HOH 169 2169 2169 HOH HOH A . 
C 3 HOH 170 2170 2170 HOH HOH A . 
C 3 HOH 171 2171 2171 HOH HOH A . 
C 3 HOH 172 2172 2172 HOH HOH A . 
C 3 HOH 173 2173 2173 HOH HOH A . 
C 3 HOH 174 2174 2174 HOH HOH A . 
C 3 HOH 175 2175 2175 HOH HOH A . 
C 3 HOH 176 2176 2176 HOH HOH A . 
C 3 HOH 177 2177 2177 HOH HOH A . 
C 3 HOH 178 2178 2178 HOH HOH A . 
C 3 HOH 179 2179 2179 HOH HOH A . 
C 3 HOH 180 2180 2180 HOH HOH A . 
C 3 HOH 181 2181 2181 HOH HOH A . 
C 3 HOH 182 2182 2182 HOH HOH A . 
C 3 HOH 183 2183 2183 HOH HOH A . 
C 3 HOH 184 2184 2184 HOH HOH A . 
C 3 HOH 185 2185 2185 HOH HOH A . 
C 3 HOH 186 2186 2186 HOH HOH A . 
C 3 HOH 187 2187 2187 HOH HOH A . 
C 3 HOH 188 2188 2188 HOH HOH A . 
C 3 HOH 189 2189 2189 HOH HOH A . 
C 3 HOH 190 2190 2190 HOH HOH A . 
C 3 HOH 191 2191 2191 HOH HOH A . 
C 3 HOH 192 2192 2192 HOH HOH A . 
C 3 HOH 193 2193 2193 HOH HOH A . 
C 3 HOH 194 2194 2194 HOH HOH A . 
C 3 HOH 195 2195 2195 HOH HOH A . 
C 3 HOH 196 2196 2196 HOH HOH A . 
C 3 HOH 197 2197 2197 HOH HOH A . 
C 3 HOH 198 2198 2198 HOH HOH A . 
C 3 HOH 199 2199 2199 HOH HOH A . 
C 3 HOH 200 2200 2200 HOH HOH A . 
C 3 HOH 201 2201 2201 HOH HOH A . 
C 3 HOH 202 2202 2202 HOH HOH A . 
C 3 HOH 203 2203 2203 HOH HOH A . 
C 3 HOH 204 2204 2204 HOH HOH A . 
C 3 HOH 205 2205 2205 HOH HOH A . 
C 3 HOH 206 2206 2206 HOH HOH A . 
C 3 HOH 207 2207 2207 HOH HOH A . 
C 3 HOH 208 2208 2208 HOH HOH A . 
C 3 HOH 209 2209 2209 HOH HOH A . 
C 3 HOH 210 2210 2210 HOH HOH A . 
C 3 HOH 211 2211 2211 HOH HOH A . 
C 3 HOH 212 2212 2212 HOH HOH A . 
C 3 HOH 213 2213 2213 HOH HOH A . 
C 3 HOH 214 2214 2214 HOH HOH A . 
C 3 HOH 215 2215 2215 HOH HOH A . 
C 3 HOH 216 2216 2216 HOH HOH A . 
C 3 HOH 217 2217 2217 HOH HOH A . 
C 3 HOH 218 2218 2218 HOH HOH A . 
C 3 HOH 219 2219 2219 HOH HOH A . 
C 3 HOH 220 2220 2220 HOH HOH A . 
C 3 HOH 221 2221 2221 HOH HOH A . 
C 3 HOH 222 2222 2222 HOH HOH A . 
C 3 HOH 223 2223 2223 HOH HOH A . 
C 3 HOH 224 2224 2224 HOH HOH A . 
C 3 HOH 225 2225 2225 HOH HOH A . 
C 3 HOH 226 2226 2226 HOH HOH A . 
C 3 HOH 227 2227 2227 HOH HOH A . 
C 3 HOH 228 2228 2228 HOH HOH A . 
C 3 HOH 229 2229 2229 HOH HOH A . 
C 3 HOH 230 2230 2230 HOH HOH A . 
C 3 HOH 231 2231 2231 HOH HOH A . 
C 3 HOH 232 2232 2232 HOH HOH A . 
C 3 HOH 233 2233 2233 HOH HOH A . 
C 3 HOH 234 2234 2234 HOH HOH A . 
C 3 HOH 235 2235 2235 HOH HOH A . 
C 3 HOH 236 2236 2236 HOH HOH A . 
C 3 HOH 237 2237 2237 HOH HOH A . 
C 3 HOH 238 2238 2238 HOH HOH A . 
C 3 HOH 239 2239 2239 HOH HOH A . 
C 3 HOH 240 2240 2240 HOH HOH A . 
C 3 HOH 241 2241 2241 HOH HOH A . 
C 3 HOH 242 2242 2242 HOH HOH A . 
C 3 HOH 243 2243 2243 HOH HOH A . 
C 3 HOH 244 2244 2244 HOH HOH A . 
C 3 HOH 245 2245 2245 HOH HOH A . 
# 
loop_
_pdbx_unobs_or_zero_occ_atoms.id 
_pdbx_unobs_or_zero_occ_atoms.PDB_model_num 
_pdbx_unobs_or_zero_occ_atoms.polymer_flag 
_pdbx_unobs_or_zero_occ_atoms.occupancy_flag 
_pdbx_unobs_or_zero_occ_atoms.auth_asym_id 
_pdbx_unobs_or_zero_occ_atoms.auth_comp_id 
_pdbx_unobs_or_zero_occ_atoms.auth_seq_id 
_pdbx_unobs_or_zero_occ_atoms.PDB_ins_code 
_pdbx_unobs_or_zero_occ_atoms.auth_atom_id 
_pdbx_unobs_or_zero_occ_atoms.label_alt_id 
_pdbx_unobs_or_zero_occ_atoms.label_asym_id 
_pdbx_unobs_or_zero_occ_atoms.label_comp_id 
_pdbx_unobs_or_zero_occ_atoms.label_seq_id 
_pdbx_unobs_or_zero_occ_atoms.label_atom_id 
1 1 Y 1 A ASP 176 ? CA  ? A ASP 176 CA  
2 1 Y 1 A ASP 176 ? C   ? A ASP 176 C   
3 1 Y 1 A ASP 176 ? O   ? A ASP 176 O   
4 1 Y 1 A ASP 176 ? CB  ? A ASP 176 CB  
5 1 Y 1 A ASP 176 ? CG  ? A ASP 176 CG  
6 1 Y 1 A ASP 176 ? OD1 ? A ASP 176 OD1 
7 1 Y 1 A ASP 176 ? OD2 ? A ASP 176 OD2 
# 
loop_
_software.name 
_software.classification 
_software.version 
_software.citation_id 
_software.pdbx_ordinal 
CNS       refinement       1.0 ? 1 
DENZO     'data reduction' .   ? 2 
SCALEPACK 'data scaling'   .   ? 3 
AMoRE     phasing          .   ? 4 
# 
_cell.entry_id           2BSC 
_cell.length_a           42.483 
_cell.length_b           42.483 
_cell.length_c           272.952 
_cell.angle_alpha        90.00 
_cell.angle_beta         90.00 
_cell.angle_gamma        120.00 
_cell.Z_PDB              12 
_cell.pdbx_unique_axis   ? 
# 
_symmetry.entry_id                         2BSC 
_symmetry.space_group_name_H-M             'P 61 2 2' 
_symmetry.pdbx_full_space_group_name_H-M   ? 
_symmetry.cell_setting                     ? 
_symmetry.Int_Tables_number                178 
# 
_exptl.entry_id          2BSC 
_exptl.method            'X-RAY DIFFRACTION' 
_exptl.crystals_number   1 
# 
_exptl_crystal.id                    1 
_exptl_crystal.density_meas          ? 
_exptl_crystal.density_Matthews      1.9 
_exptl_crystal.density_percent_sol   35 
_exptl_crystal.description           ? 
# 
_exptl_crystal_grow.crystal_id      1 
_exptl_crystal_grow.method          ? 
_exptl_crystal_grow.temp            ? 
_exptl_crystal_grow.temp_details    ? 
_exptl_crystal_grow.pH              7.50 
_exptl_crystal_grow.pdbx_pH_range   ? 
_exptl_crystal_grow.pdbx_details    '10% (V/V) ISOPROPANOL, 20% (W/V) PEG 4000, 100 MM HEPES PH 7.5' 
# 
_diffrn.id                     1 
_diffrn.ambient_temp           100.0 
_diffrn.ambient_temp_details   ? 
_diffrn.crystal_id             1 
# 
_diffrn_detector.diffrn_id              1 
_diffrn_detector.detector               CCD 
_diffrn_detector.type                   MARRESEARCH 
_diffrn_detector.pdbx_collection_date   2004-03-01 
_diffrn_detector.details                ? 
# 
_diffrn_radiation.diffrn_id                        1 
_diffrn_radiation.wavelength_id                    1 
_diffrn_radiation.pdbx_monochromatic_or_laue_m_l   M 
_diffrn_radiation.monochromator                    ? 
_diffrn_radiation.pdbx_diffrn_protocol             'SINGLE WAVELENGTH' 
_diffrn_radiation.pdbx_scattering_type             x-ray 
# 
_diffrn_radiation_wavelength.id           1 
_diffrn_radiation_wavelength.wavelength   0.8453 
_diffrn_radiation_wavelength.wt           1.0 
# 
_diffrn_source.diffrn_id                   1 
_diffrn_source.source                      SYNCHROTRON 
_diffrn_source.type                        'EMBL/DESY, HAMBURG BEAMLINE BW7B' 
_diffrn_source.pdbx_synchrotron_site       'EMBL/DESY, HAMBURG' 
_diffrn_source.pdbx_synchrotron_beamline   BW7B 
_diffrn_source.pdbx_wavelength             0.8453 
_diffrn_source.pdbx_wavelength_list        ? 
# 
_reflns.pdbx_diffrn_id               1 
_reflns.pdbx_ordinal                 1 
_reflns.entry_id                     2BSC 
_reflns.observed_criterion_sigma_I   0.000 
_reflns.observed_criterion_sigma_F   ? 
_reflns.d_resolution_low             50.000 
_reflns.d_resolution_high            1.100 
_reflns.number_obs                   61240 
_reflns.number_all                   ? 
_reflns.percent_possible_obs         99.5 
_reflns.pdbx_Rmerge_I_obs            0.07000 
_reflns.pdbx_Rsym_value              ? 
_reflns.pdbx_netI_over_sigmaI        15.9300 
_reflns.B_iso_Wilson_estimate        ? 
_reflns.pdbx_redundancy              10.000 
# 
_reflns_shell.pdbx_diffrn_id         1 
_reflns_shell.pdbx_ordinal           1 
_reflns_shell.d_res_high             1.10 
_reflns_shell.d_res_low              1.14 
_reflns_shell.percent_possible_all   98.3 
_reflns_shell.Rmerge_I_obs           0.78000 
_reflns_shell.pdbx_Rsym_value        ? 
_reflns_shell.meanI_over_sigI_obs    ? 
_reflns_shell.pdbx_redundancy        5.80 
# 
_refine.pdbx_refine_id                           'X-RAY DIFFRACTION' 
_refine.entry_id                                 2BSC 
_refine.pdbx_diffrn_id                           1 
_refine.pdbx_TLS_residual_ADP_flag               ? 
_refine.ls_number_reflns_obs                     30352 
_refine.ls_number_reflns_all                     ? 
_refine.pdbx_ls_sigma_I                          ? 
_refine.pdbx_ls_sigma_F                          0 
_refine.pdbx_data_cutoff_high_absF               ? 
_refine.pdbx_data_cutoff_low_absF                ? 
_refine.pdbx_data_cutoff_high_rms_absF           ? 
_refine.ls_d_res_low                             43 
_refine.ls_d_res_high                            1.4 
_refine.ls_percent_reflns_obs                    100.0 
_refine.ls_R_factor_obs                          0.2025 
_refine.ls_R_factor_all                          ? 
_refine.ls_R_factor_R_work                       0.2025 
_refine.ls_R_factor_R_free                       0.2511 
_refine.ls_R_factor_R_free_error                 ? 
_refine.ls_R_factor_R_free_error_details         ? 
_refine.ls_percent_reflns_R_free                 10.0 
_refine.ls_number_reflns_R_free                  2482 
_refine.ls_number_parameters                     ? 
_refine.ls_number_restraints                     ? 
_refine.occupancy_min                            ? 
_refine.occupancy_max                            ? 
_refine.correlation_coeff_Fo_to_Fc               ? 
_refine.correlation_coeff_Fo_to_Fc_free          ? 
_refine.B_iso_mean                               ? 
_refine.aniso_B[1][1]                            ? 
_refine.aniso_B[2][2]                            ? 
_refine.aniso_B[3][3]                            ? 
_refine.aniso_B[1][2]                            ? 
_refine.aniso_B[1][3]                            ? 
_refine.aniso_B[2][3]                            ? 
_refine.solvent_model_details                    ? 
_refine.solvent_model_param_ksol                 ? 
_refine.solvent_model_param_bsol                 ? 
_refine.pdbx_solvent_vdw_probe_radii             ? 
_refine.pdbx_solvent_ion_probe_radii             ? 
_refine.pdbx_solvent_shrinkage_radii             ? 
_refine.pdbx_ls_cross_valid_method               THROUGHOUT 
_refine.details                                  ? 
_refine.pdbx_starting_model                      'PDB ENTRY 1O9V (CHAIN A)' 
_refine.pdbx_method_to_determine_struct          'MOLECULAR REPLACEMENT' 
_refine.pdbx_isotropic_thermal_model             ? 
_refine.pdbx_stereochemistry_target_values       'MAXIMUM LIKELIHOOD MLF' 
_refine.pdbx_stereochem_target_val_spec_case     ? 
_refine.pdbx_R_Free_selection_details            RANDOM 
_refine.pdbx_overall_ESU_R                       ? 
_refine.pdbx_overall_ESU_R_Free                  ? 
_refine.overall_SU_ML                            ? 
_refine.pdbx_overall_phase_error                 ? 
_refine.overall_SU_B                             ? 
_refine.overall_SU_R_Cruickshank_DPI             ? 
_refine.pdbx_overall_SU_R_free_Cruickshank_DPI   ? 
_refine.pdbx_overall_SU_R_Blow_DPI               ? 
_refine.pdbx_overall_SU_R_free_Blow_DPI          ? 
# 
_refine_hist.pdbx_refine_id                   'X-RAY DIFFRACTION' 
_refine_hist.cycle_id                         LAST 
_refine_hist.pdbx_number_atoms_protein        1242 
_refine_hist.pdbx_number_atoms_nucleic_acid   0 
_refine_hist.pdbx_number_atoms_ligand         15 
_refine_hist.number_atoms_solvent             245 
_refine_hist.number_atoms_total               1502 
_refine_hist.d_res_high                       1.4 
_refine_hist.d_res_low                        43 
# 
loop_
_refine_ls_restr.type 
_refine_ls_restr.dev_ideal 
_refine_ls_restr.dev_ideal_target 
_refine_ls_restr.weight 
_refine_ls_restr.number 
_refine_ls_restr.pdbx_refine_id 
_refine_ls_restr.pdbx_restraint_function 
c_bond_d                0.008 ? ? ? 'X-RAY DIFFRACTION' ? 
c_bond_d_na             ?     ? ? ? 'X-RAY DIFFRACTION' ? 
c_bond_d_prot           ?     ? ? ? 'X-RAY DIFFRACTION' ? 
c_angle_d               ?     ? ? ? 'X-RAY DIFFRACTION' ? 
c_angle_d_na            ?     ? ? ? 'X-RAY DIFFRACTION' ? 
c_angle_d_prot          ?     ? ? ? 'X-RAY DIFFRACTION' ? 
c_angle_deg             1.9   ? ? ? 'X-RAY DIFFRACTION' ? 
c_angle_deg_na          ?     ? ? ? 'X-RAY DIFFRACTION' ? 
c_angle_deg_prot        ?     ? ? ? 'X-RAY DIFFRACTION' ? 
c_dihedral_angle_d      ?     ? ? ? 'X-RAY DIFFRACTION' ? 
c_dihedral_angle_d_na   ?     ? ? ? 'X-RAY DIFFRACTION' ? 
c_dihedral_angle_d_prot ?     ? ? ? 'X-RAY DIFFRACTION' ? 
c_improper_angle_d      ?     ? ? ? 'X-RAY DIFFRACTION' ? 
c_improper_angle_d_na   ?     ? ? ? 'X-RAY DIFFRACTION' ? 
c_improper_angle_d_prot ?     ? ? ? 'X-RAY DIFFRACTION' ? 
c_mcbond_it             ?     ? ? ? 'X-RAY DIFFRACTION' ? 
c_mcangle_it            ?     ? ? ? 'X-RAY DIFFRACTION' ? 
c_scbond_it             ?     ? ? ? 'X-RAY DIFFRACTION' ? 
c_scangle_it            ?     ? ? ? 'X-RAY DIFFRACTION' ? 
# 
_struct.entry_id                  2BSC 
_struct.title                     'E. coli F17a-G lectin domain complex with N-acetylglucosamine, high- resolution structure' 
_struct.pdbx_model_details        ? 
_struct.pdbx_CASP_flag            ? 
_struct.pdbx_model_type_details   ? 
# 
_struct_keywords.entry_id        2BSC 
_struct_keywords.pdbx_keywords   LECTIN 
_struct_keywords.text            'BACTERIAL ADHESION, LECTIN, PROTEIN-SUGAR COMPLEX, FIMBRIAE' 
# 
loop_
_struct_asym.id 
_struct_asym.pdbx_blank_PDB_chainid_flag 
_struct_asym.pdbx_modified 
_struct_asym.entity_id 
_struct_asym.details 
A N N 1 ? 
B N N 2 ? 
C N N 3 ? 
# 
_struct_ref.id                         1 
_struct_ref.db_name                    UNP 
_struct_ref.db_code                    Q99003_ECOLI 
_struct_ref.entity_id                  1 
_struct_ref.pdbx_seq_one_letter_code   ? 
_struct_ref.pdbx_align_begin           ? 
_struct_ref.pdbx_db_accession          Q99003 
_struct_ref.pdbx_db_isoform            ? 
# 
_struct_ref_seq.align_id                      1 
_struct_ref_seq.ref_id                        1 
_struct_ref_seq.pdbx_PDB_id_code              2BSC 
_struct_ref_seq.pdbx_strand_id                A 
_struct_ref_seq.seq_align_beg                 1 
_struct_ref_seq.pdbx_seq_align_beg_ins_code   ? 
_struct_ref_seq.seq_align_end                 177 
_struct_ref_seq.pdbx_seq_align_end_ins_code   ? 
_struct_ref_seq.pdbx_db_accession             Q99003 
_struct_ref_seq.db_align_beg                  23 
_struct_ref_seq.pdbx_db_align_beg_ins_code    ? 
_struct_ref_seq.db_align_end                  199 
_struct_ref_seq.pdbx_db_align_end_ins_code    ? 
_struct_ref_seq.pdbx_auth_seq_align_beg       1 
_struct_ref_seq.pdbx_auth_seq_align_end       177 
# 
_pdbx_struct_assembly.id                   1 
_pdbx_struct_assembly.details              author_and_software_defined_assembly 
_pdbx_struct_assembly.method_details       PQS 
_pdbx_struct_assembly.oligomeric_details   monomeric 
_pdbx_struct_assembly.oligomeric_count     1 
# 
_pdbx_struct_assembly_gen.assembly_id       1 
_pdbx_struct_assembly_gen.oper_expression   1 
_pdbx_struct_assembly_gen.asym_id_list      A,B,C 
# 
_pdbx_struct_oper_list.id                   1 
_pdbx_struct_oper_list.type                 'identity operation' 
_pdbx_struct_oper_list.name                 1_555 
_pdbx_struct_oper_list.symmetry_operation   x,y,z 
_pdbx_struct_oper_list.matrix[1][1]         1.0000000000 
_pdbx_struct_oper_list.matrix[1][2]         0.0000000000 
_pdbx_struct_oper_list.matrix[1][3]         0.0000000000 
_pdbx_struct_oper_list.vector[1]            0.0000000000 
_pdbx_struct_oper_list.matrix[2][1]         0.0000000000 
_pdbx_struct_oper_list.matrix[2][2]         1.0000000000 
_pdbx_struct_oper_list.matrix[2][3]         0.0000000000 
_pdbx_struct_oper_list.vector[2]            0.0000000000 
_pdbx_struct_oper_list.matrix[3][1]         0.0000000000 
_pdbx_struct_oper_list.matrix[3][2]         0.0000000000 
_pdbx_struct_oper_list.matrix[3][3]         1.0000000000 
_pdbx_struct_oper_list.vector[3]            0.0000000000 
# 
_struct_biol.id   1 
# 
_struct_conf.conf_type_id            HELX_P 
_struct_conf.id                      HELX_P1 
_struct_conf.pdbx_PDB_helix_id       1 
_struct_conf.beg_label_comp_id       LYS 
_struct_conf.beg_label_asym_id       A 
_struct_conf.beg_label_seq_id        90 
_struct_conf.pdbx_beg_PDB_ins_code   ? 
_struct_conf.end_label_comp_id       GLY 
_struct_conf.end_label_asym_id       A 
_struct_conf.end_label_seq_id        94 
_struct_conf.pdbx_end_PDB_ins_code   ? 
_struct_conf.beg_auth_comp_id        LYS 
_struct_conf.beg_auth_asym_id        A 
_struct_conf.beg_auth_seq_id         90 
_struct_conf.end_auth_comp_id        GLY 
_struct_conf.end_auth_asym_id        A 
_struct_conf.end_auth_seq_id         94 
_struct_conf.pdbx_PDB_helix_class    5 
_struct_conf.details                 ? 
_struct_conf.pdbx_PDB_helix_length   5 
# 
_struct_conf_type.id          HELX_P 
_struct_conf_type.criteria    ? 
_struct_conf_type.reference   ? 
# 
_struct_conn.id                            disulf1 
_struct_conn.conn_type_id                  disulf 
_struct_conn.pdbx_leaving_atom_flag        ? 
_struct_conn.pdbx_PDB_id                   ? 
_struct_conn.ptnr1_label_asym_id           A 
_struct_conn.ptnr1_label_comp_id           CYS 
_struct_conn.ptnr1_label_seq_id            53 
_struct_conn.ptnr1_label_atom_id           SG 
_struct_conn.pdbx_ptnr1_label_alt_id       ? 
_struct_conn.pdbx_ptnr1_PDB_ins_code       ? 
_struct_conn.pdbx_ptnr1_standard_comp_id   ? 
_struct_conn.ptnr1_symmetry                1_555 
_struct_conn.ptnr2_label_asym_id           A 
_struct_conn.ptnr2_label_comp_id           CYS 
_struct_conn.ptnr2_label_seq_id            110 
_struct_conn.ptnr2_label_atom_id           SG 
_struct_conn.pdbx_ptnr2_label_alt_id       ? 
_struct_conn.pdbx_ptnr2_PDB_ins_code       ? 
_struct_conn.ptnr1_auth_asym_id            A 
_struct_conn.ptnr1_auth_comp_id            CYS 
_struct_conn.ptnr1_auth_seq_id             53 
_struct_conn.ptnr2_auth_asym_id            A 
_struct_conn.ptnr2_auth_comp_id            CYS 
_struct_conn.ptnr2_auth_seq_id             110 
_struct_conn.ptnr2_symmetry                1_555 
_struct_conn.pdbx_ptnr3_label_atom_id      ? 
_struct_conn.pdbx_ptnr3_label_seq_id       ? 
_struct_conn.pdbx_ptnr3_label_comp_id      ? 
_struct_conn.pdbx_ptnr3_label_asym_id      ? 
_struct_conn.pdbx_ptnr3_label_alt_id       ? 
_struct_conn.pdbx_ptnr3_PDB_ins_code       ? 
_struct_conn.details                       ? 
_struct_conn.pdbx_dist_value               2.028 
_struct_conn.pdbx_value_order              ? 
_struct_conn.pdbx_role                     ? 
# 
_struct_conn_type.id          disulf 
_struct_conn_type.criteria    ? 
_struct_conn_type.reference   ? 
# 
_pdbx_modification_feature.ordinal                            1 
_pdbx_modification_feature.label_comp_id                      CYS 
_pdbx_modification_feature.label_asym_id                      A 
_pdbx_modification_feature.label_seq_id                       53 
_pdbx_modification_feature.label_alt_id                       ? 
_pdbx_modification_feature.modified_residue_label_comp_id     CYS 
_pdbx_modification_feature.modified_residue_label_asym_id     A 
_pdbx_modification_feature.modified_residue_label_seq_id      110 
_pdbx_modification_feature.modified_residue_label_alt_id      ? 
_pdbx_modification_feature.auth_comp_id                       CYS 
_pdbx_modification_feature.auth_asym_id                       A 
_pdbx_modification_feature.auth_seq_id                        53 
_pdbx_modification_feature.PDB_ins_code                       ? 
_pdbx_modification_feature.symmetry                           1_555 
_pdbx_modification_feature.modified_residue_auth_comp_id      CYS 
_pdbx_modification_feature.modified_residue_auth_asym_id      A 
_pdbx_modification_feature.modified_residue_auth_seq_id       110 
_pdbx_modification_feature.modified_residue_PDB_ins_code      ? 
_pdbx_modification_feature.modified_residue_symmetry          1_555 
_pdbx_modification_feature.comp_id_linking_atom               SG 
_pdbx_modification_feature.modified_residue_id_linking_atom   SG 
_pdbx_modification_feature.modified_residue_id                . 
_pdbx_modification_feature.ref_pcm_id                         . 
_pdbx_modification_feature.ref_comp_id                        . 
_pdbx_modification_feature.type                               None 
_pdbx_modification_feature.category                           'Disulfide bridge' 
# 
_struct_mon_prot_cis.pdbx_id                1 
_struct_mon_prot_cis.label_comp_id          LEU 
_struct_mon_prot_cis.label_seq_id           28 
_struct_mon_prot_cis.label_asym_id          A 
_struct_mon_prot_cis.label_alt_id           . 
_struct_mon_prot_cis.pdbx_PDB_ins_code      ? 
_struct_mon_prot_cis.auth_comp_id           LEU 
_struct_mon_prot_cis.auth_seq_id            28 
_struct_mon_prot_cis.auth_asym_id           A 
_struct_mon_prot_cis.pdbx_label_comp_id_2   PRO 
_struct_mon_prot_cis.pdbx_label_seq_id_2    29 
_struct_mon_prot_cis.pdbx_label_asym_id_2   A 
_struct_mon_prot_cis.pdbx_PDB_ins_code_2    ? 
_struct_mon_prot_cis.pdbx_auth_comp_id_2    PRO 
_struct_mon_prot_cis.pdbx_auth_seq_id_2     29 
_struct_mon_prot_cis.pdbx_auth_asym_id_2    A 
_struct_mon_prot_cis.pdbx_PDB_model_num     1 
_struct_mon_prot_cis.pdbx_omega_angle       -0.09 
# 
loop_
_struct_sheet.id 
_struct_sheet.type 
_struct_sheet.number_strands 
_struct_sheet.details 
AA ? 4 ? 
AB ? 4 ? 
AC ? 5 ? 
AD ? 3 ? 
# 
loop_
_struct_sheet_order.sheet_id 
_struct_sheet_order.range_id_1 
_struct_sheet_order.range_id_2 
_struct_sheet_order.offset 
_struct_sheet_order.sense 
AA 1 2 ? anti-parallel 
AA 2 3 ? anti-parallel 
AA 3 4 ? anti-parallel 
AB 1 2 ? anti-parallel 
AB 2 3 ? anti-parallel 
AB 3 4 ? anti-parallel 
AC 1 2 ? parallel      
AC 2 3 ? anti-parallel 
AC 3 4 ? anti-parallel 
AC 4 5 ? anti-parallel 
AD 1 2 ? parallel      
AD 2 3 ? anti-parallel 
# 
loop_
_struct_sheet_range.sheet_id 
_struct_sheet_range.id 
_struct_sheet_range.beg_label_comp_id 
_struct_sheet_range.beg_label_asym_id 
_struct_sheet_range.beg_label_seq_id 
_struct_sheet_range.pdbx_beg_PDB_ins_code 
_struct_sheet_range.end_label_comp_id 
_struct_sheet_range.end_label_asym_id 
_struct_sheet_range.end_label_seq_id 
_struct_sheet_range.pdbx_end_PDB_ins_code 
_struct_sheet_range.beg_auth_comp_id 
_struct_sheet_range.beg_auth_asym_id 
_struct_sheet_range.beg_auth_seq_id 
_struct_sheet_range.end_auth_comp_id 
_struct_sheet_range.end_auth_asym_id 
_struct_sheet_range.end_auth_seq_id 
AA 1 VAL A 2   ? PHE A 4   ? VAL A 2   PHE A 4   
AA 2 GLY A 39  ? SER A 49  ? GLY A 39  SER A 49  
AA 3 ALA A 116 ? ILE A 129 ? ALA A 116 ILE A 129 
AA 4 PHE A 30  ? VAL A 31  ? PHE A 30  VAL A 31  
AB 1 VAL A 2   ? PHE A 4   ? VAL A 2   PHE A 4   
AB 2 GLY A 39  ? SER A 49  ? GLY A 39  SER A 49  
AB 3 ALA A 116 ? ILE A 129 ? ALA A 116 ILE A 129 
AB 4 VAL A 80  ? GLY A 87  ? VAL A 80  GLY A 87  
AC 1 GLU A 9   ? VAL A 12  ? GLU A 9   VAL A 12  
AC 2 THR A 164 ? LEU A 169 ? THR A 164 LEU A 169 
AC 3 THR A 143 ? PRO A 152 ? THR A 143 PRO A 152 
AC 4 CYS A 53  ? VAL A 60  ? CYS A 53  VAL A 60  
AC 5 GLU A 103 ? CYS A 110 ? GLU A 103 CYS A 110 
AD 1 GLY A 17  ? TYR A 19  ? GLY A 17  TYR A 19  
AD 2 PHE A 172 ? LEU A 174 ? PHE A 172 LEU A 174 
AD 3 TYR A 138 ? VAL A 140 ? TYR A 138 VAL A 140 
# 
loop_
_pdbx_struct_sheet_hbond.sheet_id 
_pdbx_struct_sheet_hbond.range_id_1 
_pdbx_struct_sheet_hbond.range_id_2 
_pdbx_struct_sheet_hbond.range_1_label_atom_id 
_pdbx_struct_sheet_hbond.range_1_label_comp_id 
_pdbx_struct_sheet_hbond.range_1_label_asym_id 
_pdbx_struct_sheet_hbond.range_1_label_seq_id 
_pdbx_struct_sheet_hbond.range_1_PDB_ins_code 
_pdbx_struct_sheet_hbond.range_1_auth_atom_id 
_pdbx_struct_sheet_hbond.range_1_auth_comp_id 
_pdbx_struct_sheet_hbond.range_1_auth_asym_id 
_pdbx_struct_sheet_hbond.range_1_auth_seq_id 
_pdbx_struct_sheet_hbond.range_2_label_atom_id 
_pdbx_struct_sheet_hbond.range_2_label_comp_id 
_pdbx_struct_sheet_hbond.range_2_label_asym_id 
_pdbx_struct_sheet_hbond.range_2_label_seq_id 
_pdbx_struct_sheet_hbond.range_2_PDB_ins_code 
_pdbx_struct_sheet_hbond.range_2_auth_atom_id 
_pdbx_struct_sheet_hbond.range_2_auth_comp_id 
_pdbx_struct_sheet_hbond.range_2_auth_asym_id 
_pdbx_struct_sheet_hbond.range_2_auth_seq_id 
AA 1 2 N SER A 3   ? N SER A 3   O HIS A 47  ? O HIS A 47  
AA 2 3 N ILE A 48  ? N ILE A 48  O SER A 117 ? O SER A 117 
AA 3 4 N ILE A 129 ? N ILE A 129 O PHE A 30  ? O PHE A 30  
AB 1 2 N SER A 3   ? N SER A 3   O HIS A 47  ? O HIS A 47  
AB 2 3 N ILE A 48  ? N ILE A 48  O SER A 117 ? O SER A 117 
AB 3 4 N VAL A 128 ? N VAL A 128 O GLY A 81  ? O GLY A 81  
AC 1 2 N ASN A 10  ? N ASN A 10  O ASN A 166 ? O ASN A 166 
AC 2 3 N LEU A 169 ? N LEU A 169 O THR A 143 ? O THR A 143 
AC 3 4 N ARG A 151 ? N ARG A 151 O GLY A 55  ? O GLY A 55  
AC 4 5 N GLY A 58  ? N GLY A 58  O GLU A 103 ? O GLU A 103 
AD 1 2 N TYR A 19  ? N TYR A 19  O THR A 173 ? O THR A 173 
AD 2 3 N LEU A 174 ? N LEU A 174 O TYR A 138 ? O TYR A 138 
# 
_pdbx_entry_details.entry_id                   2BSC 
_pdbx_entry_details.compound_details           ? 
_pdbx_entry_details.source_details             ? 
_pdbx_entry_details.nonpolymer_details         ? 
_pdbx_entry_details.sequence_details           ? 
_pdbx_entry_details.has_ligand_of_interest     ? 
_pdbx_entry_details.has_protein_modification   Y 
# 
loop_
_pdbx_validate_torsion.id 
_pdbx_validate_torsion.PDB_model_num 
_pdbx_validate_torsion.auth_comp_id 
_pdbx_validate_torsion.auth_asym_id 
_pdbx_validate_torsion.auth_seq_id 
_pdbx_validate_torsion.PDB_ins_code 
_pdbx_validate_torsion.label_alt_id 
_pdbx_validate_torsion.phi 
_pdbx_validate_torsion.psi 
1 1 ARG A 35  ? ? 52.37   -125.88 
2 1 LYS A 50  ? ? 39.13   69.36   
3 1 SER A 117 ? ? -162.74 -163.34 
4 1 SER A 160 ? ? -100.20 70.25   
# 
_pdbx_database_remark.id     700 
_pdbx_database_remark.text   
;
SHEET
THE SHEET STRUCTURE OF THIS MOLECULE IS BIFURCATED. IN
ORDER TO REPRESENT THIS FEATURE IN THE SHEET RECORDS BELOW,
TWO SHEETS ARE DEFINED.
;
# 
loop_
_pdbx_distant_solvent_atoms.id 
_pdbx_distant_solvent_atoms.PDB_model_num 
_pdbx_distant_solvent_atoms.auth_atom_id 
_pdbx_distant_solvent_atoms.label_alt_id 
_pdbx_distant_solvent_atoms.auth_asym_id 
_pdbx_distant_solvent_atoms.auth_comp_id 
_pdbx_distant_solvent_atoms.auth_seq_id 
_pdbx_distant_solvent_atoms.PDB_ins_code 
_pdbx_distant_solvent_atoms.neighbor_macromolecule_distance 
_pdbx_distant_solvent_atoms.neighbor_ligand_distance 
1 1 O ? A HOH 2042 ? 6.08 . 
2 1 O ? A HOH 2044 ? 6.65 . 
3 1 O ? A HOH 2055 ? 6.36 . 
4 1 O ? A HOH 2106 ? 6.00 . 
5 1 O ? A HOH 2107 ? 6.60 . 
6 1 O ? A HOH 2108 ? 6.15 . 
# 
loop_
_pdbx_unobs_or_zero_occ_residues.id 
_pdbx_unobs_or_zero_occ_residues.PDB_model_num 
_pdbx_unobs_or_zero_occ_residues.polymer_flag 
_pdbx_unobs_or_zero_occ_residues.occupancy_flag 
_pdbx_unobs_or_zero_occ_residues.auth_asym_id 
_pdbx_unobs_or_zero_occ_residues.auth_comp_id 
_pdbx_unobs_or_zero_occ_residues.auth_seq_id 
_pdbx_unobs_or_zero_occ_residues.PDB_ins_code 
_pdbx_unobs_or_zero_occ_residues.label_asym_id 
_pdbx_unobs_or_zero_occ_residues.label_comp_id 
_pdbx_unobs_or_zero_occ_residues.label_seq_id 
1  1 Y 1 A ARG 21  ? A ARG 21  
2  1 Y 1 A THR 22  ? A THR 22  
3  1 Y 1 A HIS 23  ? A HIS 23  
4  1 Y 1 A ALA 24  ? A ALA 24  
5  1 Y 1 A MET 25  ? A MET 25  
6  1 Y 1 A ASP 26  ? A ASP 26  
7  1 Y 1 A ASN 27  ? A ASN 27  
8  1 Y 1 A ASP 33  ? A ASP 33  
9  1 Y 1 A SER 134 ? A SER 134 
10 1 Y 1 A SER 135 ? A SER 135 
11 1 Y 1 A ALA 136 ? A ALA 136 
12 1 Y 1 A THR 177 ? A THR 177 
# 
loop_
_chem_comp_atom.comp_id 
_chem_comp_atom.atom_id 
_chem_comp_atom.type_symbol 
_chem_comp_atom.pdbx_aromatic_flag 
_chem_comp_atom.pdbx_stereo_config 
_chem_comp_atom.pdbx_ordinal 
ALA N    N N N 1   
ALA CA   C N S 2   
ALA C    C N N 3   
ALA O    O N N 4   
ALA CB   C N N 5   
ALA OXT  O N N 6   
ALA H    H N N 7   
ALA H2   H N N 8   
ALA HA   H N N 9   
ALA HB1  H N N 10  
ALA HB2  H N N 11  
ALA HB3  H N N 12  
ALA HXT  H N N 13  
ARG N    N N N 14  
ARG CA   C N S 15  
ARG C    C N N 16  
ARG O    O N N 17  
ARG CB   C N N 18  
ARG CG   C N N 19  
ARG CD   C N N 20  
ARG NE   N N N 21  
ARG CZ   C N N 22  
ARG NH1  N N N 23  
ARG NH2  N N N 24  
ARG OXT  O N N 25  
ARG H    H N N 26  
ARG H2   H N N 27  
ARG HA   H N N 28  
ARG HB2  H N N 29  
ARG HB3  H N N 30  
ARG HG2  H N N 31  
ARG HG3  H N N 32  
ARG HD2  H N N 33  
ARG HD3  H N N 34  
ARG HE   H N N 35  
ARG HH11 H N N 36  
ARG HH12 H N N 37  
ARG HH21 H N N 38  
ARG HH22 H N N 39  
ARG HXT  H N N 40  
ASN N    N N N 41  
ASN CA   C N S 42  
ASN C    C N N 43  
ASN O    O N N 44  
ASN CB   C N N 45  
ASN CG   C N N 46  
ASN OD1  O N N 47  
ASN ND2  N N N 48  
ASN OXT  O N N 49  
ASN H    H N N 50  
ASN H2   H N N 51  
ASN HA   H N N 52  
ASN HB2  H N N 53  
ASN HB3  H N N 54  
ASN HD21 H N N 55  
ASN HD22 H N N 56  
ASN HXT  H N N 57  
ASP N    N N N 58  
ASP CA   C N S 59  
ASP C    C N N 60  
ASP O    O N N 61  
ASP CB   C N N 62  
ASP CG   C N N 63  
ASP OD1  O N N 64  
ASP OD2  O N N 65  
ASP OXT  O N N 66  
ASP H    H N N 67  
ASP H2   H N N 68  
ASP HA   H N N 69  
ASP HB2  H N N 70  
ASP HB3  H N N 71  
ASP HD2  H N N 72  
ASP HXT  H N N 73  
CYS N    N N N 74  
CYS CA   C N R 75  
CYS C    C N N 76  
CYS O    O N N 77  
CYS CB   C N N 78  
CYS SG   S N N 79  
CYS OXT  O N N 80  
CYS H    H N N 81  
CYS H2   H N N 82  
CYS HA   H N N 83  
CYS HB2  H N N 84  
CYS HB3  H N N 85  
CYS HG   H N N 86  
CYS HXT  H N N 87  
GLN N    N N N 88  
GLN CA   C N S 89  
GLN C    C N N 90  
GLN O    O N N 91  
GLN CB   C N N 92  
GLN CG   C N N 93  
GLN CD   C N N 94  
GLN OE1  O N N 95  
GLN NE2  N N N 96  
GLN OXT  O N N 97  
GLN H    H N N 98  
GLN H2   H N N 99  
GLN HA   H N N 100 
GLN HB2  H N N 101 
GLN HB3  H N N 102 
GLN HG2  H N N 103 
GLN HG3  H N N 104 
GLN HE21 H N N 105 
GLN HE22 H N N 106 
GLN HXT  H N N 107 
GLU N    N N N 108 
GLU CA   C N S 109 
GLU C    C N N 110 
GLU O    O N N 111 
GLU CB   C N N 112 
GLU CG   C N N 113 
GLU CD   C N N 114 
GLU OE1  O N N 115 
GLU OE2  O N N 116 
GLU OXT  O N N 117 
GLU H    H N N 118 
GLU H2   H N N 119 
GLU HA   H N N 120 
GLU HB2  H N N 121 
GLU HB3  H N N 122 
GLU HG2  H N N 123 
GLU HG3  H N N 124 
GLU HE2  H N N 125 
GLU HXT  H N N 126 
GLY N    N N N 127 
GLY CA   C N N 128 
GLY C    C N N 129 
GLY O    O N N 130 
GLY OXT  O N N 131 
GLY H    H N N 132 
GLY H2   H N N 133 
GLY HA2  H N N 134 
GLY HA3  H N N 135 
GLY HXT  H N N 136 
HIS N    N N N 137 
HIS CA   C N S 138 
HIS C    C N N 139 
HIS O    O N N 140 
HIS CB   C N N 141 
HIS CG   C Y N 142 
HIS ND1  N Y N 143 
HIS CD2  C Y N 144 
HIS CE1  C Y N 145 
HIS NE2  N Y N 146 
HIS OXT  O N N 147 
HIS H    H N N 148 
HIS H2   H N N 149 
HIS HA   H N N 150 
HIS HB2  H N N 151 
HIS HB3  H N N 152 
HIS HD1  H N N 153 
HIS HD2  H N N 154 
HIS HE1  H N N 155 
HIS HE2  H N N 156 
HIS HXT  H N N 157 
HOH O    O N N 158 
HOH H1   H N N 159 
HOH H2   H N N 160 
ILE N    N N N 161 
ILE CA   C N S 162 
ILE C    C N N 163 
ILE O    O N N 164 
ILE CB   C N S 165 
ILE CG1  C N N 166 
ILE CG2  C N N 167 
ILE CD1  C N N 168 
ILE OXT  O N N 169 
ILE H    H N N 170 
ILE H2   H N N 171 
ILE HA   H N N 172 
ILE HB   H N N 173 
ILE HG12 H N N 174 
ILE HG13 H N N 175 
ILE HG21 H N N 176 
ILE HG22 H N N 177 
ILE HG23 H N N 178 
ILE HD11 H N N 179 
ILE HD12 H N N 180 
ILE HD13 H N N 181 
ILE HXT  H N N 182 
LEU N    N N N 183 
LEU CA   C N S 184 
LEU C    C N N 185 
LEU O    O N N 186 
LEU CB   C N N 187 
LEU CG   C N N 188 
LEU CD1  C N N 189 
LEU CD2  C N N 190 
LEU OXT  O N N 191 
LEU H    H N N 192 
LEU H2   H N N 193 
LEU HA   H N N 194 
LEU HB2  H N N 195 
LEU HB3  H N N 196 
LEU HG   H N N 197 
LEU HD11 H N N 198 
LEU HD12 H N N 199 
LEU HD13 H N N 200 
LEU HD21 H N N 201 
LEU HD22 H N N 202 
LEU HD23 H N N 203 
LEU HXT  H N N 204 
LYS N    N N N 205 
LYS CA   C N S 206 
LYS C    C N N 207 
LYS O    O N N 208 
LYS CB   C N N 209 
LYS CG   C N N 210 
LYS CD   C N N 211 
LYS CE   C N N 212 
LYS NZ   N N N 213 
LYS OXT  O N N 214 
LYS H    H N N 215 
LYS H2   H N N 216 
LYS HA   H N N 217 
LYS HB2  H N N 218 
LYS HB3  H N N 219 
LYS HG2  H N N 220 
LYS HG3  H N N 221 
LYS HD2  H N N 222 
LYS HD3  H N N 223 
LYS HE2  H N N 224 
LYS HE3  H N N 225 
LYS HZ1  H N N 226 
LYS HZ2  H N N 227 
LYS HZ3  H N N 228 
LYS HXT  H N N 229 
MET N    N N N 230 
MET CA   C N S 231 
MET C    C N N 232 
MET O    O N N 233 
MET CB   C N N 234 
MET CG   C N N 235 
MET SD   S N N 236 
MET CE   C N N 237 
MET OXT  O N N 238 
MET H    H N N 239 
MET H2   H N N 240 
MET HA   H N N 241 
MET HB2  H N N 242 
MET HB3  H N N 243 
MET HG2  H N N 244 
MET HG3  H N N 245 
MET HE1  H N N 246 
MET HE2  H N N 247 
MET HE3  H N N 248 
MET HXT  H N N 249 
NAG C1   C N R 250 
NAG C2   C N R 251 
NAG C3   C N R 252 
NAG C4   C N S 253 
NAG C5   C N R 254 
NAG C6   C N N 255 
NAG C7   C N N 256 
NAG C8   C N N 257 
NAG N2   N N N 258 
NAG O1   O N N 259 
NAG O3   O N N 260 
NAG O4   O N N 261 
NAG O5   O N N 262 
NAG O6   O N N 263 
NAG O7   O N N 264 
NAG H1   H N N 265 
NAG H2   H N N 266 
NAG H3   H N N 267 
NAG H4   H N N 268 
NAG H5   H N N 269 
NAG H61  H N N 270 
NAG H62  H N N 271 
NAG H81  H N N 272 
NAG H82  H N N 273 
NAG H83  H N N 274 
NAG HN2  H N N 275 
NAG HO1  H N N 276 
NAG HO3  H N N 277 
NAG HO4  H N N 278 
NAG HO6  H N N 279 
PHE N    N N N 280 
PHE CA   C N S 281 
PHE C    C N N 282 
PHE O    O N N 283 
PHE CB   C N N 284 
PHE CG   C Y N 285 
PHE CD1  C Y N 286 
PHE CD2  C Y N 287 
PHE CE1  C Y N 288 
PHE CE2  C Y N 289 
PHE CZ   C Y N 290 
PHE OXT  O N N 291 
PHE H    H N N 292 
PHE H2   H N N 293 
PHE HA   H N N 294 
PHE HB2  H N N 295 
PHE HB3  H N N 296 
PHE HD1  H N N 297 
PHE HD2  H N N 298 
PHE HE1  H N N 299 
PHE HE2  H N N 300 
PHE HZ   H N N 301 
PHE HXT  H N N 302 
PRO N    N N N 303 
PRO CA   C N S 304 
PRO C    C N N 305 
PRO O    O N N 306 
PRO CB   C N N 307 
PRO CG   C N N 308 
PRO CD   C N N 309 
PRO OXT  O N N 310 
PRO H    H N N 311 
PRO HA   H N N 312 
PRO HB2  H N N 313 
PRO HB3  H N N 314 
PRO HG2  H N N 315 
PRO HG3  H N N 316 
PRO HD2  H N N 317 
PRO HD3  H N N 318 
PRO HXT  H N N 319 
SER N    N N N 320 
SER CA   C N S 321 
SER C    C N N 322 
SER O    O N N 323 
SER CB   C N N 324 
SER OG   O N N 325 
SER OXT  O N N 326 
SER H    H N N 327 
SER H2   H N N 328 
SER HA   H N N 329 
SER HB2  H N N 330 
SER HB3  H N N 331 
SER HG   H N N 332 
SER HXT  H N N 333 
THR N    N N N 334 
THR CA   C N S 335 
THR C    C N N 336 
THR O    O N N 337 
THR CB   C N R 338 
THR OG1  O N N 339 
THR CG2  C N N 340 
THR OXT  O N N 341 
THR H    H N N 342 
THR H2   H N N 343 
THR HA   H N N 344 
THR HB   H N N 345 
THR HG1  H N N 346 
THR HG21 H N N 347 
THR HG22 H N N 348 
THR HG23 H N N 349 
THR HXT  H N N 350 
TRP N    N N N 351 
TRP CA   C N S 352 
TRP C    C N N 353 
TRP O    O N N 354 
TRP CB   C N N 355 
TRP CG   C Y N 356 
TRP CD1  C Y N 357 
TRP CD2  C Y N 358 
TRP NE1  N Y N 359 
TRP CE2  C Y N 360 
TRP CE3  C Y N 361 
TRP CZ2  C Y N 362 
TRP CZ3  C Y N 363 
TRP CH2  C Y N 364 
TRP OXT  O N N 365 
TRP H    H N N 366 
TRP H2   H N N 367 
TRP HA   H N N 368 
TRP HB2  H N N 369 
TRP HB3  H N N 370 
TRP HD1  H N N 371 
TRP HE1  H N N 372 
TRP HE3  H N N 373 
TRP HZ2  H N N 374 
TRP HZ3  H N N 375 
TRP HH2  H N N 376 
TRP HXT  H N N 377 
TYR N    N N N 378 
TYR CA   C N S 379 
TYR C    C N N 380 
TYR O    O N N 381 
TYR CB   C N N 382 
TYR CG   C Y N 383 
TYR CD1  C Y N 384 
TYR CD2  C Y N 385 
TYR CE1  C Y N 386 
TYR CE2  C Y N 387 
TYR CZ   C Y N 388 
TYR OH   O N N 389 
TYR OXT  O N N 390 
TYR H    H N N 391 
TYR H2   H N N 392 
TYR HA   H N N 393 
TYR HB2  H N N 394 
TYR HB3  H N N 395 
TYR HD1  H N N 396 
TYR HD2  H N N 397 
TYR HE1  H N N 398 
TYR HE2  H N N 399 
TYR HH   H N N 400 
TYR HXT  H N N 401 
VAL N    N N N 402 
VAL CA   C N S 403 
VAL C    C N N 404 
VAL O    O N N 405 
VAL CB   C N N 406 
VAL CG1  C N N 407 
VAL CG2  C N N 408 
VAL OXT  O N N 409 
VAL H    H N N 410 
VAL H2   H N N 411 
VAL HA   H N N 412 
VAL HB   H N N 413 
VAL HG11 H N N 414 
VAL HG12 H N N 415 
VAL HG13 H N N 416 
VAL HG21 H N N 417 
VAL HG22 H N N 418 
VAL HG23 H N N 419 
VAL HXT  H N N 420 
# 
loop_
_chem_comp_bond.comp_id 
_chem_comp_bond.atom_id_1 
_chem_comp_bond.atom_id_2 
_chem_comp_bond.value_order 
_chem_comp_bond.pdbx_aromatic_flag 
_chem_comp_bond.pdbx_stereo_config 
_chem_comp_bond.pdbx_ordinal 
ALA N   CA   sing N N 1   
ALA N   H    sing N N 2   
ALA N   H2   sing N N 3   
ALA CA  C    sing N N 4   
ALA CA  CB   sing N N 5   
ALA CA  HA   sing N N 6   
ALA C   O    doub N N 7   
ALA C   OXT  sing N N 8   
ALA CB  HB1  sing N N 9   
ALA CB  HB2  sing N N 10  
ALA CB  HB3  sing N N 11  
ALA OXT HXT  sing N N 12  
ARG N   CA   sing N N 13  
ARG N   H    sing N N 14  
ARG N   H2   sing N N 15  
ARG CA  C    sing N N 16  
ARG CA  CB   sing N N 17  
ARG CA  HA   sing N N 18  
ARG C   O    doub N N 19  
ARG C   OXT  sing N N 20  
ARG CB  CG   sing N N 21  
ARG CB  HB2  sing N N 22  
ARG CB  HB3  sing N N 23  
ARG CG  CD   sing N N 24  
ARG CG  HG2  sing N N 25  
ARG CG  HG3  sing N N 26  
ARG CD  NE   sing N N 27  
ARG CD  HD2  sing N N 28  
ARG CD  HD3  sing N N 29  
ARG NE  CZ   sing N N 30  
ARG NE  HE   sing N N 31  
ARG CZ  NH1  sing N N 32  
ARG CZ  NH2  doub N N 33  
ARG NH1 HH11 sing N N 34  
ARG NH1 HH12 sing N N 35  
ARG NH2 HH21 sing N N 36  
ARG NH2 HH22 sing N N 37  
ARG OXT HXT  sing N N 38  
ASN N   CA   sing N N 39  
ASN N   H    sing N N 40  
ASN N   H2   sing N N 41  
ASN CA  C    sing N N 42  
ASN CA  CB   sing N N 43  
ASN CA  HA   sing N N 44  
ASN C   O    doub N N 45  
ASN C   OXT  sing N N 46  
ASN CB  CG   sing N N 47  
ASN CB  HB2  sing N N 48  
ASN CB  HB3  sing N N 49  
ASN CG  OD1  doub N N 50  
ASN CG  ND2  sing N N 51  
ASN ND2 HD21 sing N N 52  
ASN ND2 HD22 sing N N 53  
ASN OXT HXT  sing N N 54  
ASP N   CA   sing N N 55  
ASP N   H    sing N N 56  
ASP N   H2   sing N N 57  
ASP CA  C    sing N N 58  
ASP CA  CB   sing N N 59  
ASP CA  HA   sing N N 60  
ASP C   O    doub N N 61  
ASP C   OXT  sing N N 62  
ASP CB  CG   sing N N 63  
ASP CB  HB2  sing N N 64  
ASP CB  HB3  sing N N 65  
ASP CG  OD1  doub N N 66  
ASP CG  OD2  sing N N 67  
ASP OD2 HD2  sing N N 68  
ASP OXT HXT  sing N N 69  
CYS N   CA   sing N N 70  
CYS N   H    sing N N 71  
CYS N   H2   sing N N 72  
CYS CA  C    sing N N 73  
CYS CA  CB   sing N N 74  
CYS CA  HA   sing N N 75  
CYS C   O    doub N N 76  
CYS C   OXT  sing N N 77  
CYS CB  SG   sing N N 78  
CYS CB  HB2  sing N N 79  
CYS CB  HB3  sing N N 80  
CYS SG  HG   sing N N 81  
CYS OXT HXT  sing N N 82  
GLN N   CA   sing N N 83  
GLN N   H    sing N N 84  
GLN N   H2   sing N N 85  
GLN CA  C    sing N N 86  
GLN CA  CB   sing N N 87  
GLN CA  HA   sing N N 88  
GLN C   O    doub N N 89  
GLN C   OXT  sing N N 90  
GLN CB  CG   sing N N 91  
GLN CB  HB2  sing N N 92  
GLN CB  HB3  sing N N 93  
GLN CG  CD   sing N N 94  
GLN CG  HG2  sing N N 95  
GLN CG  HG3  sing N N 96  
GLN CD  OE1  doub N N 97  
GLN CD  NE2  sing N N 98  
GLN NE2 HE21 sing N N 99  
GLN NE2 HE22 sing N N 100 
GLN OXT HXT  sing N N 101 
GLU N   CA   sing N N 102 
GLU N   H    sing N N 103 
GLU N   H2   sing N N 104 
GLU CA  C    sing N N 105 
GLU CA  CB   sing N N 106 
GLU CA  HA   sing N N 107 
GLU C   O    doub N N 108 
GLU C   OXT  sing N N 109 
GLU CB  CG   sing N N 110 
GLU CB  HB2  sing N N 111 
GLU CB  HB3  sing N N 112 
GLU CG  CD   sing N N 113 
GLU CG  HG2  sing N N 114 
GLU CG  HG3  sing N N 115 
GLU CD  OE1  doub N N 116 
GLU CD  OE2  sing N N 117 
GLU OE2 HE2  sing N N 118 
GLU OXT HXT  sing N N 119 
GLY N   CA   sing N N 120 
GLY N   H    sing N N 121 
GLY N   H2   sing N N 122 
GLY CA  C    sing N N 123 
GLY CA  HA2  sing N N 124 
GLY CA  HA3  sing N N 125 
GLY C   O    doub N N 126 
GLY C   OXT  sing N N 127 
GLY OXT HXT  sing N N 128 
HIS N   CA   sing N N 129 
HIS N   H    sing N N 130 
HIS N   H2   sing N N 131 
HIS CA  C    sing N N 132 
HIS CA  CB   sing N N 133 
HIS CA  HA   sing N N 134 
HIS C   O    doub N N 135 
HIS C   OXT  sing N N 136 
HIS CB  CG   sing N N 137 
HIS CB  HB2  sing N N 138 
HIS CB  HB3  sing N N 139 
HIS CG  ND1  sing Y N 140 
HIS CG  CD2  doub Y N 141 
HIS ND1 CE1  doub Y N 142 
HIS ND1 HD1  sing N N 143 
HIS CD2 NE2  sing Y N 144 
HIS CD2 HD2  sing N N 145 
HIS CE1 NE2  sing Y N 146 
HIS CE1 HE1  sing N N 147 
HIS NE2 HE2  sing N N 148 
HIS OXT HXT  sing N N 149 
HOH O   H1   sing N N 150 
HOH O   H2   sing N N 151 
ILE N   CA   sing N N 152 
ILE N   H    sing N N 153 
ILE N   H2   sing N N 154 
ILE CA  C    sing N N 155 
ILE CA  CB   sing N N 156 
ILE CA  HA   sing N N 157 
ILE C   O    doub N N 158 
ILE C   OXT  sing N N 159 
ILE CB  CG1  sing N N 160 
ILE CB  CG2  sing N N 161 
ILE CB  HB   sing N N 162 
ILE CG1 CD1  sing N N 163 
ILE CG1 HG12 sing N N 164 
ILE CG1 HG13 sing N N 165 
ILE CG2 HG21 sing N N 166 
ILE CG2 HG22 sing N N 167 
ILE CG2 HG23 sing N N 168 
ILE CD1 HD11 sing N N 169 
ILE CD1 HD12 sing N N 170 
ILE CD1 HD13 sing N N 171 
ILE OXT HXT  sing N N 172 
LEU N   CA   sing N N 173 
LEU N   H    sing N N 174 
LEU N   H2   sing N N 175 
LEU CA  C    sing N N 176 
LEU CA  CB   sing N N 177 
LEU CA  HA   sing N N 178 
LEU C   O    doub N N 179 
LEU C   OXT  sing N N 180 
LEU CB  CG   sing N N 181 
LEU CB  HB2  sing N N 182 
LEU CB  HB3  sing N N 183 
LEU CG  CD1  sing N N 184 
LEU CG  CD2  sing N N 185 
LEU CG  HG   sing N N 186 
LEU CD1 HD11 sing N N 187 
LEU CD1 HD12 sing N N 188 
LEU CD1 HD13 sing N N 189 
LEU CD2 HD21 sing N N 190 
LEU CD2 HD22 sing N N 191 
LEU CD2 HD23 sing N N 192 
LEU OXT HXT  sing N N 193 
LYS N   CA   sing N N 194 
LYS N   H    sing N N 195 
LYS N   H2   sing N N 196 
LYS CA  C    sing N N 197 
LYS CA  CB   sing N N 198 
LYS CA  HA   sing N N 199 
LYS C   O    doub N N 200 
LYS C   OXT  sing N N 201 
LYS CB  CG   sing N N 202 
LYS CB  HB2  sing N N 203 
LYS CB  HB3  sing N N 204 
LYS CG  CD   sing N N 205 
LYS CG  HG2  sing N N 206 
LYS CG  HG3  sing N N 207 
LYS CD  CE   sing N N 208 
LYS CD  HD2  sing N N 209 
LYS CD  HD3  sing N N 210 
LYS CE  NZ   sing N N 211 
LYS CE  HE2  sing N N 212 
LYS CE  HE3  sing N N 213 
LYS NZ  HZ1  sing N N 214 
LYS NZ  HZ2  sing N N 215 
LYS NZ  HZ3  sing N N 216 
LYS OXT HXT  sing N N 217 
MET N   CA   sing N N 218 
MET N   H    sing N N 219 
MET N   H2   sing N N 220 
MET CA  C    sing N N 221 
MET CA  CB   sing N N 222 
MET CA  HA   sing N N 223 
MET C   O    doub N N 224 
MET C   OXT  sing N N 225 
MET CB  CG   sing N N 226 
MET CB  HB2  sing N N 227 
MET CB  HB3  sing N N 228 
MET CG  SD   sing N N 229 
MET CG  HG2  sing N N 230 
MET CG  HG3  sing N N 231 
MET SD  CE   sing N N 232 
MET CE  HE1  sing N N 233 
MET CE  HE2  sing N N 234 
MET CE  HE3  sing N N 235 
MET OXT HXT  sing N N 236 
NAG C1  C2   sing N N 237 
NAG C1  O1   sing N N 238 
NAG C1  O5   sing N N 239 
NAG C1  H1   sing N N 240 
NAG C2  C3   sing N N 241 
NAG C2  N2   sing N N 242 
NAG C2  H2   sing N N 243 
NAG C3  C4   sing N N 244 
NAG C3  O3   sing N N 245 
NAG C3  H3   sing N N 246 
NAG C4  C5   sing N N 247 
NAG C4  O4   sing N N 248 
NAG C4  H4   sing N N 249 
NAG C5  C6   sing N N 250 
NAG C5  O5   sing N N 251 
NAG C5  H5   sing N N 252 
NAG C6  O6   sing N N 253 
NAG C6  H61  sing N N 254 
NAG C6  H62  sing N N 255 
NAG C7  C8   sing N N 256 
NAG C7  N2   sing N N 257 
NAG C7  O7   doub N N 258 
NAG C8  H81  sing N N 259 
NAG C8  H82  sing N N 260 
NAG C8  H83  sing N N 261 
NAG N2  HN2  sing N N 262 
NAG O1  HO1  sing N N 263 
NAG O3  HO3  sing N N 264 
NAG O4  HO4  sing N N 265 
NAG O6  HO6  sing N N 266 
PHE N   CA   sing N N 267 
PHE N   H    sing N N 268 
PHE N   H2   sing N N 269 
PHE CA  C    sing N N 270 
PHE CA  CB   sing N N 271 
PHE CA  HA   sing N N 272 
PHE C   O    doub N N 273 
PHE C   OXT  sing N N 274 
PHE CB  CG   sing N N 275 
PHE CB  HB2  sing N N 276 
PHE CB  HB3  sing N N 277 
PHE CG  CD1  doub Y N 278 
PHE CG  CD2  sing Y N 279 
PHE CD1 CE1  sing Y N 280 
PHE CD1 HD1  sing N N 281 
PHE CD2 CE2  doub Y N 282 
PHE CD2 HD2  sing N N 283 
PHE CE1 CZ   doub Y N 284 
PHE CE1 HE1  sing N N 285 
PHE CE2 CZ   sing Y N 286 
PHE CE2 HE2  sing N N 287 
PHE CZ  HZ   sing N N 288 
PHE OXT HXT  sing N N 289 
PRO N   CA   sing N N 290 
PRO N   CD   sing N N 291 
PRO N   H    sing N N 292 
PRO CA  C    sing N N 293 
PRO CA  CB   sing N N 294 
PRO CA  HA   sing N N 295 
PRO C   O    doub N N 296 
PRO C   OXT  sing N N 297 
PRO CB  CG   sing N N 298 
PRO CB  HB2  sing N N 299 
PRO CB  HB3  sing N N 300 
PRO CG  CD   sing N N 301 
PRO CG  HG2  sing N N 302 
PRO CG  HG3  sing N N 303 
PRO CD  HD2  sing N N 304 
PRO CD  HD3  sing N N 305 
PRO OXT HXT  sing N N 306 
SER N   CA   sing N N 307 
SER N   H    sing N N 308 
SER N   H2   sing N N 309 
SER CA  C    sing N N 310 
SER CA  CB   sing N N 311 
SER CA  HA   sing N N 312 
SER C   O    doub N N 313 
SER C   OXT  sing N N 314 
SER CB  OG   sing N N 315 
SER CB  HB2  sing N N 316 
SER CB  HB3  sing N N 317 
SER OG  HG   sing N N 318 
SER OXT HXT  sing N N 319 
THR N   CA   sing N N 320 
THR N   H    sing N N 321 
THR N   H2   sing N N 322 
THR CA  C    sing N N 323 
THR CA  CB   sing N N 324 
THR CA  HA   sing N N 325 
THR C   O    doub N N 326 
THR C   OXT  sing N N 327 
THR CB  OG1  sing N N 328 
THR CB  CG2  sing N N 329 
THR CB  HB   sing N N 330 
THR OG1 HG1  sing N N 331 
THR CG2 HG21 sing N N 332 
THR CG2 HG22 sing N N 333 
THR CG2 HG23 sing N N 334 
THR OXT HXT  sing N N 335 
TRP N   CA   sing N N 336 
TRP N   H    sing N N 337 
TRP N   H2   sing N N 338 
TRP CA  C    sing N N 339 
TRP CA  CB   sing N N 340 
TRP CA  HA   sing N N 341 
TRP C   O    doub N N 342 
TRP C   OXT  sing N N 343 
TRP CB  CG   sing N N 344 
TRP CB  HB2  sing N N 345 
TRP CB  HB3  sing N N 346 
TRP CG  CD1  doub Y N 347 
TRP CG  CD2  sing Y N 348 
TRP CD1 NE1  sing Y N 349 
TRP CD1 HD1  sing N N 350 
TRP CD2 CE2  doub Y N 351 
TRP CD2 CE3  sing Y N 352 
TRP NE1 CE2  sing Y N 353 
TRP NE1 HE1  sing N N 354 
TRP CE2 CZ2  sing Y N 355 
TRP CE3 CZ3  doub Y N 356 
TRP CE3 HE3  sing N N 357 
TRP CZ2 CH2  doub Y N 358 
TRP CZ2 HZ2  sing N N 359 
TRP CZ3 CH2  sing Y N 360 
TRP CZ3 HZ3  sing N N 361 
TRP CH2 HH2  sing N N 362 
TRP OXT HXT  sing N N 363 
TYR N   CA   sing N N 364 
TYR N   H    sing N N 365 
TYR N   H2   sing N N 366 
TYR CA  C    sing N N 367 
TYR CA  CB   sing N N 368 
TYR CA  HA   sing N N 369 
TYR C   O    doub N N 370 
TYR C   OXT  sing N N 371 
TYR CB  CG   sing N N 372 
TYR CB  HB2  sing N N 373 
TYR CB  HB3  sing N N 374 
TYR CG  CD1  doub Y N 375 
TYR CG  CD2  sing Y N 376 
TYR CD1 CE1  sing Y N 377 
TYR CD1 HD1  sing N N 378 
TYR CD2 CE2  doub Y N 379 
TYR CD2 HD2  sing N N 380 
TYR CE1 CZ   doub Y N 381 
TYR CE1 HE1  sing N N 382 
TYR CE2 CZ   sing Y N 383 
TYR CE2 HE2  sing N N 384 
TYR CZ  OH   sing N N 385 
TYR OH  HH   sing N N 386 
TYR OXT HXT  sing N N 387 
VAL N   CA   sing N N 388 
VAL N   H    sing N N 389 
VAL N   H2   sing N N 390 
VAL CA  C    sing N N 391 
VAL CA  CB   sing N N 392 
VAL CA  HA   sing N N 393 
VAL C   O    doub N N 394 
VAL C   OXT  sing N N 395 
VAL CB  CG1  sing N N 396 
VAL CB  CG2  sing N N 397 
VAL CB  HB   sing N N 398 
VAL CG1 HG11 sing N N 399 
VAL CG1 HG12 sing N N 400 
VAL CG1 HG13 sing N N 401 
VAL CG2 HG21 sing N N 402 
VAL CG2 HG22 sing N N 403 
VAL CG2 HG23 sing N N 404 
VAL OXT HXT  sing N N 405 
# 
_pdbx_initial_refinement_model.id               1 
_pdbx_initial_refinement_model.entity_id_list   ? 
_pdbx_initial_refinement_model.type             'experimental model' 
_pdbx_initial_refinement_model.source_name      PDB 
_pdbx_initial_refinement_model.accession_code   1O9V 
_pdbx_initial_refinement_model.details          'PDB ENTRY 1O9V (CHAIN A)' 
# 
_atom_sites.entry_id                    2BSC 
_atom_sites.fract_transf_matrix[1][1]   -0.02199123 
_atom_sites.fract_transf_matrix[1][2]   -0.00000544 
_atom_sites.fract_transf_matrix[1][3]   -0.01597367 
_atom_sites.fract_transf_matrix[2][1]   -0.02411961 
_atom_sites.fract_transf_matrix[2][2]   -0.00743657 
_atom_sites.fract_transf_matrix[2][3]   0.01008436 
_atom_sites.fract_transf_matrix[3][1]   -0.00068061 
_atom_sites.fract_transf_matrix[3][2]   0.00347648 
_atom_sites.fract_transf_matrix[3][3]   0.00093582 
_atom_sites.fract_transf_vector[1]      1.130575 
_atom_sites.fract_transf_vector[2]      0.866190 
_atom_sites.fract_transf_vector[3]      0.041915 
# 
loop_
_atom_type.symbol 
C 
N 
O 
S 
# 
loop_
_atom_site.group_PDB 
_atom_site.id 
_atom_site.type_symbol 
_atom_site.label_atom_id 
_atom_site.label_alt_id 
_atom_site.label_comp_id 
_atom_site.label_asym_id 
_atom_site.label_entity_id 
_atom_site.label_seq_id 
_atom_site.pdbx_PDB_ins_code 
_atom_site.Cartn_x 
_atom_site.Cartn_y 
_atom_site.Cartn_z 
_atom_site.occupancy 
_atom_site.B_iso_or_equiv 
_atom_site.pdbx_formal_charge 
_atom_site.auth_seq_id 
_atom_site.auth_comp_id 
_atom_site.auth_asym_id 
_atom_site.auth_atom_id 
_atom_site.pdbx_PDB_model_num 
ATOM   1    N N   . ALA A 1 1   ? -20.297 9.201   -11.118 1.00 7.63  ? 1    ALA A N   1 
ATOM   2    C CA  . ALA A 1 1   ? -19.365 10.294  -10.745 1.00 7.73  ? 1    ALA A CA  1 
ATOM   3    C C   . ALA A 1 1   ? -18.246 9.773   -9.851  1.00 7.35  ? 1    ALA A C   1 
ATOM   4    O O   . ALA A 1 1   ? -18.309 8.659   -9.340  1.00 6.82  ? 1    ALA A O   1 
ATOM   5    C CB  . ALA A 1 1   ? -20.125 11.407  -10.018 1.00 7.75  ? 1    ALA A CB  1 
ATOM   6    N N   . VAL A 1 2   ? -17.215 10.590  -9.676  1.00 6.81  ? 2    VAL A N   1 
ATOM   7    C CA  . VAL A 1 2   ? -16.096 10.234  -8.814  1.00 6.84  ? 2    VAL A CA  1 
ATOM   8    C C   . VAL A 1 2   ? -15.530 11.501  -8.172  1.00 7.13  ? 2    VAL A C   1 
ATOM   9    O O   . VAL A 1 2   ? -15.436 12.551  -8.812  1.00 7.69  ? 2    VAL A O   1 
ATOM   10   C CB  . VAL A 1 2   ? -14.963 9.502   -9.596  1.00 6.77  ? 2    VAL A CB  1 
ATOM   11   C CG1 . VAL A 1 2   ? -14.404 10.407  -10.671 1.00 6.65  ? 2    VAL A CG1 1 
ATOM   12   C CG2 . VAL A 1 2   ? -13.856 9.057   -8.633  1.00 6.32  ? 2    VAL A CG2 1 
ATOM   13   N N   . SER A 1 3   ? -15.189 11.396  -6.892  1.00 6.57  ? 3    SER A N   1 
ATOM   14   C CA  . SER A 1 3   ? -14.600 12.498  -6.137  1.00 7.51  ? 3    SER A CA  1 
ATOM   15   C C   . SER A 1 3   ? -13.512 11.939  -5.236  1.00 8.29  ? 3    SER A C   1 
ATOM   16   O O   . SER A 1 3   ? -13.651 10.833  -4.703  1.00 7.83  ? 3    SER A O   1 
ATOM   17   C CB  . SER A 1 3   ? -15.640 13.191  -5.251  0.65 6.49  ? 3    SER A CB  1 
ATOM   18   O OG  . SER A 1 3   ? -16.508 14.005  -6.006  0.65 9.59  ? 3    SER A OG  1 
ATOM   19   N N   . PHE A 1 4   ? -12.431 12.694  -5.068  1.00 9.01  ? 4    PHE A N   1 
ATOM   20   C CA  . PHE A 1 4   ? -11.349 12.265  -4.193  1.00 8.91  ? 4    PHE A CA  1 
ATOM   21   C C   . PHE A 1 4   ? -11.755 12.728  -2.804  1.00 9.73  ? 4    PHE A C   1 
ATOM   22   O O   . PHE A 1 4   ? -12.012 13.917  -2.595  1.00 10.32 ? 4    PHE A O   1 
ATOM   23   C CB  . PHE A 1 4   ? -10.024 12.917  -4.592  1.00 9.67  ? 4    PHE A CB  1 
ATOM   24   C CG  . PHE A 1 4   ? -8.900  12.626  -3.636  1.00 8.49  ? 4    PHE A CG  1 
ATOM   25   C CD1 . PHE A 1 4   ? -8.474  11.321  -3.420  1.00 8.24  ? 4    PHE A CD1 1 
ATOM   26   C CD2 . PHE A 1 4   ? -8.286  13.656  -2.934  1.00 9.76  ? 4    PHE A CD2 1 
ATOM   27   C CE1 . PHE A 1 4   ? -7.452  11.042  -2.516  1.00 7.96  ? 4    PHE A CE1 1 
ATOM   28   C CE2 . PHE A 1 4   ? -7.262  13.388  -2.026  1.00 11.38 ? 4    PHE A CE2 1 
ATOM   29   C CZ  . PHE A 1 4   ? -6.844  12.076  -1.817  1.00 9.31  ? 4    PHE A CZ  1 
ATOM   30   N N   . ILE A 1 5   ? -11.818 11.798  -1.854  1.00 8.00  ? 5    ILE A N   1 
ATOM   31   C CA  . ILE A 1 5   ? -12.236 12.141  -0.495  1.00 8.48  ? 5    ILE A CA  1 
ATOM   32   C C   . ILE A 1 5   ? -11.259 11.772  0.627   1.00 8.90  ? 5    ILE A C   1 
ATOM   33   O O   . ILE A 1 5   ? -11.535 12.032  1.806   1.00 9.13  ? 5    ILE A O   1 
ATOM   34   C CB  . ILE A 1 5   ? -13.622 11.515  -0.184  1.00 7.23  ? 5    ILE A CB  1 
ATOM   35   C CG1 . ILE A 1 5   ? -13.540 9.986   -0.232  1.00 6.48  ? 5    ILE A CG1 1 
ATOM   36   C CG2 . ILE A 1 5   ? -14.645 12.004  -1.208  1.00 7.35  ? 5    ILE A CG2 1 
ATOM   37   C CD1 . ILE A 1 5   ? -14.851 9.290   0.121   1.00 6.32  ? 5    ILE A CD1 1 
ATOM   38   N N   . GLY A 1 6   ? -10.121 11.182  0.263   1.00 8.92  ? 6    GLY A N   1 
ATOM   39   C CA  . GLY A 1 6   ? -9.130  10.798  1.252   1.00 8.45  ? 6    GLY A CA  1 
ATOM   40   C C   . GLY A 1 6   ? -8.014  11.810  1.424   1.00 10.87 ? 6    GLY A C   1 
ATOM   41   O O   . GLY A 1 6   ? -8.209  13.006  1.202   1.00 11.23 ? 6    GLY A O   1 
ATOM   42   N N   . SER A 1 7   ? -6.841  11.324  1.825   1.00 11.14 ? 7    SER A N   1 
ATOM   43   C CA  . SER A 1 7   ? -5.666  12.164  2.045   1.00 11.95 ? 7    SER A CA  1 
ATOM   44   C C   . SER A 1 7   ? -4.540  11.756  1.099   1.00 11.71 ? 7    SER A C   1 
ATOM   45   O O   . SER A 1 7   ? -4.394  10.578  0.773   1.00 12.34 ? 7    SER A O   1 
ATOM   46   C CB  . SER A 1 7   ? -5.177  12.019  3.491   1.00 11.60 ? 7    SER A CB  1 
ATOM   47   O OG  . SER A 1 7   ? -6.209  12.323  4.418   1.00 14.56 ? 7    SER A OG  1 
ATOM   48   N N   . THR A 1 8   ? -3.732  12.727  0.686   1.00 10.62 ? 8    THR A N   1 
ATOM   49   C CA  . THR A 1 8   ? -2.622  12.475  -0.227  1.00 12.06 ? 8    THR A CA  1 
ATOM   50   C C   . THR A 1 8   ? -1.429  11.783  0.435   1.00 10.52 ? 8    THR A C   1 
ATOM   51   O O   . THR A 1 8   ? -0.771  10.950  -0.180  1.00 11.23 ? 8    THR A O   1 
ATOM   52   C CB  . THR A 1 8   ? -2.124  13.789  -0.858  1.00 13.82 ? 8    THR A CB  1 
ATOM   53   O OG1 . THR A 1 8   ? -3.216  14.444  -1.511  1.00 16.42 ? 8    THR A OG1 1 
ATOM   54   C CG2 . THR A 1 8   ? -1.016  13.514  -1.875  1.00 14.24 ? 8    THR A CG2 1 
ATOM   55   N N   . GLU A 1 9   ? -1.141  12.146  1.680   1.00 10.59 ? 9    GLU A N   1 
ATOM   56   C CA  . GLU A 1 9   ? -0.020  11.559  2.412   1.00 10.40 ? 9    GLU A CA  1 
ATOM   57   C C   . GLU A 1 9   ? -0.554  10.672  3.525   1.00 10.43 ? 9    GLU A C   1 
ATOM   58   O O   . GLU A 1 9   ? -1.320  11.125  4.383   1.00 11.32 ? 9    GLU A O   1 
ATOM   59   C CB  . GLU A 1 9   ? 0.868   12.659  2.997   1.00 11.49 ? 9    GLU A CB  1 
ATOM   60   C CG  . GLU A 1 9   ? 1.496   13.573  1.954   1.00 12.00 ? 9    GLU A CG  1 
ATOM   61   C CD  . GLU A 1 9   ? 2.271   12.817  0.888   1.00 12.78 ? 9    GLU A CD  1 
ATOM   62   O OE1 . GLU A 1 9   ? 2.948   11.826  1.227   1.00 13.67 ? 9    GLU A OE1 1 
ATOM   63   O OE2 . GLU A 1 9   ? 2.219   13.226  -0.294  1.00 16.01 ? 9    GLU A OE2 1 
ATOM   64   N N   . ASN A 1 10  ? -0.133  9.412   3.520   1.00 8.26  ? 10   ASN A N   1 
ATOM   65   C CA  . ASN A 1 10  ? -0.622  8.451   4.495   1.00 9.45  ? 10   ASN A CA  1 
ATOM   66   C C   . ASN A 1 10  ? 0.484   7.676   5.201   1.00 9.52  ? 10   ASN A C   1 
ATOM   67   O O   . ASN A 1 10  ? 1.410   7.174   4.560   1.00 11.24 ? 10   ASN A O   1 
ATOM   68   C CB  . ASN A 1 10  ? -1.581  7.507   3.772   1.00 9.16  ? 10   ASN A CB  1 
ATOM   69   C CG  . ASN A 1 10  ? -2.678  8.269   3.034   1.00 9.34  ? 10   ASN A CG  1 
ATOM   70   O OD1 . ASN A 1 10  ? -3.652  8.712   3.640   1.00 10.17 ? 10   ASN A OD1 1 
ATOM   71   N ND2 . ASN A 1 10  ? -2.505  8.449   1.730   1.00 8.81  ? 10   ASN A ND2 1 
ATOM   72   N N   . ASP A 1 11  ? 0.372   7.577   6.523   1.00 8.22  ? 11   ASP A N   1 
ATOM   73   C CA  . ASP A 1 11  ? 1.365   6.883   7.338   1.00 8.45  ? 11   ASP A CA  1 
ATOM   74   C C   . ASP A 1 11  ? 1.004   5.424   7.566   1.00 7.72  ? 11   ASP A C   1 
ATOM   75   O O   . ASP A 1 11  ? -0.137  5.105   7.895   1.00 8.13  ? 11   ASP A O   1 
ATOM   76   C CB  . ASP A 1 11  ? 1.531   7.584   8.687   1.00 9.60  ? 11   ASP A CB  1 
ATOM   77   C CG  . ASP A 1 11  ? 2.005   9.023   8.542   1.00 13.49 ? 11   ASP A CG  1 
ATOM   78   O OD1 . ASP A 1 11  ? 2.786   9.298   7.603   1.00 14.28 ? 11   ASP A OD1 1 
ATOM   79   O OD2 . ASP A 1 11  ? 1.605   9.870   9.371   1.00 15.04 ? 11   ASP A OD2 1 
ATOM   80   N N   . VAL A 1 12  ? 1.997   4.551   7.403   1.00 7.88  ? 12   VAL A N   1 
ATOM   81   C CA  . VAL A 1 12  ? 1.818   3.110   7.560   1.00 7.97  ? 12   VAL A CA  1 
ATOM   82   C C   . VAL A 1 12  ? 2.324   2.617   8.917   1.00 7.81  ? 12   VAL A C   1 
ATOM   83   O O   . VAL A 1 12  ? 3.495   2.791   9.258   1.00 7.96  ? 12   VAL A O   1 
ATOM   84   C CB  . VAL A 1 12  ? 2.549   2.342   6.419   1.00 8.10  ? 12   VAL A CB  1 
ATOM   85   C CG1 . VAL A 1 12  ? 2.286   0.822   6.525   1.00 7.20  ? 12   VAL A CG1 1 
ATOM   86   C CG2 . VAL A 1 12  ? 2.072   2.865   5.064   1.00 6.98  ? 12   VAL A CG2 1 
ATOM   87   N N   . GLY A 1 13  ? 1.415   2.013   9.682   1.00 7.70  ? 13   GLY A N   1 
ATOM   88   C CA  . GLY A 1 13  ? 1.748   1.487   10.991  1.00 8.21  ? 13   GLY A CA  1 
ATOM   89   C C   . GLY A 1 13  ? 1.698   2.519   12.101  1.00 9.96  ? 13   GLY A C   1 
ATOM   90   O O   . GLY A 1 13  ? 1.777   3.721   11.838  1.00 11.17 ? 13   GLY A O   1 
ATOM   91   N N   . PRO A 1 14  ? 1.558   2.083   13.363  1.00 9.70  ? 14   PRO A N   1 
ATOM   92   C CA  . PRO A 1 14  ? 1.511   3.054   14.458  1.00 10.98 ? 14   PRO A CA  1 
ATOM   93   C C   . PRO A 1 14  ? 2.892   3.680   14.619  1.00 12.59 ? 14   PRO A C   1 
ATOM   94   O O   . PRO A 1 14  ? 3.911   2.985   14.532  1.00 13.07 ? 14   PRO A O   1 
ATOM   95   C CB  . PRO A 1 14  ? 1.101   2.201   15.656  1.00 10.42 ? 14   PRO A CB  1 
ATOM   96   C CG  . PRO A 1 14  ? 1.740   0.878   15.345  1.00 11.00 ? 14   PRO A CG  1 
ATOM   97   C CD  . PRO A 1 14  ? 1.441   0.705   13.869  1.00 9.35  ? 14   PRO A CD  1 
ATOM   98   N N   . SER A 1 15  ? 2.935   4.990   14.844  1.00 14.79 ? 15   SER A N   1 
ATOM   99   C CA  . SER A 1 15  ? 4.214   5.663   14.994  1.00 15.90 ? 15   SER A CA  1 
ATOM   100  C C   . SER A 1 15  ? 4.995   5.111   16.175  1.00 15.28 ? 15   SER A C   1 
ATOM   101  O O   . SER A 1 15  ? 4.487   5.015   17.294  1.00 14.57 ? 15   SER A O   1 
ATOM   102  C CB  . SER A 1 15  ? 4.027   7.169   15.172  1.00 18.08 ? 15   SER A CB  1 
ATOM   103  O OG  . SER A 1 15  ? 5.290   7.809   15.239  1.00 22.38 ? 15   SER A OG  1 
ATOM   104  N N   . LEU A 1 16  ? 6.237   4.734   15.900  1.00 16.20 ? 16   LEU A N   1 
ATOM   105  C CA  . LEU A 1 16  ? 7.133   4.202   16.906  1.00 16.33 ? 16   LEU A CA  1 
ATOM   106  C C   . LEU A 1 16  ? 6.646   2.904   17.557  1.00 14.75 ? 16   LEU A C   1 
ATOM   107  O O   . LEU A 1 16  ? 6.823   2.696   18.755  1.00 14.91 ? 16   LEU A O   1 
ATOM   108  C CB  . LEU A 1 16  ? 7.390   5.275   17.971  1.00 21.27 ? 16   LEU A CB  1 
ATOM   109  C CG  . LEU A 1 16  ? 8.704   5.184   18.760  1.00 26.54 ? 16   LEU A CG  1 
ATOM   110  C CD1 . LEU A 1 16  ? 8.423   4.761   20.192  1.00 30.34 ? 16   LEU A CD1 1 
ATOM   111  C CD2 . LEU A 1 16  ? 9.662   4.211   18.074  1.00 28.07 ? 16   LEU A CD2 1 
ATOM   112  N N   . GLY A 1 17  ? 6.034   2.032   16.766  1.00 11.03 ? 17   GLY A N   1 
ATOM   113  C CA  . GLY A 1 17  ? 5.588   0.766   17.311  1.00 10.67 ? 17   GLY A CA  1 
ATOM   114  C C   . GLY A 1 17  ? 6.788   -0.151  17.438  1.00 10.06 ? 17   GLY A C   1 
ATOM   115  O O   . GLY A 1 17  ? 7.766   0.018   16.709  1.00 10.88 ? 17   GLY A O   1 
ATOM   116  N N   . SER A 1 18  ? 6.732   -1.098  18.370  1.00 10.25 ? 18   SER A N   1 
ATOM   117  C CA  . SER A 1 18  ? 7.824   -2.050  18.575  1.00 10.41 ? 18   SER A CA  1 
ATOM   118  C C   . SER A 1 18  ? 7.343   -3.453  18.245  1.00 10.29 ? 18   SER A C   1 
ATOM   119  O O   . SER A 1 18  ? 6.198   -3.809  18.534  1.00 9.80  ? 18   SER A O   1 
ATOM   120  C CB  . SER A 1 18  ? 8.321   -2.001  20.020  1.00 11.30 ? 18   SER A CB  1 
ATOM   121  O OG  . SER A 1 18  ? 8.969   -0.773  20.282  1.00 13.59 ? 18   SER A OG  1 
ATOM   122  N N   . TYR A 1 19  ? 8.219   -4.255  17.646  1.00 8.62  ? 19   TYR A N   1 
ATOM   123  C CA  . TYR A 1 19  ? 7.861   -5.606  17.245  1.00 8.89  ? 19   TYR A CA  1 
ATOM   124  C C   . TYR A 1 19  ? 8.967   -6.587  17.596  1.00 12.06 ? 19   TYR A C   1 
ATOM   125  O O   . TYR A 1 19  ? 10.152  -6.305  17.385  1.00 12.10 ? 19   TYR A O   1 
ATOM   126  C CB  . TYR A 1 19  ? 7.616   -5.634  15.734  1.00 7.92  ? 19   TYR A CB  1 
ATOM   127  C CG  . TYR A 1 19  ? 6.607   -4.607  15.287  1.00 6.27  ? 19   TYR A CG  1 
ATOM   128  C CD1 . TYR A 1 19  ? 5.243   -4.886  15.308  1.00 5.44  ? 19   TYR A CD1 1 
ATOM   129  C CD2 . TYR A 1 19  ? 7.011   -3.320  14.926  1.00 6.85  ? 19   TYR A CD2 1 
ATOM   130  C CE1 . TYR A 1 19  ? 4.298   -3.902  14.983  1.00 6.47  ? 19   TYR A CE1 1 
ATOM   131  C CE2 . TYR A 1 19  ? 6.077   -2.327  14.603  1.00 6.90  ? 19   TYR A CE2 1 
ATOM   132  C CZ  . TYR A 1 19  ? 4.723   -2.626  14.635  1.00 6.88  ? 19   TYR A CZ  1 
ATOM   133  O OH  . TYR A 1 19  ? 3.794   -1.652  14.331  1.00 6.97  ? 19   TYR A OH  1 
ATOM   134  N N   . SER A 1 20  ? 8.578   -7.740  18.135  1.00 11.83 ? 20   SER A N   1 
ATOM   135  C CA  . SER A 1 20  ? 9.545   -8.769  18.511  1.00 13.80 ? 20   SER A CA  1 
ATOM   136  C C   . SER A 1 20  ? 9.480   -9.954  17.556  1.00 13.70 ? 20   SER A C   1 
ATOM   137  O O   . SER A 1 20  ? 8.502   -10.119 16.832  1.00 14.31 ? 20   SER A O   1 
ATOM   138  C CB  . SER A 1 20  ? 9.281   -9.245  19.939  1.00 13.14 ? 20   SER A CB  1 
ATOM   139  O OG  . SER A 1 20  ? 9.559   -8.217  20.872  1.00 15.85 ? 20   SER A OG  1 
ATOM   140  N N   . LEU A 1 28  ? 19.497  -15.706 8.205   1.00 20.44 ? 28   LEU A N   1 
ATOM   141  C CA  . LEU A 1 28  ? 19.285  -14.408 7.575   1.00 19.81 ? 28   LEU A CA  1 
ATOM   142  C C   . LEU A 1 28  ? 19.097  -14.529 6.069   1.00 21.00 ? 28   LEU A C   1 
ATOM   143  O O   . LEU A 1 28  ? 19.816  -15.275 5.395   1.00 20.62 ? 28   LEU A O   1 
ATOM   144  C CB  . LEU A 1 28  ? 20.460  -13.472 7.854   1.00 18.59 ? 28   LEU A CB  1 
ATOM   145  C CG  . LEU A 1 28  ? 20.627  -12.925 9.275   1.00 17.76 ? 28   LEU A CG  1 
ATOM   146  C CD1 . LEU A 1 28  ? 21.956  -12.185 9.372   1.00 17.51 ? 28   LEU A CD1 1 
ATOM   147  C CD2 . LEU A 1 28  ? 19.462  -12.005 9.627   1.00 16.71 ? 28   LEU A CD2 1 
ATOM   148  N N   . PRO A 1 29  ? 18.127  -13.780 5.520   1.00 20.90 ? 29   PRO A N   1 
ATOM   149  C CA  . PRO A 1 29  ? 17.265  -12.877 6.291   1.00 20.68 ? 29   PRO A CA  1 
ATOM   150  C C   . PRO A 1 29  ? 16.142  -13.633 6.983   1.00 21.45 ? 29   PRO A C   1 
ATOM   151  O O   . PRO A 1 29  ? 15.861  -14.783 6.653   1.00 21.22 ? 29   PRO A O   1 
ATOM   152  C CB  . PRO A 1 29  ? 16.738  -11.920 5.230   1.00 20.50 ? 29   PRO A CB  1 
ATOM   153  C CG  . PRO A 1 29  ? 16.597  -12.817 4.044   1.00 21.59 ? 29   PRO A CG  1 
ATOM   154  C CD  . PRO A 1 29  ? 17.890  -13.617 4.075   1.00 21.42 ? 29   PRO A CD  1 
ATOM   155  N N   . PHE A 1 30  ? 15.500  -12.988 7.947   1.00 22.02 ? 30   PHE A N   1 
ATOM   156  C CA  . PHE A 1 30  ? 14.409  -13.633 8.654   1.00 22.85 ? 30   PHE A CA  1 
ATOM   157  C C   . PHE A 1 30  ? 13.245  -12.655 8.806   1.00 20.33 ? 30   PHE A C   1 
ATOM   158  O O   . PHE A 1 30  ? 13.429  -11.475 9.106   1.00 19.16 ? 30   PHE A O   1 
ATOM   159  C CB  . PHE A 1 30  ? 14.938  -14.198 9.983   1.00 27.63 ? 30   PHE A CB  1 
ATOM   160  C CG  . PHE A 1 30  ? 14.404  -13.531 11.206  1.00 33.07 ? 30   PHE A CG  1 
ATOM   161  C CD1 . PHE A 1 30  ? 13.177  -13.910 11.741  1.00 36.50 ? 30   PHE A CD1 1 
ATOM   162  C CD2 . PHE A 1 30  ? 15.152  -12.556 11.856  1.00 36.84 ? 30   PHE A CD2 1 
ATOM   163  C CE1 . PHE A 1 30  ? 12.702  -13.333 12.914  1.00 37.95 ? 30   PHE A CE1 1 
ATOM   164  C CE2 . PHE A 1 30  ? 14.689  -11.970 13.031  1.00 39.15 ? 30   PHE A CE2 1 
ATOM   165  C CZ  . PHE A 1 30  ? 13.458  -12.361 13.563  1.00 39.82 ? 30   PHE A CZ  1 
ATOM   166  N N   . VAL A 1 31  ? 12.045  -13.164 8.550   1.00 18.38 ? 31   VAL A N   1 
ATOM   167  C CA  . VAL A 1 31  ? 10.828  -12.367 8.586   1.00 17.07 ? 31   VAL A CA  1 
ATOM   168  C C   . VAL A 1 31  ? 10.217  -12.234 9.974   1.00 16.44 ? 31   VAL A C   1 
ATOM   169  O O   . VAL A 1 31  ? 10.095  -13.218 10.701  1.00 17.52 ? 31   VAL A O   1 
ATOM   170  C CB  . VAL A 1 31  ? 9.778   -12.968 7.633   1.00 16.95 ? 31   VAL A CB  1 
ATOM   171  C CG1 . VAL A 1 31  ? 8.725   -11.943 7.302   1.00 17.07 ? 31   VAL A CG1 1 
ATOM   172  C CG2 . VAL A 1 31  ? 10.450  -13.465 6.370   1.00 17.85 ? 31   VAL A CG2 1 
ATOM   173  N N   . TYR A 1 32  ? 9.822   -11.012 10.328  1.00 15.52 ? 32   TYR A N   1 
ATOM   174  C CA  . TYR A 1 32  ? 9.225   -10.728 11.632  1.00 16.49 ? 32   TYR A CA  1 
ATOM   175  C C   . TYR A 1 32  ? 7.747   -11.052 11.755  1.00 17.19 ? 32   TYR A C   1 
ATOM   176  O O   . TYR A 1 32  ? 7.064   -11.283 10.766  1.00 17.96 ? 32   TYR A O   1 
ATOM   177  C CB  . TYR A 1 32  ? 9.446   -9.261  12.005  1.00 16.31 ? 32   TYR A CB  1 
ATOM   178  C CG  . TYR A 1 32  ? 10.572  -9.067  12.987  1.00 15.53 ? 32   TYR A CG  1 
ATOM   179  C CD1 . TYR A 1 32  ? 11.874  -9.426  12.659  1.00 16.04 ? 32   TYR A CD1 1 
ATOM   180  C CD2 . TYR A 1 32  ? 10.328  -8.560  14.264  1.00 16.68 ? 32   TYR A CD2 1 
ATOM   181  C CE1 . TYR A 1 32  ? 12.906  -9.288  13.573  1.00 17.53 ? 32   TYR A CE1 1 
ATOM   182  C CE2 . TYR A 1 32  ? 11.355  -8.421  15.192  1.00 17.55 ? 32   TYR A CE2 1 
ATOM   183  C CZ  . TYR A 1 32  ? 12.643  -8.789  14.839  1.00 18.09 ? 32   TYR A CZ  1 
ATOM   184  O OH  . TYR A 1 32  ? 13.670  -8.672  15.747  1.00 20.49 ? 32   TYR A OH  1 
ATOM   185  N N   . THR A 1 34  ? 4.275   -9.677  11.814  1.00 18.40 ? 34   THR A N   1 
ATOM   186  C CA  . THR A 1 34  ? 3.608   -8.544  12.440  1.00 17.37 ? 34   THR A CA  1 
ATOM   187  C C   . THR A 1 34  ? 2.162   -8.443  11.958  1.00 19.52 ? 34   THR A C   1 
ATOM   188  O O   . THR A 1 34  ? 1.439   -7.501  12.298  1.00 19.27 ? 34   THR A O   1 
ATOM   189  C CB  . THR A 1 34  ? 4.353   -7.225  12.133  1.00 15.02 ? 34   THR A CB  1 
ATOM   190  O OG1 . THR A 1 34  ? 4.461   -7.042  10.715  1.00 11.89 ? 34   THR A OG1 1 
ATOM   191  C CG2 . THR A 1 34  ? 5.739   -7.239  12.753  1.00 13.83 ? 34   THR A CG2 1 
ATOM   192  N N   . ARG A 1 35  ? 1.746   -9.426  11.164  1.00 22.15 ? 35   ARG A N   1 
ATOM   193  C CA  . ARG A 1 35  ? 0.387   -9.476  10.639  1.00 24.98 ? 35   ARG A CA  1 
ATOM   194  C C   . ARG A 1 35  ? -0.013  -8.168  9.946   1.00 23.41 ? 35   ARG A C   1 
ATOM   195  O O   . ARG A 1 35  ? 0.679   -7.696  9.047   1.00 22.75 ? 35   ARG A O   1 
ATOM   196  C CB  . ARG A 1 35  ? -0.590  -9.778  11.779  1.00 31.29 ? 35   ARG A CB  1 
ATOM   197  C CG  . ARG A 1 35  ? -1.695  -10.763 11.423  1.00 38.58 ? 35   ARG A CG  1 
ATOM   198  C CD  . ARG A 1 35  ? -2.417  -10.364 10.148  1.00 45.54 ? 35   ARG A CD  1 
ATOM   199  N NE  . ARG A 1 35  ? -3.518  -11.267 9.818   1.00 51.07 ? 35   ARG A NE  1 
ATOM   200  C CZ  . ARG A 1 35  ? -4.190  -11.235 8.671   1.00 53.78 ? 35   ARG A CZ  1 
ATOM   201  N NH1 . ARG A 1 35  ? -5.182  -12.088 8.450   1.00 54.73 ? 35   ARG A NH1 1 
ATOM   202  N NH2 . ARG A 1 35  ? -3.863  -10.355 7.734   1.00 54.95 ? 35   ARG A NH2 1 
ATOM   203  N N   . ASN A 1 36  ? -1.133  -7.586  10.371  1.00 20.86 ? 36   ASN A N   1 
ATOM   204  C CA  . ASN A 1 36  ? -1.609  -6.347  9.773   1.00 18.68 ? 36   ASN A CA  1 
ATOM   205  C C   . ASN A 1 36  ? -1.311  -5.141  10.629  1.00 16.94 ? 36   ASN A C   1 
ATOM   206  O O   . ASN A 1 36  ? -1.811  -4.053  10.353  1.00 16.56 ? 36   ASN A O   1 
ATOM   207  C CB  . ASN A 1 36  ? -3.116  -6.409  9.536   1.00 19.44 ? 36   ASN A CB  1 
ATOM   208  C CG  . ASN A 1 36  ? -3.512  -7.561  8.655   1.00 19.76 ? 36   ASN A CG  1 
ATOM   209  O OD1 . ASN A 1 36  ? -2.864  -7.828  7.648   1.00 18.52 ? 36   ASN A OD1 1 
ATOM   210  N ND2 . ASN A 1 36  ? -4.587  -8.251  9.020   1.00 19.73 ? 36   ASN A ND2 1 
ATOM   211  N N   . LYS A 1 37  ? -0.495  -5.319  11.661  1.00 15.87 ? 37   LYS A N   1 
ATOM   212  C CA  . LYS A 1 37  ? -0.178  -4.205  12.545  1.00 15.97 ? 37   LYS A CA  1 
ATOM   213  C C   . LYS A 1 37  ? 0.524   -3.040  11.839  1.00 13.39 ? 37   LYS A C   1 
ATOM   214  O O   . LYS A 1 37  ? 0.185   -1.877  12.085  1.00 12.94 ? 37   LYS A O   1 
ATOM   215  C CB  . LYS A 1 37  ? 0.670   -4.690  13.727  1.00 18.43 ? 37   LYS A CB  1 
ATOM   216  C CG  . LYS A 1 37  ? 0.931   -3.645  14.805  1.00 25.50 ? 37   LYS A CG  1 
ATOM   217  C CD  . LYS A 1 37  ? -0.311  -3.351  15.648  1.00 29.47 ? 37   LYS A CD  1 
ATOM   218  C CE  . LYS A 1 37  ? -1.292  -2.419  14.944  1.00 32.53 ? 37   LYS A CE  1 
ATOM   219  N NZ  . LYS A 1 37  ? -2.539  -2.236  15.738  1.00 35.66 ? 37   LYS A NZ  1 
ATOM   220  N N   . ILE A 1 38  ? 1.493   -3.329  10.968  1.00 10.15 ? 38   ILE A N   1 
ATOM   221  C CA  . ILE A 1 38  ? 2.200   -2.255  10.269  1.00 9.37  ? 38   ILE A CA  1 
ATOM   222  C C   . ILE A 1 38  ? 1.526   -1.968  8.935   1.00 8.62  ? 38   ILE A C   1 
ATOM   223  O O   . ILE A 1 38  ? 1.974   -2.425  7.881   1.00 7.85  ? 38   ILE A O   1 
ATOM   224  C CB  . ILE A 1 38  ? 3.694   -2.594  10.011  1.00 9.36  ? 38   ILE A CB  1 
ATOM   225  C CG1 . ILE A 1 38  ? 4.336   -3.181  11.274  1.00 9.73  ? 38   ILE A CG1 1 
ATOM   226  C CG2 . ILE A 1 38  ? 4.445   -1.322  9.626   1.00 8.95  ? 38   ILE A CG2 1 
ATOM   227  C CD1 . ILE A 1 38  ? 5.845   -3.386  11.173  1.00 8.24  ? 38   ILE A CD1 1 
ATOM   228  N N   . GLY A 1 39  ? 0.434   -1.217  8.985   1.00 7.78  ? 39   GLY A N   1 
ATOM   229  C CA  . GLY A 1 39  ? -0.268  -0.906  7.759   1.00 7.93  ? 39   GLY A CA  1 
ATOM   230  C C   . GLY A 1 39  ? -1.087  0.362   7.806   1.00 7.80  ? 39   GLY A C   1 
ATOM   231  O O   . GLY A 1 39  ? -1.149  1.069   8.820   1.00 7.79  ? 39   GLY A O   1 
ATOM   232  N N   . TYR A 1 40  ? -1.684  0.667   6.665   1.00 8.12  ? 40   TYR A N   1 
ATOM   233  C CA  . TYR A 1 40  ? -2.554  1.816   6.527   1.00 8.66  ? 40   TYR A CA  1 
ATOM   234  C C   . TYR A 1 40  ? -3.782  1.286   5.821   1.00 7.81  ? 40   TYR A C   1 
ATOM   235  O O   . TYR A 1 40  ? -3.669  0.571   4.823   1.00 6.65  ? 40   TYR A O   1 
ATOM   236  C CB  . TYR A 1 40  ? -1.933  2.918   5.665   1.00 7.39  ? 40   TYR A CB  1 
ATOM   237  C CG  . TYR A 1 40  ? -2.912  4.052   5.441   1.00 8.60  ? 40   TYR A CG  1 
ATOM   238  C CD1 . TYR A 1 40  ? -3.099  5.042   6.411   1.00 8.19  ? 40   TYR A CD1 1 
ATOM   239  C CD2 . TYR A 1 40  ? -3.723  4.079   4.308   1.00 8.87  ? 40   TYR A CD2 1 
ATOM   240  C CE1 . TYR A 1 40  ? -4.078  6.029   6.254   1.00 8.78  ? 40   TYR A CE1 1 
ATOM   241  C CE2 . TYR A 1 40  ? -4.706  5.060   4.142   1.00 9.31  ? 40   TYR A CE2 1 
ATOM   242  C CZ  . TYR A 1 40  ? -4.878  6.028   5.118   1.00 9.26  ? 40   TYR A CZ  1 
ATOM   243  O OH  . TYR A 1 40  ? -5.861  6.974   4.961   1.00 9.97  ? 40   TYR A OH  1 
ATOM   244  N N   . GLN A 1 41  ? -4.952  1.631   6.342   1.00 7.91  ? 41   GLN A N   1 
ATOM   245  C CA  . GLN A 1 41  ? -6.205  1.185   5.752   1.00 7.26  ? 41   GLN A CA  1 
ATOM   246  C C   . GLN A 1 41  ? -7.215  2.325   5.760   1.00 7.91  ? 41   GLN A C   1 
ATOM   247  O O   . GLN A 1 41  ? -7.374  3.016   6.768   1.00 8.29  ? 41   GLN A O   1 
ATOM   248  C CB  . GLN A 1 41  ? -6.749  -0.002  6.547   1.00 8.40  ? 41   GLN A CB  1 
ATOM   249  C CG  . GLN A 1 41  ? -8.026  -0.606  5.998   1.00 11.21 ? 41   GLN A CG  1 
ATOM   250  C CD  . GLN A 1 41  ? -8.508  -1.767  6.841   1.00 13.25 ? 41   GLN A CD  1 
ATOM   251  O OE1 . GLN A 1 41  ? -8.774  -1.612  8.035   1.00 15.16 ? 41   GLN A OE1 1 
ATOM   252  N NE2 . GLN A 1 41  ? -8.618  -2.940  6.228   1.00 12.44 ? 41   GLN A NE2 1 
ATOM   253  N N   . ASN A 1 42  ? -7.880  2.530   4.627   1.00 7.20  ? 42   ASN A N   1 
ATOM   254  C CA  . ASN A 1 42  ? -8.895  3.571   4.516   1.00 7.15  ? 42   ASN A CA  1 
ATOM   255  C C   . ASN A 1 42  ? -9.937  3.112   3.503   1.00 6.91  ? 42   ASN A C   1 
ATOM   256  O O   . ASN A 1 42  ? -9.658  3.028   2.308   1.00 7.59  ? 42   ASN A O   1 
ATOM   257  C CB  . ASN A 1 42  ? -8.270  4.892   4.060   1.00 6.59  ? 42   ASN A CB  1 
ATOM   258  C CG  . ASN A 1 42  ? -9.221  6.067   4.213   1.00 11.36 ? 42   ASN A CG  1 
ATOM   259  O OD1 . ASN A 1 42  ? -10.434 5.887   4.377   1.00 10.38 ? 42   ASN A OD1 1 
ATOM   260  N ND2 . ASN A 1 42  ? -8.677  7.281   4.152   1.00 10.86 ? 42   ASN A ND2 1 
ATOM   261  N N   . ALA A 1 43  ? -11.136 2.804   3.979   1.00 6.31  ? 43   ALA A N   1 
ATOM   262  C CA  . ALA A 1 43  ? -12.188 2.343   3.088   1.00 6.38  ? 43   ALA A CA  1 
ATOM   263  C C   . ALA A 1 43  ? -12.736 3.446   2.184   1.00 5.97  ? 43   ALA A C   1 
ATOM   264  O O   . ALA A 1 43  ? -13.387 3.167   1.181   1.00 7.14  ? 43   ALA A O   1 
ATOM   265  C CB  . ALA A 1 43  ? -13.319 1.757   3.899   1.00 6.70  ? 43   ALA A CB  1 
ATOM   266  N N   . ASN A 1 44  ? -12.433 4.694   2.517   1.00 6.02  ? 44   ASN A N   1 
ATOM   267  C CA  . ASN A 1 44  ? -12.987 5.831   1.791   1.00 5.55  ? 44   ASN A CA  1 
ATOM   268  C C   . ASN A 1 44  ? -11.957 6.825   1.266   1.00 6.36  ? 44   ASN A C   1 
ATOM   269  O O   . ASN A 1 44  ? -11.674 7.834   1.904   1.00 6.11  ? 44   ASN A O   1 
ATOM   270  C CB  . ASN A 1 44  ? -13.970 6.529   2.732   1.00 6.59  ? 44   ASN A CB  1 
ATOM   271  C CG  . ASN A 1 44  ? -14.745 5.535   3.582   1.00 6.62  ? 44   ASN A CG  1 
ATOM   272  O OD1 . ASN A 1 44  ? -15.537 4.747   3.062   1.00 8.17  ? 44   ASN A OD1 1 
ATOM   273  N ND2 . ASN A 1 44  ? -14.498 5.545   4.892   1.00 7.26  ? 44   ASN A ND2 1 
ATOM   274  N N   . VAL A 1 45  ? -11.397 6.532   0.102   1.00 6.02  ? 45   VAL A N   1 
ATOM   275  C CA  . VAL A 1 45  ? -10.400 7.405   -0.491  1.00 5.99  ? 45   VAL A CA  1 
ATOM   276  C C   . VAL A 1 45  ? -11.024 8.147   -1.674  1.00 6.97  ? 45   VAL A C   1 
ATOM   277  O O   . VAL A 1 45  ? -10.644 9.280   -1.972  1.00 7.71  ? 45   VAL A O   1 
ATOM   278  C CB  . VAL A 1 45  ? -9.157  6.589   -0.924  1.00 6.82  ? 45   VAL A CB  1 
ATOM   279  C CG1 . VAL A 1 45  ? -8.126  7.487   -1.590  1.00 6.32  ? 45   VAL A CG1 1 
ATOM   280  C CG2 . VAL A 1 45  ? -8.543  5.926   0.306   1.00 6.90  ? 45   VAL A CG2 1 
ATOM   281  N N   . TRP A 1 46  ? -11.993 7.506   -2.326  1.00 6.91  ? 46   TRP A N   1 
ATOM   282  C CA  . TRP A 1 46  ? -12.727 8.095   -3.443  1.00 5.36  ? 46   TRP A CA  1 
ATOM   283  C C   . TRP A 1 46  ? -14.197 7.764   -3.256  1.00 6.81  ? 46   TRP A C   1 
ATOM   284  O O   . TRP A 1 46  ? -14.545 6.703   -2.730  1.00 7.14  ? 46   TRP A O   1 
ATOM   285  C CB  . TRP A 1 46  ? -12.288 7.510   -4.788  1.00 6.83  ? 46   TRP A CB  1 
ATOM   286  C CG  . TRP A 1 46  ? -10.926 7.914   -5.216  1.00 7.28  ? 46   TRP A CG  1 
ATOM   287  C CD1 . TRP A 1 46  ? -10.565 9.091   -5.805  1.00 8.18  ? 46   TRP A CD1 1 
ATOM   288  C CD2 . TRP A 1 46  ? -9.724  7.161   -5.045  1.00 6.96  ? 46   TRP A CD2 1 
ATOM   289  N NE1 . TRP A 1 46  ? -9.206  9.120   -6.008  1.00 9.18  ? 46   TRP A NE1 1 
ATOM   290  C CE2 . TRP A 1 46  ? -8.664  7.947   -5.550  1.00 7.75  ? 46   TRP A CE2 1 
ATOM   291  C CE3 . TRP A 1 46  ? -9.438  5.897   -4.508  1.00 8.27  ? 46   TRP A CE3 1 
ATOM   292  C CZ2 . TRP A 1 46  ? -7.340  7.513   -5.533  1.00 7.67  ? 46   TRP A CZ2 1 
ATOM   293  C CZ3 . TRP A 1 46  ? -8.124  5.465   -4.490  1.00 8.17  ? 46   TRP A CZ3 1 
ATOM   294  C CH2 . TRP A 1 46  ? -7.089  6.272   -5.000  1.00 8.65  ? 46   TRP A CH2 1 
ATOM   295  N N   . HIS A 1 47  ? -15.061 8.683   -3.666  1.00 6.06  ? 47   HIS A N   1 
ATOM   296  C CA  . HIS A 1 47  ? -16.488 8.439   -3.597  1.00 6.64  ? 47   HIS A CA  1 
ATOM   297  C C   . HIS A 1 47  ? -16.862 8.145   -5.038  1.00 6.87  ? 47   HIS A C   1 
ATOM   298  O O   . HIS A 1 47  ? -16.474 8.882   -5.943  1.00 6.16  ? 47   HIS A O   1 
ATOM   299  C CB  . HIS A 1 47  ? -17.241 9.673   -3.084  1.00 6.90  ? 47   HIS A CB  1 
ATOM   300  C CG  . HIS A 1 47  ? -18.711 9.444   -2.903  1.00 9.07  ? 47   HIS A CG  1 
ATOM   301  N ND1 . HIS A 1 47  ? -19.622 9.605   -3.925  1.00 11.32 ? 47   HIS A ND1 1 
ATOM   302  C CD2 . HIS A 1 47  ? -19.423 9.020   -1.830  1.00 10.44 ? 47   HIS A CD2 1 
ATOM   303  C CE1 . HIS A 1 47  ? -20.830 9.291   -3.491  1.00 10.96 ? 47   HIS A CE1 1 
ATOM   304  N NE2 . HIS A 1 47  ? -20.738 8.932   -2.223  1.00 10.48 ? 47   HIS A NE2 1 
ATOM   305  N N   . ILE A 1 48  ? -17.588 7.056   -5.263  1.00 5.72  ? 48   ILE A N   1 
ATOM   306  C CA  . ILE A 1 48  ? -17.976 6.699   -6.618  1.00 6.64  ? 48   ILE A CA  1 
ATOM   307  C C   . ILE A 1 48  ? -19.473 6.450   -6.726  1.00 7.12  ? 48   ILE A C   1 
ATOM   308  O O   . ILE A 1 48  ? -20.125 6.072   -5.749  1.00 7.77  ? 48   ILE A O   1 
ATOM   309  C CB  . ILE A 1 48  ? -17.166 5.461   -7.128  1.00 7.04  ? 48   ILE A CB  1 
ATOM   310  C CG1 . ILE A 1 48  ? -17.232 4.301   -6.130  1.00 9.32  ? 48   ILE A CG1 1 
ATOM   311  C CG2 . ILE A 1 48  ? -15.704 5.843   -7.306  1.00 6.60  ? 48   ILE A CG2 1 
ATOM   312  C CD1 . ILE A 1 48  ? -18.577 3.689   -5.961  1.00 17.55 ? 48   ILE A CD1 1 
ATOM   313  N N   . SER A 1 49  ? -20.023 6.660   -7.918  1.00 6.18  ? 49   SER A N   1 
ATOM   314  C CA  . SER A 1 49  ? -21.450 6.476   -8.102  1.00 7.44  ? 49   SER A CA  1 
ATOM   315  C C   . SER A 1 49  ? -21.853 6.258   -9.544  1.00 7.28  ? 49   SER A C   1 
ATOM   316  O O   . SER A 1 49  ? -21.056 6.406   -10.469 1.00 6.36  ? 49   SER A O   1 
ATOM   317  C CB  . SER A 1 49  ? -22.205 7.703   -7.592  1.00 8.31  ? 49   SER A CB  1 
ATOM   318  O OG  . SER A 1 49  ? -21.877 8.848   -8.370  1.00 10.04 ? 49   SER A OG  1 
ATOM   319  N N   . LYS A 1 50  ? -23.122 5.907   -9.704  1.00 7.89  ? 50   LYS A N   1 
ATOM   320  C CA  . LYS A 1 50  ? -23.736 5.696   -11.005 1.00 9.68  ? 50   LYS A CA  1 
ATOM   321  C C   . LYS A 1 50  ? -22.886 5.002   -12.062 1.00 8.98  ? 50   LYS A C   1 
ATOM   322  O O   . LYS A 1 50  ? -22.470 5.612   -13.049 1.00 8.92  ? 50   LYS A O   1 
ATOM   323  C CB  . LYS A 1 50  ? -24.247 7.039   -11.540 1.00 12.09 ? 50   LYS A CB  1 
ATOM   324  C CG  . LYS A 1 50  ? -25.200 7.743   -10.573 1.00 15.21 ? 50   LYS A CG  1 
ATOM   325  C CD  . LYS A 1 50  ? -25.933 8.917   -11.215 1.00 21.23 ? 50   LYS A CD  1 
ATOM   326  C CE  . LYS A 1 50  ? -24.998 10.056  -11.577 1.00 24.87 ? 50   LYS A CE  1 
ATOM   327  N NZ  . LYS A 1 50  ? -25.717 11.226  -12.194 1.00 28.84 ? 50   LYS A NZ  1 
ATOM   328  N N   . GLY A 1 51  ? -22.631 3.716   -11.843 1.00 8.80  ? 51   GLY A N   1 
ATOM   329  C CA  . GLY A 1 51  ? -21.883 2.924   -12.799 1.00 8.41  ? 51   GLY A CA  1 
ATOM   330  C C   . GLY A 1 51  ? -20.383 3.106   -12.910 1.00 7.76  ? 51   GLY A C   1 
ATOM   331  O O   . GLY A 1 51  ? -19.772 2.491   -13.787 1.00 8.52  ? 51   GLY A O   1 
ATOM   332  N N   . PHE A 1 52  ? -19.780 3.923   -12.046 1.00 7.55  ? 52   PHE A N   1 
ATOM   333  C CA  . PHE A 1 52  ? -18.331 4.137   -12.102 1.00 6.99  ? 52   PHE A CA  1 
ATOM   334  C C   . PHE A 1 52  ? -17.586 2.826   -11.823 1.00 7.00  ? 52   PHE A C   1 
ATOM   335  O O   . PHE A 1 52  ? -17.889 2.124   -10.852 1.00 7.24  ? 52   PHE A O   1 
ATOM   336  C CB  . PHE A 1 52  ? -17.900 5.198   -11.078 1.00 6.29  ? 52   PHE A CB  1 
ATOM   337  C CG  . PHE A 1 52  ? -16.567 5.824   -11.383 1.00 5.80  ? 52   PHE A CG  1 
ATOM   338  C CD1 . PHE A 1 52  ? -16.477 6.907   -12.254 1.00 5.21  ? 52   PHE A CD1 1 
ATOM   339  C CD2 . PHE A 1 52  ? -15.396 5.308   -10.831 1.00 8.06  ? 52   PHE A CD2 1 
ATOM   340  C CE1 . PHE A 1 52  ? -15.244 7.466   -12.575 1.00 4.75  ? 52   PHE A CE1 1 
ATOM   341  C CE2 . PHE A 1 52  ? -14.151 5.859   -11.144 1.00 7.44  ? 52   PHE A CE2 1 
ATOM   342  C CZ  . PHE A 1 52  ? -14.079 6.941   -12.019 1.00 5.59  ? 52   PHE A CZ  1 
ATOM   343  N N   . CYS A 1 53  ? -16.626 2.493   -12.684 1.00 6.19  ? 53   CYS A N   1 
ATOM   344  C CA  . CYS A 1 53  ? -15.840 1.268   -12.529 1.00 8.01  ? 53   CYS A CA  1 
ATOM   345  C C   . CYS A 1 53  ? -14.411 1.628   -12.162 1.00 7.26  ? 53   CYS A C   1 
ATOM   346  O O   . CYS A 1 53  ? -13.771 2.409   -12.863 1.00 7.78  ? 53   CYS A O   1 
ATOM   347  C CB  . CYS A 1 53  ? -15.818 0.482   -13.826 1.00 7.54  ? 53   CYS A CB  1 
ATOM   348  S SG  . CYS A 1 53  ? -17.408 -0.182  -14.399 1.00 10.72 ? 53   CYS A SG  1 
ATOM   349  N N   . VAL A 1 54  ? -13.890 1.046   -11.089 1.00 7.12  ? 54   VAL A N   1 
ATOM   350  C CA  . VAL A 1 54  ? -12.542 1.400   -10.675 1.00 6.90  ? 54   VAL A CA  1 
ATOM   351  C C   . VAL A 1 54  ? -11.745 0.282   -10.011 1.00 7.43  ? 54   VAL A C   1 
ATOM   352  O O   . VAL A 1 54  ? -12.298 -0.558  -9.295  1.00 7.63  ? 54   VAL A O   1 
ATOM   353  C CB  . VAL A 1 54  ? -12.591 2.629   -9.720  1.00 7.17  ? 54   VAL A CB  1 
ATOM   354  C CG1 . VAL A 1 54  ? -13.319 2.265   -8.436  1.00 5.23  ? 54   VAL A CG1 1 
ATOM   355  C CG2 . VAL A 1 54  ? -11.193 3.127   -9.431  1.00 6.41  ? 54   VAL A CG2 1 
ATOM   356  N N   . GLY A 1 55  ? -10.439 0.291   -10.276 1.00 7.19  ? 55   GLY A N   1 
ATOM   357  C CA  . GLY A 1 55  ? -9.519  -0.672  -9.694  1.00 8.20  ? 55   GLY A CA  1 
ATOM   358  C C   . GLY A 1 55  ? -8.365  0.120   -9.101  1.00 6.78  ? 55   GLY A C   1 
ATOM   359  O O   . GLY A 1 55  ? -8.468  1.337   -8.963  1.00 6.88  ? 55   GLY A O   1 
ATOM   360  N N   . LEU A 1 56  ? -7.263  -0.547  -8.761  1.00 7.28  ? 56   LEU A N   1 
ATOM   361  C CA  . LEU A 1 56  ? -6.110  0.146   -8.179  1.00 7.19  ? 56   LEU A CA  1 
ATOM   362  C C   . LEU A 1 56  ? -4.775  -0.377  -8.695  1.00 6.76  ? 56   LEU A C   1 
ATOM   363  O O   . LEU A 1 56  ? -4.613  -1.578  -8.926  1.00 6.38  ? 56   LEU A O   1 
ATOM   364  C CB  . LEU A 1 56  ? -6.094  -0.006  -6.650  1.00 6.73  ? 56   LEU A CB  1 
ATOM   365  C CG  . LEU A 1 56  ? -7.284  0.419   -5.784  1.00 7.58  ? 56   LEU A CG  1 
ATOM   366  C CD1 . LEU A 1 56  ? -7.084  -0.133  -4.372  1.00 6.21  ? 56   LEU A CD1 1 
ATOM   367  C CD2 . LEU A 1 56  ? -7.427  1.949   -5.769  1.00 5.27  ? 56   LEU A CD2 1 
ATOM   368  N N   . ASP A 1 57  ? -3.826  0.540   -8.866  1.00 7.70  ? 57   ASP A N   1 
ATOM   369  C CA  . ASP A 1 57  ? -2.469  0.190   -9.271  1.00 7.88  ? 57   ASP A CA  1 
ATOM   370  C C   . ASP A 1 57  ? -1.596  0.608   -8.101  1.00 7.08  ? 57   ASP A C   1 
ATOM   371  O O   . ASP A 1 57  ? -1.923  1.565   -7.391  1.00 7.91  ? 57   ASP A O   1 
ATOM   372  C CB  . ASP A 1 57  ? -2.012  0.972   -10.506 1.00 10.30 ? 57   ASP A CB  1 
ATOM   373  C CG  . ASP A 1 57  ? -2.737  0.559   -11.767 1.00 10.61 ? 57   ASP A CG  1 
ATOM   374  O OD1 . ASP A 1 57  ? -3.099  -0.630  -11.886 1.00 11.15 ? 57   ASP A OD1 1 
ATOM   375  O OD2 . ASP A 1 57  ? -2.923  1.429   -12.644 1.00 13.43 ? 57   ASP A OD2 1 
ATOM   376  N N   . GLY A 1 58  ? -0.491  -0.101  -7.901  1.00 7.00  ? 58   GLY A N   1 
ATOM   377  C CA  . GLY A 1 58  ? 0.415   0.241   -6.820  1.00 7.01  ? 58   GLY A CA  1 
ATOM   378  C C   . GLY A 1 58  ? 1.849   0.280   -7.300  1.00 6.76  ? 58   GLY A C   1 
ATOM   379  O O   . GLY A 1 58  ? 2.200   -0.415  -8.250  1.00 8.17  ? 58   GLY A O   1 
ATOM   380  N N   . LYS A 1 59  ? 2.678   1.092   -6.652  1.00 7.63  ? 59   LYS A N   1 
ATOM   381  C CA  . LYS A 1 59  ? 4.089   1.190   -7.021  1.00 7.98  ? 59   LYS A CA  1 
ATOM   382  C C   . LYS A 1 59  ? 4.950   1.415   -5.783  1.00 7.68  ? 59   LYS A C   1 
ATOM   383  O O   . LYS A 1 59  ? 4.618   2.246   -4.933  1.00 7.42  ? 59   LYS A O   1 
ATOM   384  C CB  . LYS A 1 59  ? 4.307   2.336   -8.022  1.00 9.41  ? 59   LYS A CB  1 
ATOM   385  C CG  . LYS A 1 59  ? 5.752   2.481   -8.508  1.00 9.56  ? 59   LYS A CG  1 
ATOM   386  C CD  . LYS A 1 59  ? 5.851   3.328   -9.775  1.00 11.59 ? 59   LYS A CD  1 
ATOM   387  C CE  . LYS A 1 59  ? 5.544   4.793   -9.535  1.00 12.89 ? 59   LYS A CE  1 
ATOM   388  N NZ  . LYS A 1 59  ? 6.612   5.490   -8.757  1.00 17.90 ? 59   LYS A NZ  1 
ATOM   389  N N   . VAL A 1 60  ? 6.034   0.651   -5.671  1.00 6.62  ? 60   VAL A N   1 
ATOM   390  C CA  . VAL A 1 60  ? 6.954   0.794   -4.547  1.00 6.50  ? 60   VAL A CA  1 
ATOM   391  C C   . VAL A 1 60  ? 8.232   1.412   -5.099  1.00 7.25  ? 60   VAL A C   1 
ATOM   392  O O   . VAL A 1 60  ? 8.789   0.941   -6.093  1.00 8.09  ? 60   VAL A O   1 
ATOM   393  C CB  . VAL A 1 60  ? 7.281   -0.567  -3.883  1.00 6.61  ? 60   VAL A CB  1 
ATOM   394  C CG1 . VAL A 1 60  ? 8.301   -0.377  -2.779  1.00 7.00  ? 60   VAL A CG1 1 
ATOM   395  C CG2 . VAL A 1 60  ? 6.020   -1.177  -3.316  1.00 7.88  ? 60   VAL A CG2 1 
ATOM   396  N N   . ASP A 1 61  ? 8.694   2.469   -4.445  1.00 9.44  ? 61   ASP A N   1 
ATOM   397  C CA  . ASP A 1 61  ? 9.887   3.178   -4.887  1.00 10.43 ? 61   ASP A CA  1 
ATOM   398  C C   . ASP A 1 61  ? 11.161  2.779   -4.153  1.00 10.19 ? 61   ASP A C   1 
ATOM   399  O O   . ASP A 1 61  ? 12.246  3.209   -4.529  1.00 11.77 ? 61   ASP A O   1 
ATOM   400  C CB  . ASP A 1 61  ? 9.660   4.685   -4.754  1.00 10.68 ? 61   ASP A CB  1 
ATOM   401  C CG  . ASP A 1 61  ? 8.354   5.134   -5.387  1.00 11.55 ? 61   ASP A CG  1 
ATOM   402  O OD1 . ASP A 1 61  ? 8.035   4.663   -6.500  1.00 12.09 ? 61   ASP A OD1 1 
ATOM   403  O OD2 . ASP A 1 61  ? 7.651   5.964   -4.775  1.00 13.13 ? 61   ASP A OD2 1 
ATOM   404  N N   . LEU A 1 62  ? 11.029  1.967   -3.109  1.00 8.25  ? 62   LEU A N   1 
ATOM   405  C CA  . LEU A 1 62  ? 12.190  1.511   -2.350  1.00 8.63  ? 62   LEU A CA  1 
ATOM   406  C C   . LEU A 1 62  ? 13.022  0.557   -3.200  1.00 9.84  ? 62   LEU A C   1 
ATOM   407  O O   . LEU A 1 62  ? 12.488  -0.174  -4.036  1.00 9.69  ? 62   LEU A O   1 
ATOM   408  C CB  . LEU A 1 62  ? 11.746  0.770   -1.088  1.00 7.99  ? 62   LEU A CB  1 
ATOM   409  C CG  . LEU A 1 62  ? 11.005  1.574   -0.022  1.00 8.85  ? 62   LEU A CG  1 
ATOM   410  C CD1 . LEU A 1 62  ? 10.301  0.619   0.938   1.00 9.18  ? 62   LEU A CD1 1 
ATOM   411  C CD2 . LEU A 1 62  ? 11.994  2.472   0.710   1.00 10.56 ? 62   LEU A CD2 1 
ATOM   412  N N   . PRO A 1 63  ? 14.349  0.541   -2.988  1.00 9.99  ? 63   PRO A N   1 
ATOM   413  C CA  . PRO A 1 63  ? 15.194  -0.361  -3.773  1.00 9.97  ? 63   PRO A CA  1 
ATOM   414  C C   . PRO A 1 63  ? 14.913  -1.815  -3.413  1.00 9.58  ? 63   PRO A C   1 
ATOM   415  O O   . PRO A 1 63  ? 14.607  -2.136  -2.263  1.00 9.33  ? 63   PRO A O   1 
ATOM   416  C CB  . PRO A 1 63  ? 16.607  0.069   -3.389  1.00 10.35 ? 63   PRO A CB  1 
ATOM   417  C CG  . PRO A 1 63  ? 16.441  0.524   -1.967  1.00 10.44 ? 63   PRO A CG  1 
ATOM   418  C CD  . PRO A 1 63  ? 15.151  1.320   -2.026  1.00 9.90  ? 63   PRO A CD  1 
ATOM   419  N N   . VAL A 1 64  ? 14.986  -2.690  -4.404  1.00 8.72  ? 64   VAL A N   1 
ATOM   420  C CA  . VAL A 1 64  ? 14.761  -4.105  -4.158  1.00 8.80  ? 64   VAL A CA  1 
ATOM   421  C C   . VAL A 1 64  ? 16.122  -4.687  -3.804  1.00 9.48  ? 64   VAL A C   1 
ATOM   422  O O   . VAL A 1 64  ? 17.088  -4.510  -4.546  1.00 9.51  ? 64   VAL A O   1 
ATOM   423  C CB  . VAL A 1 64  ? 14.192  -4.804  -5.409  1.00 9.78  ? 64   VAL A CB  1 
ATOM   424  C CG1 . VAL A 1 64  ? 14.013  -6.288  -5.142  1.00 10.04 ? 64   VAL A CG1 1 
ATOM   425  C CG2 . VAL A 1 64  ? 12.860  -4.173  -5.785  1.00 11.18 ? 64   VAL A CG2 1 
ATOM   426  N N   . VAL A 1 65  ? 16.209  -5.358  -2.662  1.00 10.06 ? 65   VAL A N   1 
ATOM   427  C CA  . VAL A 1 65  ? 17.481  -5.937  -2.244  1.00 10.87 ? 65   VAL A CA  1 
ATOM   428  C C   . VAL A 1 65  ? 17.491  -7.463  -2.269  1.00 12.92 ? 65   VAL A C   1 
ATOM   429  O O   . VAL A 1 65  ? 18.488  -8.097  -1.925  1.00 13.65 ? 65   VAL A O   1 
ATOM   430  C CB  . VAL A 1 65  ? 17.871  -5.442  -0.838  1.00 10.99 ? 65   VAL A CB  1 
ATOM   431  C CG1 . VAL A 1 65  ? 18.154  -3.950  -0.891  1.00 10.12 ? 65   VAL A CG1 1 
ATOM   432  C CG2 . VAL A 1 65  ? 16.752  -5.731  0.152   1.00 11.52 ? 65   VAL A CG2 1 
ATOM   433  N N   . GLY A 1 66  ? 16.377  -8.047  -2.695  1.00 13.25 ? 66   GLY A N   1 
ATOM   434  C CA  . GLY A 1 66  ? 16.266  -9.492  -2.763  1.00 12.64 ? 66   GLY A CA  1 
ATOM   435  C C   . GLY A 1 66  ? 14.815  -9.869  -2.972  1.00 13.00 ? 66   GLY A C   1 
ATOM   436  O O   . GLY A 1 66  ? 14.003  -9.018  -3.345  1.00 13.07 ? 66   GLY A O   1 
ATOM   437  N N   . SER A 1 67  ? 14.484  -11.135 -2.741  1.00 11.96 ? 67   SER A N   1 
ATOM   438  C CA  . SER A 1 67  ? 13.111  -11.589 -2.894  1.00 13.00 ? 67   SER A CA  1 
ATOM   439  C C   . SER A 1 67  ? 12.866  -12.829 -2.052  1.00 12.94 ? 67   SER A C   1 
ATOM   440  O O   . SER A 1 67  ? 13.798  -13.554 -1.708  1.00 13.25 ? 67   SER A O   1 
ATOM   441  C CB  . SER A 1 67  ? 12.801  -11.901 -4.357  1.00 13.92 ? 67   SER A CB  1 
ATOM   442  O OG  . SER A 1 67  ? 13.388  -13.129 -4.742  1.00 18.30 ? 67   SER A OG  1 
ATOM   443  N N   . LEU A 1 68  ? 11.602  -13.049 -1.717  1.00 11.46 ? 68   LEU A N   1 
ATOM   444  C CA  . LEU A 1 68  ? 11.188  -14.193 -0.923  1.00 12.49 ? 68   LEU A CA  1 
ATOM   445  C C   . LEU A 1 68  ? 9.876   -14.729 -1.484  1.00 12.23 ? 68   LEU A C   1 
ATOM   446  O O   . LEU A 1 68  ? 8.880   -14.011 -1.541  1.00 11.45 ? 68   LEU A O   1 
ATOM   447  C CB  . LEU A 1 68  ? 11.001  -13.781 0.538   1.00 14.48 ? 68   LEU A CB  1 
ATOM   448  C CG  . LEU A 1 68  ? 12.154  -14.070 1.499   1.00 18.36 ? 68   LEU A CG  1 
ATOM   449  C CD1 . LEU A 1 68  ? 11.953  -13.313 2.804   1.00 17.82 ? 68   LEU A CD1 1 
ATOM   450  C CD2 . LEU A 1 68  ? 12.223  -15.577 1.747   1.00 20.34 ? 68   LEU A CD2 1 
ATOM   451  N N   . ASP A 1 69  ? 9.889   -15.986 -1.915  1.00 12.72 ? 69   ASP A N   1 
ATOM   452  C CA  . ASP A 1 69  ? 8.712   -16.638 -2.472  1.00 13.21 ? 69   ASP A CA  1 
ATOM   453  C C   . ASP A 1 69  ? 7.964   -15.852 -3.541  1.00 12.54 ? 69   ASP A C   1 
ATOM   454  O O   . ASP A 1 69  ? 6.730   -15.799 -3.542  1.00 10.30 ? 69   ASP A O   1 
ATOM   455  C CB  . ASP A 1 69  ? 7.746   -17.016 -1.353  1.00 15.17 ? 69   ASP A CB  1 
ATOM   456  C CG  . ASP A 1 69  ? 8.298   -18.100 -0.462  1.00 17.77 ? 69   ASP A CG  1 
ATOM   457  O OD1 . ASP A 1 69  ? 8.489   -19.234 -0.947  1.00 18.45 ? 69   ASP A OD1 1 
ATOM   458  O OD2 . ASP A 1 69  ? 8.547   -17.814 0.723   1.00 19.36 ? 69   ASP A OD2 1 
ATOM   459  N N   . GLY A 1 70  ? 8.711   -15.245 -4.455  1.00 11.74 ? 70   GLY A N   1 
ATOM   460  C CA  . GLY A 1 70  ? 8.080   -14.514 -5.535  1.00 12.32 ? 70   GLY A CA  1 
ATOM   461  C C   . GLY A 1 70  ? 7.826   -13.039 -5.331  1.00 11.95 ? 70   GLY A C   1 
ATOM   462  O O   . GLY A 1 70  ? 7.347   -12.373 -6.251  1.00 13.20 ? 70   GLY A O   1 
ATOM   463  N N   . GLN A 1 71  ? 8.124   -12.517 -4.146  1.00 11.47 ? 71   GLN A N   1 
ATOM   464  C CA  . GLN A 1 71  ? 7.916   -11.096 -3.899  1.00 10.37 ? 71   GLN A CA  1 
ATOM   465  C C   . GLN A 1 71  ? 9.202   -10.425 -3.422  1.00 9.84  ? 71   GLN A C   1 
ATOM   466  O O   . GLN A 1 71  ? 10.023  -11.029 -2.726  1.00 9.52  ? 71   GLN A O   1 
ATOM   467  C CB  . GLN A 1 71  ? 6.798   -10.875 -2.882  1.00 10.65 ? 71   GLN A CB  1 
ATOM   468  C CG  . GLN A 1 71  ? 7.156   -11.209 -1.459  1.00 11.83 ? 71   GLN A CG  1 
ATOM   469  C CD  . GLN A 1 71  ? 6.052   -10.833 -0.487  1.00 11.58 ? 71   GLN A CD  1 
ATOM   470  O OE1 . GLN A 1 71  ? 5.819   -9.657  -0.212  1.00 14.03 ? 71   GLN A OE1 1 
ATOM   471  N NE2 . GLN A 1 71  ? 5.361   -11.835 0.029   1.00 11.87 ? 71   GLN A NE2 1 
ATOM   472  N N   . SER A 1 72  ? 9.359   -9.158  -3.779  1.00 8.41  ? 72   SER A N   1 
ATOM   473  C CA  . SER A 1 72  ? 10.558  -8.422  -3.422  1.00 8.40  ? 72   SER A CA  1 
ATOM   474  C C   . SER A 1 72  ? 10.748  -8.092  -1.946  1.00 8.73  ? 72   SER A C   1 
ATOM   475  O O   . SER A 1 72  ? 9.791   -7.946  -1.184  1.00 7.53  ? 72   SER A O   1 
ATOM   476  C CB  . SER A 1 72  ? 10.613  -7.102  -4.204  1.00 9.25  ? 72   SER A CB  1 
ATOM   477  O OG  . SER A 1 72  ? 10.634  -7.317  -5.601  1.00 10.21 ? 72   SER A OG  1 
ATOM   478  N N   . ILE A 1 73  ? 12.012  -8.003  -1.551  1.00 8.86  ? 73   ILE A N   1 
ATOM   479  C CA  . ILE A 1 73  ? 12.366  -7.559  -0.214  1.00 7.76  ? 73   ILE A CA  1 
ATOM   480  C C   . ILE A 1 73  ? 12.855  -6.157  -0.554  1.00 7.34  ? 73   ILE A C   1 
ATOM   481  O O   . ILE A 1 73  ? 13.811  -6.003  -1.326  1.00 6.84  ? 73   ILE A O   1 
ATOM   482  C CB  . ILE A 1 73  ? 13.560  -8.309  0.402   1.00 7.89  ? 73   ILE A CB  1 
ATOM   483  C CG1 . ILE A 1 73  ? 13.218  -9.780  0.637   1.00 7.85  ? 73   ILE A CG1 1 
ATOM   484  C CG2 . ILE A 1 73  ? 13.950  -7.634  1.719   1.00 7.28  ? 73   ILE A CG2 1 
ATOM   485  C CD1 . ILE A 1 73  ? 14.390  -10.592 1.157   1.00 8.24  ? 73   ILE A CD1 1 
ATOM   486  N N   . TYR A 1 74  ? 12.185  -5.142  -0.022  1.00 6.36  ? 74   TYR A N   1 
ATOM   487  C CA  . TYR A 1 74  ? 12.573  -3.762  -0.278  1.00 7.40  ? 74   TYR A CA  1 
ATOM   488  C C   . TYR A 1 74  ? 13.480  -3.297  0.849   1.00 7.64  ? 74   TYR A C   1 
ATOM   489  O O   . TYR A 1 74  ? 13.216  -3.568  2.018   1.00 8.16  ? 74   TYR A O   1 
ATOM   490  C CB  . TYR A 1 74  ? 11.331  -2.880  -0.368  1.00 7.95  ? 74   TYR A CB  1 
ATOM   491  C CG  . TYR A 1 74  ? 10.476  -3.207  -1.571  1.00 6.83  ? 74   TYR A CG  1 
ATOM   492  C CD1 . TYR A 1 74  ? 10.809  -2.725  -2.836  1.00 6.59  ? 74   TYR A CD1 1 
ATOM   493  C CD2 . TYR A 1 74  ? 9.340   -4.009  -1.448  1.00 7.51  ? 74   TYR A CD2 1 
ATOM   494  C CE1 . TYR A 1 74  ? 10.033  -3.028  -3.950  1.00 5.62  ? 74   TYR A CE1 1 
ATOM   495  C CE2 . TYR A 1 74  ? 8.551   -4.321  -2.562  1.00 6.56  ? 74   TYR A CE2 1 
ATOM   496  C CZ  . TYR A 1 74  ? 8.907   -3.821  -3.808  1.00 6.32  ? 74   TYR A CZ  1 
ATOM   497  O OH  . TYR A 1 74  ? 8.121   -4.089  -4.902  1.00 6.93  ? 74   TYR A OH  1 
ATOM   498  N N   . GLY A 1 75  ? 14.552  -2.603  0.493   1.00 7.44  ? 75   GLY A N   1 
ATOM   499  C CA  . GLY A 1 75  ? 15.492  -2.153  1.501   1.00 8.33  ? 75   GLY A CA  1 
ATOM   500  C C   . GLY A 1 75  ? 15.186  -0.831  2.169   1.00 8.58  ? 75   GLY A C   1 
ATOM   501  O O   . GLY A 1 75  ? 14.748  0.122   1.523   1.00 7.66  ? 75   GLY A O   1 
ATOM   502  N N   . LEU A 1 76  ? 15.418  -0.792  3.479   1.00 9.61  ? 76   LEU A N   1 
ATOM   503  C CA  . LEU A 1 76  ? 15.218  0.412   4.285   1.00 11.08 ? 76   LEU A CA  1 
ATOM   504  C C   . LEU A 1 76  ? 16.589  0.851   4.793   1.00 12.20 ? 76   LEU A C   1 
ATOM   505  O O   . LEU A 1 76  ? 17.002  1.989   4.586   1.00 12.86 ? 76   LEU A O   1 
ATOM   506  C CB  . LEU A 1 76  ? 14.296  0.125   5.475   1.00 10.21 ? 76   LEU A CB  1 
ATOM   507  C CG  . LEU A 1 76  ? 12.817  -0.159  5.190   1.00 10.40 ? 76   LEU A CG  1 
ATOM   508  C CD1 . LEU A 1 76  ? 12.116  -0.540  6.488   1.00 10.53 ? 76   LEU A CD1 1 
ATOM   509  C CD2 . LEU A 1 76  ? 12.157  1.074   4.572   1.00 11.25 ? 76   LEU A CD2 1 
ATOM   510  N N   . THR A 1 77  ? 17.282  -0.068  5.463   1.00 12.31 ? 77   THR A N   1 
ATOM   511  C CA  . THR A 1 77  ? 18.623  0.180   5.997   1.00 13.17 ? 77   THR A CA  1 
ATOM   512  C C   . THR A 1 77  ? 19.466  -1.069  5.718   1.00 13.67 ? 77   THR A C   1 
ATOM   513  O O   . THR A 1 77  ? 18.970  -2.033  5.136   1.00 13.47 ? 77   THR A O   1 
ATOM   514  C CB  . THR A 1 77  ? 18.595  0.415   7.527   1.00 12.66 ? 77   THR A CB  1 
ATOM   515  O OG1 . THR A 1 77  ? 18.266  -0.809  8.192   1.00 12.01 ? 77   THR A OG1 1 
ATOM   516  C CG2 . THR A 1 77  ? 17.560  1.475   7.892   1.00 10.42 ? 77   THR A CG2 1 
ATOM   517  N N   . GLU A 1 78  ? 20.731  -1.062  6.130   1.00 15.13 ? 78   GLU A N   1 
ATOM   518  C CA  . GLU A 1 78  ? 21.581  -2.235  5.913   1.00 15.35 ? 78   GLU A CA  1 
ATOM   519  C C   . GLU A 1 78  ? 21.007  -3.425  6.662   1.00 14.85 ? 78   GLU A C   1 
ATOM   520  O O   . GLU A 1 78  ? 21.110  -4.571  6.222   1.00 15.42 ? 78   GLU A O   1 
ATOM   521  C CB  . GLU A 1 78  ? 23.004  -1.996  6.433   1.00 17.14 ? 78   GLU A CB  1 
ATOM   522  C CG  . GLU A 1 78  ? 23.854  -1.059  5.598   1.00 20.11 ? 78   GLU A CG  1 
ATOM   523  C CD  . GLU A 1 78  ? 25.326  -1.109  5.989   1.00 22.17 ? 78   GLU A CD  1 
ATOM   524  O OE1 . GLU A 1 78  ? 26.121  -0.352  5.393   1.00 25.61 ? 78   GLU A OE1 1 
ATOM   525  O OE2 . GLU A 1 78  ? 25.688  -1.903  6.885   1.00 19.72 ? 78   GLU A OE2 1 
ATOM   526  N N   . GLU A 1 79  ? 20.403  -3.130  7.805   1.00 13.90 ? 79   GLU A N   1 
ATOM   527  C CA  . GLU A 1 79  ? 19.843  -4.150  8.672   1.00 14.60 ? 79   GLU A CA  1 
ATOM   528  C C   . GLU A 1 79  ? 18.383  -4.498  8.460   1.00 12.95 ? 79   GLU A C   1 
ATOM   529  O O   . GLU A 1 79  ? 17.974  -5.622  8.750   1.00 13.15 ? 79   GLU A O   1 
ATOM   530  C CB  . GLU A 1 79  ? 20.022  -3.731  10.128  1.00 16.23 ? 79   GLU A CB  1 
ATOM   531  C CG  . GLU A 1 79  ? 21.459  -3.635  10.577  1.00 22.15 ? 79   GLU A CG  1 
ATOM   532  C CD  . GLU A 1 79  ? 21.740  -2.334  11.292  1.00 26.85 ? 79   GLU A CD  1 
ATOM   533  O OE1 . GLU A 1 79  ? 20.864  -1.879  12.063  1.00 28.83 ? 79   GLU A OE1 1 
ATOM   534  O OE2 . GLU A 1 79  ? 22.840  -1.773  11.092  1.00 30.94 ? 79   GLU A OE2 1 
ATOM   535  N N   . VAL A 1 80  ? 17.590  -3.556  7.962   1.00 11.97 ? 80   VAL A N   1 
ATOM   536  C CA  . VAL A 1 80  ? 16.169  -3.832  7.796   1.00 10.48 ? 80   VAL A CA  1 
ATOM   537  C C   . VAL A 1 80  ? 15.572  -3.645  6.409   1.00 8.91  ? 80   VAL A C   1 
ATOM   538  O O   . VAL A 1 80  ? 15.856  -2.672  5.713   1.00 7.51  ? 80   VAL A O   1 
ATOM   539  C CB  . VAL A 1 80  ? 15.343  -3.003  8.804   1.00 11.93 ? 80   VAL A CB  1 
ATOM   540  C CG1 . VAL A 1 80  ? 13.865  -3.364  8.702   1.00 10.63 ? 80   VAL A CG1 1 
ATOM   541  C CG2 . VAL A 1 80  ? 15.861  -3.255  10.220  1.00 11.72 ? 80   VAL A CG2 1 
ATOM   542  N N   . GLY A 1 81  ? 14.738  -4.611  6.028   1.00 8.74  ? 81   GLY A N   1 
ATOM   543  C CA  . GLY A 1 81  ? 14.057  -4.586  4.748   1.00 7.89  ? 81   GLY A CA  1 
ATOM   544  C C   . GLY A 1 81  ? 12.572  -4.812  4.987   1.00 8.27  ? 81   GLY A C   1 
ATOM   545  O O   . GLY A 1 81  ? 12.141  -4.958  6.135   1.00 8.03  ? 81   GLY A O   1 
ATOM   546  N N   . LEU A 1 82  ? 11.787  -4.857  3.915   1.00 7.43  ? 82   LEU A N   1 
ATOM   547  C CA  . LEU A 1 82  ? 10.349  -5.046  4.043   1.00 6.76  ? 82   LEU A CA  1 
ATOM   548  C C   . LEU A 1 82  ? 9.733   -5.887  2.949   1.00 7.43  ? 82   LEU A C   1 
ATOM   549  O O   . LEU A 1 82  ? 10.187  -5.874  1.809   1.00 7.25  ? 82   LEU A O   1 
ATOM   550  C CB  . LEU A 1 82  ? 9.613   -3.704  3.980   1.00 7.23  ? 82   LEU A CB  1 
ATOM   551  C CG  . LEU A 1 82  ? 9.783   -2.552  4.963   1.00 8.34  ? 82   LEU A CG  1 
ATOM   552  C CD1 . LEU A 1 82  ? 8.994   -1.359  4.421   1.00 7.79  ? 82   LEU A CD1 1 
ATOM   553  C CD2 . LEU A 1 82  ? 9.298   -2.946  6.342   1.00 8.21  ? 82   LEU A CD2 1 
ATOM   554  N N   . LEU A 1 83  ? 8.678   -6.602  3.317   1.00 6.81  ? 83   LEU A N   1 
ATOM   555  C CA  . LEU A 1 83  ? 7.880   -7.350  2.361   1.00 6.15  ? 83   LEU A CA  1 
ATOM   556  C C   . LEU A 1 83  ? 6.696   -6.383  2.325   1.00 6.38  ? 83   LEU A C   1 
ATOM   557  O O   . LEU A 1 83  ? 6.283   -5.877  3.370   1.00 5.17  ? 83   LEU A O   1 
ATOM   558  C CB  . LEU A 1 83  ? 7.479   -8.712  2.919   1.00 8.62  ? 83   LEU A CB  1 
ATOM   559  C CG  . LEU A 1 83  ? 8.668   -9.677  3.032   1.00 10.86 ? 83   LEU A CG  1 
ATOM   560  C CD1 . LEU A 1 83  ? 8.211   -10.983 3.631   1.00 12.42 ? 83   LEU A CD1 1 
ATOM   561  C CD2 . LEU A 1 83  ? 9.285   -9.904  1.658   1.00 10.48 ? 83   LEU A CD2 1 
ATOM   562  N N   . ILE A 1 84  ? 6.160   -6.110  1.144   1.00 5.12  ? 84   ILE A N   1 
ATOM   563  C CA  . ILE A 1 84  ? 5.089   -5.129  1.024   1.00 5.59  ? 84   ILE A CA  1 
ATOM   564  C C   . ILE A 1 84  ? 3.879   -5.601  0.240   1.00 5.60  ? 84   ILE A C   1 
ATOM   565  O O   . ILE A 1 84  ? 4.029   -6.285  -0.768  1.00 5.59  ? 84   ILE A O   1 
ATOM   566  C CB  . ILE A 1 84  ? 5.639   -3.831  0.367   1.00 5.35  ? 84   ILE A CB  1 
ATOM   567  C CG1 . ILE A 1 84  ? 6.739   -3.240  1.263   1.00 4.71  ? 84   ILE A CG1 1 
ATOM   568  C CG2 . ILE A 1 84  ? 4.513   -2.843  0.109   1.00 5.83  ? 84   ILE A CG2 1 
ATOM   569  C CD1 . ILE A 1 84  ? 7.420   -2.002  0.705   1.00 6.70  ? 84   ILE A CD1 1 
ATOM   570  N N   . TRP A 1 85  ? 2.692   -5.224  0.723   1.00 5.83  ? 85   TRP A N   1 
ATOM   571  C CA  . TRP A 1 85  ? 1.415   -5.544  0.090   1.00 5.00  ? 85   TRP A CA  1 
ATOM   572  C C   . TRP A 1 85  ? 0.589   -4.290  -0.133  1.00 6.19  ? 85   TRP A C   1 
ATOM   573  O O   . TRP A 1 85  ? 0.566   -3.400  0.714   1.00 7.06  ? 85   TRP A O   1 
ATOM   574  C CB  . TRP A 1 85  ? 0.590   -6.497  0.950   1.00 6.24  ? 85   TRP A CB  1 
ATOM   575  C CG  . TRP A 1 85  ? 1.030   -7.909  0.927   1.00 6.95  ? 85   TRP A CG  1 
ATOM   576  C CD1 . TRP A 1 85  ? 0.532   -8.921  0.150   1.00 8.44  ? 85   TRP A CD1 1 
ATOM   577  C CD2 . TRP A 1 85  ? 2.044   -8.497  1.745   1.00 9.32  ? 85   TRP A CD2 1 
ATOM   578  N NE1 . TRP A 1 85  ? 1.172   -10.102 0.446   1.00 9.62  ? 85   TRP A NE1 1 
ATOM   579  C CE2 . TRP A 1 85  ? 2.105   -9.869  1.419   1.00 7.30  ? 85   TRP A CE2 1 
ATOM   580  C CE3 . TRP A 1 85  ? 2.906   -7.997  2.721   1.00 8.02  ? 85   TRP A CE3 1 
ATOM   581  C CZ2 . TRP A 1 85  ? 2.995   -10.743 2.038   1.00 10.28 ? 85   TRP A CZ2 1 
ATOM   582  C CZ3 . TRP A 1 85  ? 3.788   -8.863  3.334   1.00 9.83  ? 85   TRP A CZ3 1 
ATOM   583  C CH2 . TRP A 1 85  ? 3.827   -10.222 2.990   1.00 8.95  ? 85   TRP A CH2 1 
ATOM   584  N N   . MET A 1 86  ? -0.086  -4.231  -1.276  1.00 4.80  ? 86   MET A N   1 
ATOM   585  C CA  . MET A 1 86  ? -0.959  -3.115  -1.611  1.00 4.79  ? 86   MET A CA  1 
ATOM   586  C C   . MET A 1 86  ? -2.218  -3.691  -2.245  1.00 5.79  ? 86   MET A C   1 
ATOM   587  O O   . MET A 1 86  ? -2.166  -4.712  -2.930  1.00 5.62  ? 86   MET A O   1 
ATOM   588  C CB  . MET A 1 86  ? -0.282  -2.159  -2.598  1.00 5.53  ? 86   MET A CB  1 
ATOM   589  C CG  . MET A 1 86  ? 0.899   -1.398  -2.024  1.00 4.49  ? 86   MET A CG  1 
ATOM   590  S SD  . MET A 1 86  ? 1.709   -0.393  -3.289  1.00 8.31  ? 86   MET A SD  1 
ATOM   591  C CE  . MET A 1 86  ? 2.465   0.885   -2.283  1.00 8.14  ? 86   MET A CE  1 
ATOM   592  N N   . GLY A 1 87  ? -3.354  -3.047  -2.011  1.00 5.56  ? 87   GLY A N   1 
ATOM   593  C CA  . GLY A 1 87  ? -4.582  -3.543  -2.597  1.00 5.50  ? 87   GLY A CA  1 
ATOM   594  C C   . GLY A 1 87  ? -5.821  -2.839  -2.094  1.00 6.47  ? 87   GLY A C   1 
ATOM   595  O O   . GLY A 1 87  ? -5.751  -1.728  -1.557  1.00 6.57  ? 87   GLY A O   1 
ATOM   596  N N   . ASP A 1 88  ? -6.960  -3.494  -2.287  1.00 5.38  ? 88   ASP A N   1 
ATOM   597  C CA  . ASP A 1 88  ? -8.247  -2.982  -1.852  1.00 5.79  ? 88   ASP A CA  1 
ATOM   598  C C   . ASP A 1 88  ? -8.266  -2.846  -0.320  1.00 5.81  ? 88   ASP A C   1 
ATOM   599  O O   . ASP A 1 88  ? -7.363  -3.323  0.374   1.00 5.75  ? 88   ASP A O   1 
ATOM   600  C CB  . ASP A 1 88  ? -9.341  -3.930  -2.351  1.00 4.62  ? 88   ASP A CB  1 
ATOM   601  C CG  . ASP A 1 88  ? -10.727 -3.330  -2.264  1.00 6.18  ? 88   ASP A CG  1 
ATOM   602  O OD1 . ASP A 1 88  ? -10.843 -2.083  -2.286  1.00 7.40  ? 88   ASP A OD1 1 
ATOM   603  O OD2 . ASP A 1 88  ? -11.700 -4.111  -2.197  1.00 5.99  ? 88   ASP A OD2 1 
ATOM   604  N N   . THR A 1 89  ? -9.296  -2.190  0.196   1.00 5.51  ? 89   THR A N   1 
ATOM   605  C CA  . THR A 1 89  ? -9.446  -1.938  1.628   1.00 6.82  ? 89   THR A CA  1 
ATOM   606  C C   . THR A 1 89  ? -9.078  -3.051  2.608   1.00 7.16  ? 89   THR A C   1 
ATOM   607  O O   . THR A 1 89  ? -8.211  -2.858  3.473   1.00 7.12  ? 89   THR A O   1 
ATOM   608  C CB  . THR A 1 89  ? -10.879 -1.497  1.942   1.00 6.58  ? 89   THR A CB  1 
ATOM   609  O OG1 . THR A 1 89  ? -11.233 -0.414  1.075   1.00 6.55  ? 89   THR A OG1 1 
ATOM   610  C CG2 . THR A 1 89  ? -10.999 -1.056  3.403   1.00 7.72  ? 89   THR A CG2 1 
ATOM   611  N N   . LYS A 1 90  ? -9.745  -4.197  2.501   1.00 7.15  ? 90   LYS A N   1 
ATOM   612  C CA  . LYS A 1 90  ? -9.479  -5.300  3.422   1.00 7.93  ? 90   LYS A CA  1 
ATOM   613  C C   . LYS A 1 90  ? -8.096  -5.905  3.243   1.00 6.90  ? 90   LYS A C   1 
ATOM   614  O O   . LYS A 1 90  ? -7.700  -6.284  2.146   1.00 6.62  ? 90   LYS A O   1 
ATOM   615  C CB  . LYS A 1 90  ? -10.583 -6.358  3.304   1.00 10.04 ? 90   LYS A CB  1 
ATOM   616  C CG  . LYS A 1 90  ? -11.932 -5.802  3.762   1.00 13.43 ? 90   LYS A CG  1 
ATOM   617  C CD  . LYS A 1 90  ? -13.044 -6.829  3.735   1.00 16.95 ? 90   LYS A CD  1 
ATOM   618  C CE  . LYS A 1 90  ? -14.365 -6.186  4.153   1.00 17.12 ? 90   LYS A CE  1 
ATOM   619  N NZ  . LYS A 1 90  ? -15.512 -7.128  4.061   1.00 22.48 ? 90   LYS A NZ  1 
ATOM   620  N N   . TYR A 1 91  ? -7.360  -5.985  4.344   1.00 6.50  ? 91   TYR A N   1 
ATOM   621  C CA  . TYR A 1 91  ? -5.996  -6.495  4.319   1.00 6.31  ? 91   TYR A CA  1 
ATOM   622  C C   . TYR A 1 91  ? -5.776  -7.822  3.596   1.00 6.61  ? 91   TYR A C   1 
ATOM   623  O O   . TYR A 1 91  ? -4.762  -7.994  2.925   1.00 7.69  ? 91   TYR A O   1 
ATOM   624  C CB  . TYR A 1 91  ? -5.451  -6.568  5.753   1.00 7.18  ? 91   TYR A CB  1 
ATOM   625  C CG  . TYR A 1 91  ? -5.055  -5.214  6.324   1.00 7.71  ? 91   TYR A CG  1 
ATOM   626  C CD1 . TYR A 1 91  ? -5.563  -4.771  7.543   1.00 9.52  ? 91   TYR A CD1 1 
ATOM   627  C CD2 . TYR A 1 91  ? -4.152  -4.387  5.651   1.00 8.44  ? 91   TYR A CD2 1 
ATOM   628  C CE1 . TYR A 1 91  ? -5.179  -3.535  8.079   1.00 10.06 ? 91   TYR A CE1 1 
ATOM   629  C CE2 . TYR A 1 91  ? -3.763  -3.161  6.173   1.00 8.92  ? 91   TYR A CE2 1 
ATOM   630  C CZ  . TYR A 1 91  ? -4.276  -2.738  7.389   1.00 9.27  ? 91   TYR A CZ  1 
ATOM   631  O OH  . TYR A 1 91  ? -3.874  -1.524  7.914   1.00 10.27 ? 91   TYR A OH  1 
ATOM   632  N N   . SER A 1 92  ? -6.715  -8.755  3.705   1.00 6.72  ? 92   SER A N   1 
ATOM   633  C CA  . SER A 1 92  ? -6.533  -10.047 3.043   1.00 7.52  ? 92   SER A CA  1 
ATOM   634  C C   . SER A 1 92  ? -6.596  -9.946  1.524   1.00 7.30  ? 92   SER A C   1 
ATOM   635  O O   . SER A 1 92  ? -6.327  -10.929 0.826   1.00 7.69  ? 92   SER A O   1 
ATOM   636  C CB  . SER A 1 92  ? -7.582  -11.052 3.509   1.00 7.59  ? 92   SER A CB  1 
ATOM   637  O OG  . SER A 1 92  ? -8.850  -10.711 2.991   1.00 10.16 ? 92   SER A OG  1 
ATOM   638  N N   . ARG A 1 93  ? -6.968  -8.773  1.015   1.00 7.71  ? 93   ARG A N   1 
ATOM   639  C CA  . ARG A 1 93  ? -7.056  -8.554  -0.431  1.00 8.05  ? 93   ARG A CA  1 
ATOM   640  C C   . ARG A 1 93  ? -5.740  -7.986  -0.969  1.00 7.93  ? 93   ARG A C   1 
ATOM   641  O O   . ARG A 1 93  ? -5.613  -7.709  -2.162  1.00 8.30  ? 93   ARG A O   1 
ATOM   642  C CB  . ARG A 1 93  ? -8.187  -7.572  -0.764  1.00 9.17  ? 93   ARG A CB  1 
ATOM   643  C CG  . ARG A 1 93  ? -9.542  -7.921  -0.161  1.00 11.91 ? 93   ARG A CG  1 
ATOM   644  C CD  . ARG A 1 93  ? -10.171 -9.160  -0.788  1.00 12.97 ? 93   ARG A CD  1 
ATOM   645  N NE  . ARG A 1 93  ? -11.185 -9.745  0.093   1.00 16.37 ? 93   ARG A NE  1 
ATOM   646  C CZ  . ARG A 1 93  ? -12.344 -9.166  0.403   1.00 16.52 ? 93   ARG A CZ  1 
ATOM   647  N NH1 . ARG A 1 93  ? -13.190 -9.781  1.222   1.00 16.13 ? 93   ARG A NH1 1 
ATOM   648  N NH2 . ARG A 1 93  ? -12.669 -7.986  -0.119  1.00 15.59 ? 93   ARG A NH2 1 
ATOM   649  N N   . GLY A 1 94  ? -4.763  -7.808  -0.089  1.00 8.47  ? 94   GLY A N   1 
ATOM   650  C CA  . GLY A 1 94  ? -3.490  -7.257  -0.516  1.00 7.74  ? 94   GLY A CA  1 
ATOM   651  C C   . GLY A 1 94  ? -2.754  -8.070  -1.567  1.00 8.51  ? 94   GLY A C   1 
ATOM   652  O O   . GLY A 1 94  ? -2.776  -9.304  -1.570  1.00 8.67  ? 94   GLY A O   1 
ATOM   653  N N   . THR A 1 95  ? -2.088  -7.357  -2.466  1.00 7.25  ? 95   THR A N   1 
ATOM   654  C CA  . THR A 1 95  ? -1.324  -7.967  -3.543  1.00 6.91  ? 95   THR A CA  1 
ATOM   655  C C   . THR A 1 95  ? 0.156   -7.808  -3.236  1.00 7.19  ? 95   THR A C   1 
ATOM   656  O O   . THR A 1 95  ? 0.611   -6.689  -3.005  1.00 6.51  ? 95   THR A O   1 
ATOM   657  C CB  . THR A 1 95  ? -1.616  -7.260  -4.874  1.00 7.19  ? 95   THR A CB  1 
ATOM   658  O OG1 . THR A 1 95  ? -2.989  -7.449  -5.216  1.00 9.07  ? 95   THR A OG1 1 
ATOM   659  C CG2 . THR A 1 95  ? -0.748  -7.807  -5.977  1.00 8.98  ? 95   THR A CG2 1 
ATOM   660  N N   . ALA A 1 96  ? 0.894   -8.916  -3.232  1.00 6.67  ? 96   ALA A N   1 
ATOM   661  C CA  . ALA A 1 96  ? 2.331   -8.893  -2.961  1.00 6.89  ? 96   ALA A CA  1 
ATOM   662  C C   . ALA A 1 96  ? 3.046   -8.073  -4.026  1.00 6.94  ? 96   ALA A C   1 
ATOM   663  O O   . ALA A 1 96  ? 2.865   -8.313  -5.220  1.00 7.70  ? 96   ALA A O   1 
ATOM   664  C CB  . ALA A 1 96  ? 2.882   -10.301 -2.926  1.00 7.32  ? 96   ALA A CB  1 
ATOM   665  N N   . MET A 1 97  ? 3.861   -7.112  -3.584  1.00 6.35  ? 97   MET A N   1 
ATOM   666  C CA  . MET A 1 97  ? 4.596   -6.226  -4.486  1.00 6.53  ? 97   MET A CA  1 
ATOM   667  C C   . MET A 1 97  ? 6.001   -6.687  -4.864  1.00 8.00  ? 97   MET A C   1 
ATOM   668  O O   . MET A 1 97  ? 6.750   -7.211  -4.039  1.00 6.66  ? 97   MET A O   1 
ATOM   669  C CB  . MET A 1 97  ? 4.718   -4.821  -3.876  1.00 7.02  ? 97   MET A CB  1 
ATOM   670  C CG  . MET A 1 97  ? 3.396   -4.116  -3.610  1.00 7.54  ? 97   MET A CG  1 
ATOM   671  S SD  . MET A 1 97  ? 2.376   -3.939  -5.084  1.00 10.57 ? 97   MET A SD  1 
ATOM   672  C CE  . MET A 1 97  ? 3.216   -2.584  -5.913  1.00 11.17 ? 97   MET A CE  1 
ATOM   673  N N   . SER A 1 98  ? 6.350   -6.463  -6.126  1.00 7.98  ? 98   SER A N   1 
ATOM   674  C CA  . SER A 1 98  ? 7.678   -6.778  -6.637  1.00 9.03  ? 98   SER A CA  1 
ATOM   675  C C   . SER A 1 98  ? 8.090   -5.655  -7.581  1.00 9.37  ? 98   SER A C   1 
ATOM   676  O O   . SER A 1 98  ? 7.243   -5.035  -8.233  1.00 11.09 ? 98   SER A O   1 
ATOM   677  C CB  . SER A 1 98  ? 7.684   -8.110  -7.387  1.00 9.23  ? 98   SER A CB  1 
ATOM   678  O OG  . SER A 1 98  ? 7.630   -9.192  -6.479  1.00 11.01 ? 98   SER A OG  1 
ATOM   679  N N   . GLY A 1 99  ? 9.387   -5.379  -7.643  1.00 9.97  ? 99   GLY A N   1 
ATOM   680  C CA  . GLY A 1 99  ? 9.862   -4.336  -8.534  1.00 8.50  ? 99   GLY A CA  1 
ATOM   681  C C   . GLY A 1 99  ? 9.471   -2.919  -8.167  1.00 9.63  ? 99   GLY A C   1 
ATOM   682  O O   . GLY A 1 99  ? 8.927   -2.657  -7.088  1.00 9.63  ? 99   GLY A O   1 
ATOM   683  N N   . ASN A 1 100 ? 9.733   -2.007  -9.098  1.00 8.94  ? 100  ASN A N   1 
ATOM   684  C CA  . ASN A 1 100 ? 9.474   -0.590  -8.913  1.00 9.61  ? 100  ASN A CA  1 
ATOM   685  C C   . ASN A 1 100 ? 8.521   0.022   -9.932  1.00 9.20  ? 100  ASN A C   1 
ATOM   686  O O   . ASN A 1 100 ? 8.457   1.240   -10.071 1.00 9.91  ? 100  ASN A O   1 
ATOM   687  C CB  . ASN A 1 100 ? 10.801  0.162   -8.956  1.00 9.96  ? 100  ASN A CB  1 
ATOM   688  C CG  . ASN A 1 100 ? 11.764  -0.310  -7.894  1.00 10.45 ? 100  ASN A CG  1 
ATOM   689  O OD1 . ASN A 1 100 ? 12.871  -0.778  -8.190  1.00 11.59 ? 100  ASN A OD1 1 
ATOM   690  N ND2 . ASN A 1 100 ? 11.347  -0.194  -6.639  1.00 9.28  ? 100  ASN A ND2 1 
ATOM   691  N N   . SER A 1 101 ? 7.777   -0.819  -10.639 1.00 9.76  ? 101  SER A N   1 
ATOM   692  C CA  . SER A 1 101 ? 6.836   -0.336  -11.638 1.00 9.40  ? 101  SER A CA  1 
ATOM   693  C C   . SER A 1 101 ? 5.406   -0.409  -11.126 1.00 9.70  ? 101  SER A C   1 
ATOM   694  O O   . SER A 1 101 ? 5.123   -1.068  -10.121 1.00 8.69  ? 101  SER A O   1 
ATOM   695  C CB  . SER A 1 101 ? 6.951   -1.169  -12.916 1.00 11.52 ? 101  SER A CB  1 
ATOM   696  O OG  . SER A 1 101 ? 8.265   -1.118  -13.440 1.00 12.45 ? 101  SER A OG  1 
ATOM   697  N N   . TRP A 1 102 ? 4.505   0.280   -11.820 1.00 9.35  ? 102  TRP A N   1 
ATOM   698  C CA  . TRP A 1 102 ? 3.103   0.256   -11.445 1.00 9.98  ? 102  TRP A CA  1 
ATOM   699  C C   . TRP A 1 102 ? 2.578   -1.149  -11.672 1.00 10.09 ? 102  TRP A C   1 
ATOM   700  O O   . TRP A 1 102 ? 2.829   -1.754  -12.718 1.00 10.73 ? 102  TRP A O   1 
ATOM   701  C CB  . TRP A 1 102 ? 2.301   1.245   -12.288 1.00 10.47 ? 102  TRP A CB  1 
ATOM   702  C CG  . TRP A 1 102 ? 2.521   2.665   -11.898 1.00 10.03 ? 102  TRP A CG  1 
ATOM   703  C CD1 . TRP A 1 102 ? 3.261   3.601   -12.566 1.00 11.61 ? 102  TRP A CD1 1 
ATOM   704  C CD2 . TRP A 1 102 ? 1.971   3.327   -10.755 1.00 10.80 ? 102  TRP A CD2 1 
ATOM   705  N NE1 . TRP A 1 102 ? 3.197   4.810   -11.911 1.00 12.82 ? 102  TRP A NE1 1 
ATOM   706  C CE2 . TRP A 1 102 ? 2.411   4.669   -10.796 1.00 11.43 ? 102  TRP A CE2 1 
ATOM   707  C CE3 . TRP A 1 102 ? 1.146   2.915   -9.698  1.00 9.75  ? 102  TRP A CE3 1 
ATOM   708  C CZ2 . TRP A 1 102 ? 2.052   5.605   -9.820  1.00 10.53 ? 102  TRP A CZ2 1 
ATOM   709  C CZ3 . TRP A 1 102 ? 0.788   3.842   -8.731  1.00 9.71  ? 102  TRP A CZ3 1 
ATOM   710  C CH2 . TRP A 1 102 ? 1.240   5.174   -8.799  1.00 9.93  ? 102  TRP A CH2 1 
ATOM   711  N N   . GLU A 1 103 ? 1.852   -1.665  -10.687 1.00 9.54  ? 103  GLU A N   1 
ATOM   712  C CA  . GLU A 1 103 ? 1.297   -3.003  -10.763 1.00 8.97  ? 103  GLU A CA  1 
ATOM   713  C C   . GLU A 1 103 ? -0.178  -2.970  -10.399 1.00 8.88  ? 103  GLU A C   1 
ATOM   714  O O   . GLU A 1 103 ? -0.613  -2.143  -9.602  1.00 8.85  ? 103  GLU A O   1 
ATOM   715  C CB  . GLU A 1 103 ? 2.043   -3.933  -9.801  1.00 12.10 ? 103  GLU A CB  1 
ATOM   716  C CG  . GLU A 1 103 ? 3.541   -4.016  -10.060 1.00 13.26 ? 103  GLU A CG  1 
ATOM   717  C CD  . GLU A 1 103 ? 3.864   -4.684  -11.386 1.00 17.47 ? 103  GLU A CD  1 
ATOM   718  O OE1 . GLU A 1 103 ? 4.994   -4.494  -11.887 1.00 18.37 ? 103  GLU A OE1 1 
ATOM   719  O OE2 . GLU A 1 103 ? 2.991   -5.407  -11.922 1.00 18.76 ? 103  GLU A OE2 1 
ATOM   720  N N   . ASN A 1 104 ? -0.947  -3.867  -11.004 1.00 8.31  ? 104  ASN A N   1 
ATOM   721  C CA  . ASN A 1 104 ? -2.373  -3.976  -10.737 1.00 8.77  ? 104  ASN A CA  1 
ATOM   722  C C   . ASN A 1 104 ? -2.487  -4.656  -9.380  1.00 8.02  ? 104  ASN A C   1 
ATOM   723  O O   . ASN A 1 104 ? -2.098  -5.814  -9.237  1.00 8.97  ? 104  ASN A O   1 
ATOM   724  C CB  . ASN A 1 104 ? -3.022  -4.833  -11.827 1.00 8.93  ? 104  ASN A CB  1 
ATOM   725  C CG  . ASN A 1 104 ? -4.510  -5.031  -11.627 1.00 10.05 ? 104  ASN A CG  1 
ATOM   726  O OD1 . ASN A 1 104 ? -5.185  -5.561  -12.507 1.00 17.48 ? 104  ASN A OD1 1 
ATOM   727  N ND2 . ASN A 1 104 ? -5.028  -4.625  -10.483 1.00 8.79  ? 104  ASN A ND2 1 
ATOM   728  N N   . VAL A 1 105 ? -3.004  -3.941  -8.383  1.00 7.85  ? 105  VAL A N   1 
ATOM   729  C CA  . VAL A 1 105 ? -3.133  -4.518  -7.045  1.00 7.84  ? 105  VAL A CA  1 
ATOM   730  C C   . VAL A 1 105 ? -4.582  -4.785  -6.626  1.00 8.34  ? 105  VAL A C   1 
ATOM   731  O O   . VAL A 1 105 ? -4.836  -5.352  -5.561  1.00 7.81  ? 105  VAL A O   1 
ATOM   732  C CB  . VAL A 1 105 ? -2.414  -3.633  -5.989  1.00 7.90  ? 105  VAL A CB  1 
ATOM   733  C CG1 . VAL A 1 105 ? -0.922  -3.539  -6.331  1.00 6.04  ? 105  VAL A CG1 1 
ATOM   734  C CG2 . VAL A 1 105 ? -3.041  -2.253  -5.935  1.00 6.00  ? 105  VAL A CG2 1 
ATOM   735  N N   . PHE A 1 106 ? -5.524  -4.366  -7.469  1.00 8.18  ? 106  PHE A N   1 
ATOM   736  C CA  . PHE A 1 106 ? -6.955  -4.590  -7.250  1.00 8.15  ? 106  PHE A CA  1 
ATOM   737  C C   . PHE A 1 106 ? -7.619  -4.546  -8.622  1.00 7.92  ? 106  PHE A C   1 
ATOM   738  O O   . PHE A 1 106 ? -7.672  -3.492  -9.254  1.00 7.32  ? 106  PHE A O   1 
ATOM   739  C CB  . PHE A 1 106 ? -7.575  -3.525  -6.333  1.00 7.03  ? 106  PHE A CB  1 
ATOM   740  C CG  . PHE A 1 106 ? -9.074  -3.671  -6.157  1.00 7.96  ? 106  PHE A CG  1 
ATOM   741  C CD1 . PHE A 1 106 ? -9.652  -4.927  -5.957  1.00 7.00  ? 106  PHE A CD1 1 
ATOM   742  C CD2 . PHE A 1 106 ? -9.906  -2.554  -6.188  1.00 7.43  ? 106  PHE A CD2 1 
ATOM   743  C CE1 . PHE A 1 106 ? -11.033 -5.067  -5.795  1.00 8.03  ? 106  PHE A CE1 1 
ATOM   744  C CE2 . PHE A 1 106 ? -11.286 -2.683  -6.028  1.00 7.94  ? 106  PHE A CE2 1 
ATOM   745  C CZ  . PHE A 1 106 ? -11.853 -3.942  -5.831  1.00 7.35  ? 106  PHE A CZ  1 
ATOM   746  N N   . SER A 1 107 ? -8.104  -5.700  -9.075  1.00 7.29  ? 107  SER A N   1 
ATOM   747  C CA  . SER A 1 107 ? -8.740  -5.824  -10.383 1.00 9.48  ? 107  SER A CA  1 
ATOM   748  C C   . SER A 1 107 ? -9.873  -4.828  -10.586 1.00 9.23  ? 107  SER A C   1 
ATOM   749  O O   . SER A 1 107 ? -10.098 -4.361  -11.704 1.00 11.35 ? 107  SER A O   1 
ATOM   750  C CB  . SER A 1 107 ? -9.251  -7.253  -10.587 0.65 10.61 ? 107  SER A CB  1 
ATOM   751  O OG  . SER A 1 107 ? -10.179 -7.614  -9.579  0.65 14.44 ? 107  SER A OG  1 
ATOM   752  N N   . GLY A 1 108 ? -10.601 -4.519  -9.513  1.00 8.73  ? 108  GLY A N   1 
ATOM   753  C CA  . GLY A 1 108 ? -11.663 -3.534  -9.608  1.00 7.25  ? 108  GLY A CA  1 
ATOM   754  C C   . GLY A 1 108 ? -13.103 -4.001  -9.531  1.00 8.24  ? 108  GLY A C   1 
ATOM   755  O O   . GLY A 1 108 ? -13.400 -5.198  -9.544  1.00 8.57  ? 108  GLY A O   1 
ATOM   756  N N   . TRP A 1 109 ? -14.005 -3.028  -9.441  1.00 7.76  ? 109  TRP A N   1 
ATOM   757  C CA  . TRP A 1 109 ? -15.437 -3.296  -9.386  1.00 8.94  ? 109  TRP A CA  1 
ATOM   758  C C   . TRP A 1 109 ? -16.184 -2.080  -9.914  1.00 8.77  ? 109  TRP A C   1 
ATOM   759  O O   . TRP A 1 109 ? -15.597 -1.007  -10.092 1.00 8.93  ? 109  TRP A O   1 
ATOM   760  C CB  . TRP A 1 109 ? -15.895 -3.596  -7.948  1.00 7.96  ? 109  TRP A CB  1 
ATOM   761  C CG  . TRP A 1 109 ? -15.959 -2.395  -7.039  1.00 7.48  ? 109  TRP A CG  1 
ATOM   762  C CD1 . TRP A 1 109 ? -14.930 -1.566  -6.699  1.00 6.17  ? 109  TRP A CD1 1 
ATOM   763  C CD2 . TRP A 1 109 ? -17.114 -1.903  -6.349  1.00 6.74  ? 109  TRP A CD2 1 
ATOM   764  N NE1 . TRP A 1 109 ? -15.371 -0.587  -5.837  1.00 6.42  ? 109  TRP A NE1 1 
ATOM   765  C CE2 . TRP A 1 109 ? -16.709 -0.771  -5.607  1.00 7.05  ? 109  TRP A CE2 1 
ATOM   766  C CE3 . TRP A 1 109 ? -18.452 -2.307  -6.284  1.00 7.88  ? 109  TRP A CE3 1 
ATOM   767  C CZ2 . TRP A 1 109 ? -17.597 -0.037  -4.809  1.00 7.78  ? 109  TRP A CZ2 1 
ATOM   768  C CZ3 . TRP A 1 109 ? -19.336 -1.575  -5.489  1.00 8.31  ? 109  TRP A CZ3 1 
ATOM   769  C CH2 . TRP A 1 109 ? -18.901 -0.453  -4.764  1.00 9.20  ? 109  TRP A CH2 1 
ATOM   770  N N   . CYS A 1 110 ? -17.472 -2.256  -10.184 1.00 9.60  ? 110  CYS A N   1 
ATOM   771  C CA  . CYS A 1 110 ? -18.299 -1.159  -10.662 1.00 8.98  ? 110  CYS A CA  1 
ATOM   772  C C   . CYS A 1 110 ? -19.469 -0.971  -9.711  1.00 8.70  ? 110  CYS A C   1 
ATOM   773  O O   . CYS A 1 110 ? -20.150 -1.933  -9.360  1.00 8.27  ? 110  CYS A O   1 
ATOM   774  C CB  . CYS A 1 110 ? -18.861 -1.452  -12.044 1.00 10.44 ? 110  CYS A CB  1 
ATOM   775  S SG  . CYS A 1 110 ? -17.669 -1.893  -13.341 1.00 12.49 ? 110  CYS A SG  1 
ATOM   776  N N   . VAL A 1 111 ? -19.695 0.269   -9.295  1.00 7.66  ? 111  VAL A N   1 
ATOM   777  C CA  . VAL A 1 111 ? -20.803 0.576   -8.406  1.00 7.87  ? 111  VAL A CA  1 
ATOM   778  C C   . VAL A 1 111 ? -22.087 0.597   -9.248  1.00 8.93  ? 111  VAL A C   1 
ATOM   779  O O   . VAL A 1 111 ? -22.041 0.821   -10.464 1.00 8.78  ? 111  VAL A O   1 
ATOM   780  C CB  . VAL A 1 111 ? -20.579 1.948   -7.699  1.00 6.74  ? 111  VAL A CB  1 
ATOM   781  C CG1 . VAL A 1 111 ? -20.635 3.087   -8.705  1.00 7.09  ? 111  VAL A CG1 1 
ATOM   782  C CG2 . VAL A 1 111 ? -21.597 2.145   -6.585  1.00 6.29  ? 111  VAL A CG2 1 
ATOM   783  N N   . GLY A 1 112 ? -23.224 0.342   -8.607  1.00 9.30  ? 112  GLY A N   1 
ATOM   784  C CA  . GLY A 1 112 ? -24.494 0.329   -9.319  1.00 9.80  ? 112  GLY A CA  1 
ATOM   785  C C   . GLY A 1 112 ? -24.762 1.567   -10.156 1.00 10.37 ? 112  GLY A C   1 
ATOM   786  O O   . GLY A 1 112 ? -24.300 2.662   -9.830  1.00 10.25 ? 112  GLY A O   1 
ATOM   787  N N   . ALA A 1 113 ? -25.524 1.389   -11.232 1.00 10.01 ? 113  ALA A N   1 
ATOM   788  C CA  . ALA A 1 113 ? -25.855 2.491   -12.130 1.00 12.17 ? 113  ALA A CA  1 
ATOM   789  C C   . ALA A 1 113 ? -26.652 3.584   -11.430 1.00 13.48 ? 113  ALA A C   1 
ATOM   790  O O   . ALA A 1 113 ? -26.628 4.742   -11.837 1.00 13.53 ? 113  ALA A O   1 
ATOM   791  C CB  . ALA A 1 113 ? -26.647 1.970   -13.326 1.00 12.57 ? 113  ALA A CB  1 
ATOM   792  N N   . ASN A 1 114 ? -27.354 3.214   -10.369 1.00 15.15 ? 114  ASN A N   1 
ATOM   793  C CA  . ASN A 1 114 ? -28.170 4.177   -9.651  1.00 15.68 ? 114  ASN A CA  1 
ATOM   794  C C   . ASN A 1 114 ? -27.842 4.215   -8.159  1.00 14.73 ? 114  ASN A C   1 
ATOM   795  O O   . ASN A 1 114 ? -28.705 4.512   -7.336  1.00 14.13 ? 114  ASN A O   1 
ATOM   796  C CB  . ASN A 1 114 ? -29.649 3.840   -9.869  1.00 21.98 ? 114  ASN A CB  1 
ATOM   797  C CG  . ASN A 1 114 ? -30.575 4.958   -9.438  1.00 27.73 ? 114  ASN A CG  1 
ATOM   798  O OD1 . ASN A 1 114 ? -30.382 6.123   -9.806  1.00 31.22 ? 114  ASN A OD1 1 
ATOM   799  N ND2 . ASN A 1 114 ? -31.599 4.611   -8.661  1.00 31.42 ? 114  ASN A ND2 1 
ATOM   800  N N   . THR A 1 115 ? -26.597 3.903   -7.808  1.00 12.56 ? 115  THR A N   1 
ATOM   801  C CA  . THR A 1 115 ? -26.195 3.936   -6.406  1.00 13.31 ? 115  THR A CA  1 
ATOM   802  C C   . THR A 1 115 ? -24.819 4.566   -6.212  1.00 11.30 ? 115  THR A C   1 
ATOM   803  O O   . THR A 1 115 ? -24.092 4.842   -7.173  1.00 10.47 ? 115  THR A O   1 
ATOM   804  C CB  . THR A 1 115 ? -26.196 2.525   -5.758  1.00 13.20 ? 115  THR A CB  1 
ATOM   805  O OG1 . THR A 1 115 ? -25.161 1.726   -6.332  1.00 15.20 ? 115  THR A OG1 1 
ATOM   806  C CG2 . THR A 1 115 ? -27.527 1.840   -5.980  1.00 17.30 ? 115  THR A CG2 1 
ATOM   807  N N   . ALA A 1 116 ? -24.475 4.792   -4.951  1.00 10.78 ? 116  ALA A N   1 
ATOM   808  C CA  . ALA A 1 116 ? -23.204 5.397   -4.590  1.00 8.80  ? 116  ALA A CA  1 
ATOM   809  C C   . ALA A 1 116 ? -22.496 4.557   -3.545  1.00 9.10  ? 116  ALA A C   1 
ATOM   810  O O   . ALA A 1 116 ? -23.131 3.815   -2.790  1.00 8.33  ? 116  ALA A O   1 
ATOM   811  C CB  . ALA A 1 116 ? -23.439 6.801   -4.045  1.00 8.44  ? 116  ALA A CB  1 
ATOM   812  N N   . SER A 1 117 ? -21.173 4.680   -3.511  1.00 8.79  ? 117  SER A N   1 
ATOM   813  C CA  . SER A 1 117 ? -20.350 3.967   -2.545  1.00 9.07  ? 117  SER A CA  1 
ATOM   814  C C   . SER A 1 117 ? -18.988 4.659   -2.510  1.00 8.04  ? 117  SER A C   1 
ATOM   815  O O   . SER A 1 117 ? -18.843 5.794   -2.967  1.00 7.85  ? 117  SER A O   1 
ATOM   816  C CB  . SER A 1 117 ? -20.202 2.496   -2.950  1.00 9.08  ? 117  SER A CB  1 
ATOM   817  O OG  . SER A 1 117 ? -19.628 1.736   -1.904  1.00 11.15 ? 117  SER A OG  1 
ATOM   818  N N   . THR A 1 118 ? -17.992 3.981   -1.963  1.00 8.40  ? 118  THR A N   1 
ATOM   819  C CA  . THR A 1 118 ? -16.658 4.552   -1.892  1.00 8.36  ? 118  THR A CA  1 
ATOM   820  C C   . THR A 1 118 ? -15.670 3.489   -2.321  1.00 8.41  ? 118  THR A C   1 
ATOM   821  O O   . THR A 1 118 ? -16.003 2.299   -2.372  1.00 7.94  ? 118  THR A O   1 
ATOM   822  C CB  . THR A 1 118 ? -16.299 4.991   -0.448  1.00 8.80  ? 118  THR A CB  1 
ATOM   823  O OG1 . THR A 1 118 ? -16.395 3.862   0.430   1.00 9.67  ? 118  THR A OG1 1 
ATOM   824  C CG2 . THR A 1 118 ? -17.243 6.088   0.039   1.00 9.61  ? 118  THR A CG2 1 
ATOM   825  N N   . GLN A 1 119 ? -14.460 3.926   -2.650  1.00 7.25  ? 119  GLN A N   1 
ATOM   826  C CA  . GLN A 1 119 ? -13.392 3.014   -3.033  1.00 6.19  ? 119  GLN A CA  1 
ATOM   827  C C   . GLN A 1 119 ? -12.263 3.267   -2.051  1.00 6.73  ? 119  GLN A C   1 
ATOM   828  O O   . GLN A 1 119 ? -11.851 4.410   -1.859  1.00 6.98  ? 119  GLN A O   1 
ATOM   829  C CB  . GLN A 1 119 ? -12.913 3.288   -4.459  1.00 6.49  ? 119  GLN A CB  1 
ATOM   830  C CG  . GLN A 1 119 ? -11.666 2.502   -4.875  1.00 5.48  ? 119  GLN A CG  1 
ATOM   831  C CD  . GLN A 1 119 ? -11.850 0.993   -4.805  1.00 4.67  ? 119  GLN A CD  1 
ATOM   832  O OE1 . GLN A 1 119 ? -12.826 0.449   -5.321  1.00 6.59  ? 119  GLN A OE1 1 
ATOM   833  N NE2 . GLN A 1 119 ? -10.900 0.308   -4.171  1.00 6.48  ? 119  GLN A NE2 1 
ATOM   834  N N   . GLY A 1 120 ? -11.774 2.200   -1.429  1.00 6.39  ? 120  GLY A N   1 
ATOM   835  C CA  . GLY A 1 120 ? -10.704 2.328   -0.457  1.00 6.62  ? 120  GLY A CA  1 
ATOM   836  C C   . GLY A 1 120 ? -9.428  1.629   -0.881  1.00 6.10  ? 120  GLY A C   1 
ATOM   837  O O   . GLY A 1 120 ? -9.250  1.284   -2.048  1.00 5.44  ? 120  GLY A O   1 
ATOM   838  N N   . LEU A 1 121 ? -8.534  1.426   0.080   1.00 5.66  ? 121  LEU A N   1 
ATOM   839  C CA  . LEU A 1 121 ? -7.264  0.774   -0.194  1.00 6.07  ? 121  LEU A CA  1 
ATOM   840  C C   . LEU A 1 121 ? -6.560  0.417   1.102   1.00 6.11  ? 121  LEU A C   1 
ATOM   841  O O   . LEU A 1 121 ? -6.962  0.860   2.181   1.00 6.33  ? 121  LEU A O   1 
ATOM   842  C CB  . LEU A 1 121 ? -6.367  1.703   -1.019  1.00 6.54  ? 121  LEU A CB  1 
ATOM   843  C CG  . LEU A 1 121 ? -6.138  3.125   -0.484  1.00 8.62  ? 121  LEU A CG  1 
ATOM   844  C CD1 . LEU A 1 121 ? -5.231  3.117   0.740   1.00 10.52 ? 121  LEU A CD1 1 
ATOM   845  C CD2 . LEU A 1 121 ? -5.508  3.959   -1.587  1.00 9.59  ? 121  LEU A CD2 1 
ATOM   846  N N   . SER A 1 122 ? -5.512  -0.392  0.988   1.00 5.80  ? 122  SER A N   1 
ATOM   847  C CA  . SER A 1 122 ? -4.725  -0.776  2.143   1.00 5.78  ? 122  SER A CA  1 
ATOM   848  C C   . SER A 1 122 ? -3.291  -1.031  1.716   1.00 5.85  ? 122  SER A C   1 
ATOM   849  O O   . SER A 1 122 ? -3.021  -1.432  0.581   1.00 5.56  ? 122  SER A O   1 
ATOM   850  C CB  . SER A 1 122 ? -5.297  -2.031  2.808   1.00 7.19  ? 122  SER A CB  1 
ATOM   851  O OG  . SER A 1 122 ? -5.137  -3.173  1.989   1.00 8.86  ? 122  SER A OG  1 
ATOM   852  N N   . VAL A 1 123 ? -2.373  -0.754  2.630   1.00 5.98  ? 123  VAL A N   1 
ATOM   853  C CA  . VAL A 1 123 ? -0.956  -0.984  2.395   1.00 7.22  ? 123  VAL A CA  1 
ATOM   854  C C   . VAL A 1 123 ? -0.505  -1.657  3.671   1.00 6.79  ? 123  VAL A C   1 
ATOM   855  O O   . VAL A 1 123 ? -0.865  -1.230  4.766   1.00 7.48  ? 123  VAL A O   1 
ATOM   856  C CB  . VAL A 1 123 ? -0.157  0.330   2.201   1.00 7.71  ? 123  VAL A CB  1 
ATOM   857  C CG1 . VAL A 1 123 ? 1.327   0.010   2.021   1.00 7.57  ? 123  VAL A CG1 1 
ATOM   858  C CG2 . VAL A 1 123 ? -0.682  1.086   0.991   1.00 7.80  ? 123  VAL A CG2 1 
ATOM   859  N N   . ARG A 1 124 ? 0.269   -2.721  3.535   1.00 6.80  ? 124  ARG A N   1 
ATOM   860  C CA  . ARG A 1 124 ? 0.731   -3.445  4.700   1.00 7.87  ? 124  ARG A CA  1 
ATOM   861  C C   . ARG A 1 124 ? 2.164   -3.888  4.468   1.00 8.21  ? 124  ARG A C   1 
ATOM   862  O O   . ARG A 1 124 ? 2.543   -4.181  3.334   1.00 8.15  ? 124  ARG A O   1 
ATOM   863  C CB  . ARG A 1 124 ? -0.176  -4.659  4.914   1.00 11.25 ? 124  ARG A CB  1 
ATOM   864  C CG  . ARG A 1 124 ? 0.160   -5.491  6.125   1.00 14.20 ? 124  ARG A CG  1 
ATOM   865  C CD  . ARG A 1 124 ? -0.842  -6.602  6.302   1.00 15.35 ? 124  ARG A CD  1 
ATOM   866  N NE  . ARG A 1 124 ? -0.894  -7.516  5.164   1.00 16.82 ? 124  ARG A NE  1 
ATOM   867  C CZ  . ARG A 1 124 ? -0.110  -8.576  5.015   1.00 18.56 ? 124  ARG A CZ  1 
ATOM   868  N NH1 . ARG A 1 124 ? 0.802   -8.864  5.934   1.00 19.05 ? 124  ARG A NH1 1 
ATOM   869  N NH2 . ARG A 1 124 ? -0.248  -9.359  3.955   1.00 19.99 ? 124  ARG A NH2 1 
ATOM   870  N N   . VAL A 1 125 ? 2.963   -3.925  5.530   1.00 7.62  ? 125  VAL A N   1 
ATOM   871  C CA  . VAL A 1 125 ? 4.349   -4.356  5.407   1.00 7.18  ? 125  VAL A CA  1 
ATOM   872  C C   . VAL A 1 125 ? 4.760   -5.222  6.590   1.00 8.02  ? 125  VAL A C   1 
ATOM   873  O O   . VAL A 1 125 ? 4.144   -5.166  7.650   1.00 8.34  ? 125  VAL A O   1 
ATOM   874  C CB  . VAL A 1 125 ? 5.331   -3.161  5.348   1.00 6.50  ? 125  VAL A CB  1 
ATOM   875  C CG1 . VAL A 1 125 ? 4.872   -2.151  4.310   1.00 6.96  ? 125  VAL A CG1 1 
ATOM   876  C CG2 . VAL A 1 125 ? 5.451   -2.519  6.719   1.00 6.70  ? 125  VAL A CG2 1 
ATOM   877  N N   . THR A 1 126 ? 5.787   -6.043  6.389   1.00 8.25  ? 126  THR A N   1 
ATOM   878  C CA  . THR A 1 126 ? 6.325   -6.875  7.459   1.00 9.40  ? 126  THR A CA  1 
ATOM   879  C C   . THR A 1 126 ? 7.832   -6.733  7.402   1.00 9.49  ? 126  THR A C   1 
ATOM   880  O O   . THR A 1 126 ? 8.440   -6.854  6.335   1.00 9.67  ? 126  THR A O   1 
ATOM   881  C CB  . THR A 1 126 ? 5.962   -8.369  7.328   1.00 10.48 ? 126  THR A CB  1 
ATOM   882  O OG1 . THR A 1 126 ? 6.284   -8.840  6.019   1.00 12.27 ? 126  THR A OG1 1 
ATOM   883  C CG2 . THR A 1 126 ? 4.501   -8.582  7.611   1.00 11.80 ? 126  THR A CG2 1 
ATOM   884  N N   . PRO A 1 127 ? 8.454   -6.455  8.556   1.00 9.88  ? 127  PRO A N   1 
ATOM   885  C CA  . PRO A 1 127 ? 9.902   -6.279  8.681   1.00 9.86  ? 127  PRO A CA  1 
ATOM   886  C C   . PRO A 1 127 ? 10.690  -7.532  8.335   1.00 9.43  ? 127  PRO A C   1 
ATOM   887  O O   . PRO A 1 127 ? 10.229  -8.656  8.553   1.00 9.45  ? 127  PRO A O   1 
ATOM   888  C CB  . PRO A 1 127 ? 10.080  -5.881  10.146  1.00 10.60 ? 127  PRO A CB  1 
ATOM   889  C CG  . PRO A 1 127 ? 8.761   -5.238  10.485  1.00 11.39 ? 127  PRO A CG  1 
ATOM   890  C CD  . PRO A 1 127 ? 7.783   -6.172  9.835   1.00 9.92  ? 127  PRO A CD  1 
ATOM   891  N N   . VAL A 1 128 ? 11.885  -7.313  7.803   1.00 8.87  ? 128  VAL A N   1 
ATOM   892  C CA  . VAL A 1 128 ? 12.795  -8.379  7.410   1.00 9.80  ? 128  VAL A CA  1 
ATOM   893  C C   . VAL A 1 128 ? 14.188  -7.986  7.884   1.00 9.50  ? 128  VAL A C   1 
ATOM   894  O O   . VAL A 1 128 ? 14.688  -6.933  7.510   1.00 9.55  ? 128  VAL A O   1 
ATOM   895  C CB  . VAL A 1 128 ? 12.835  -8.528  5.878   1.00 9.66  ? 128  VAL A CB  1 
ATOM   896  C CG1 . VAL A 1 128 ? 13.900  -9.533  5.478   1.00 12.10 ? 128  VAL A CG1 1 
ATOM   897  C CG2 . VAL A 1 128 ? 11.469  -8.934  5.366   1.00 9.94  ? 128  VAL A CG2 1 
ATOM   898  N N   . ILE A 1 129 ? 14.805  -8.810  8.726   1.00 11.03 ? 129  ILE A N   1 
ATOM   899  C CA  . ILE A 1 129 ? 16.151  -8.508  9.194   1.00 11.92 ? 129  ILE A CA  1 
ATOM   900  C C   . ILE A 1 129 ? 17.147  -9.021  8.161   1.00 13.21 ? 129  ILE A C   1 
ATOM   901  O O   . ILE A 1 129 ? 17.169  -10.211 7.835   1.00 13.80 ? 129  ILE A O   1 
ATOM   902  C CB  . ILE A 1 129 ? 16.444  -9.152  10.565  1.00 13.47 ? 129  ILE A CB  1 
ATOM   903  C CG1 . ILE A 1 129 ? 15.545  -8.520  11.627  1.00 15.08 ? 129  ILE A CG1 1 
ATOM   904  C CG2 . ILE A 1 129 ? 17.912  -8.956  10.935  1.00 12.86 ? 129  ILE A CG2 1 
ATOM   905  C CD1 . ILE A 1 129 ? 15.639  -7.012  11.677  1.00 14.60 ? 129  ILE A CD1 1 
ATOM   906  N N   . LEU A 1 130 ? 17.955  -8.104  7.637   1.00 14.55 ? 130  LEU A N   1 
ATOM   907  C CA  . LEU A 1 130 ? 18.955  -8.426  6.628   1.00 16.02 ? 130  LEU A CA  1 
ATOM   908  C C   . LEU A 1 130 ? 20.317  -8.649  7.274   1.00 18.01 ? 130  LEU A C   1 
ATOM   909  O O   . LEU A 1 130 ? 21.077  -9.530  6.865   1.00 16.86 ? 130  LEU A O   1 
ATOM   910  C CB  . LEU A 1 130 ? 19.045  -7.282  5.625   1.00 15.82 ? 130  LEU A CB  1 
ATOM   911  C CG  . LEU A 1 130 ? 17.718  -6.900  4.968   1.00 16.60 ? 130  LEU A CG  1 
ATOM   912  C CD1 . LEU A 1 130 ? 17.928  -5.687  4.069   1.00 16.53 ? 130  LEU A CD1 1 
ATOM   913  C CD2 . LEU A 1 130 ? 17.169  -8.097  4.178   1.00 16.17 ? 130  LEU A CD2 1 
ATOM   914  N N   . LYS A 1 131 ? 20.617  -7.827  8.275   1.00 19.40 ? 131  LYS A N   1 
ATOM   915  C CA  . LYS A 1 131 ? 21.867  -7.914  9.016   1.00 22.46 ? 131  LYS A CA  1 
ATOM   916  C C   . LYS A 1 131 ? 21.544  -7.757  10.487  1.00 23.36 ? 131  LYS A C   1 
ATOM   917  O O   . LYS A 1 131 ? 20.676  -6.974  10.855  1.00 24.54 ? 131  LYS A O   1 
ATOM   918  C CB  . LYS A 1 131 ? 22.844  -6.816  8.579   1.00 23.86 ? 131  LYS A CB  1 
ATOM   919  C CG  . LYS A 1 131 ? 23.275  -6.933  7.127   1.00 26.72 ? 131  LYS A CG  1 
ATOM   920  C CD  . LYS A 1 131 ? 23.820  -8.327  6.840   1.00 30.73 ? 131  LYS A CD  1 
ATOM   921  C CE  . LYS A 1 131 ? 23.903  -8.601  5.346   1.00 32.30 ? 131  LYS A CE  1 
ATOM   922  N NZ  . LYS A 1 131 ? 24.179  -10.038 5.074   1.00 33.93 ? 131  LYS A NZ  1 
ATOM   923  N N   . ARG A 1 132 ? 22.246  -8.507  11.324  1.00 26.20 ? 132  ARG A N   1 
ATOM   924  C CA  . ARG A 1 132 ? 22.028  -8.471  12.762  1.00 29.34 ? 132  ARG A CA  1 
ATOM   925  C C   . ARG A 1 132 ? 23.191  -7.766  13.461  1.00 29.79 ? 132  ARG A C   1 
ATOM   926  O O   . ARG A 1 132 ? 24.339  -7.893  13.036  1.00 30.78 ? 132  ARG A O   1 
ATOM   927  C CB  . ARG A 1 132 ? 21.868  -9.912  13.265  1.00 32.75 ? 132  ARG A CB  1 
ATOM   928  C CG  . ARG A 1 132 ? 21.835  -10.083 14.771  1.00 40.27 ? 132  ARG A CG  1 
ATOM   929  C CD  . ARG A 1 132 ? 21.096  -11.359 15.178  1.00 45.15 ? 132  ARG A CD  1 
ATOM   930  N NE  . ARG A 1 132 ? 19.644  -11.175 15.157  1.00 52.86 ? 132  ARG A NE  1 
ATOM   931  C CZ  . ARG A 1 132 ? 18.897  -11.143 14.054  1.00 56.04 ? 132  ARG A CZ  1 
ATOM   932  N NH1 . ARG A 1 132 ? 17.584  -10.960 14.146  1.00 57.53 ? 132  ARG A NH1 1 
ATOM   933  N NH2 . ARG A 1 132 ? 19.449  -11.316 12.861  1.00 58.02 ? 132  ARG A NH2 1 
ATOM   934  N N   . ASN A 1 133 ? 22.903  -7.014  14.520  1.00 29.12 ? 133  ASN A N   1 
ATOM   935  C CA  . ASN A 1 133 ? 23.961  -6.316  15.250  1.00 30.50 ? 133  ASN A CA  1 
ATOM   936  C C   . ASN A 1 133 ? 24.095  -6.791  16.693  1.00 29.61 ? 133  ASN A C   1 
ATOM   937  O O   . ASN A 1 133 ? 23.246  -7.525  17.196  1.00 29.89 ? 133  ASN A O   1 
ATOM   938  C CB  . ASN A 1 133 ? 23.731  -4.799  15.229  1.00 32.17 ? 133  ASN A CB  1 
ATOM   939  C CG  . ASN A 1 133 ? 22.456  -4.378  15.950  1.00 34.70 ? 133  ASN A CG  1 
ATOM   940  O OD1 . ASN A 1 133 ? 22.130  -3.192  16.004  1.00 36.44 ? 133  ASN A OD1 1 
ATOM   941  N ND2 . ASN A 1 133 ? 21.728  -5.344  16.499  1.00 35.87 ? 133  ASN A ND2 1 
ATOM   942  N N   . ARG A 1 137 ? 18.322  -4.752  18.736  1.00 28.76 ? 137  ARG A N   1 
ATOM   943  C CA  . ARG A 1 137 ? 17.315  -3.775  18.331  1.00 28.20 ? 137  ARG A CA  1 
ATOM   944  C C   . ARG A 1 137 ? 17.663  -3.039  17.044  1.00 25.75 ? 137  ARG A C   1 
ATOM   945  O O   . ARG A 1 137 ? 18.821  -2.704  16.796  1.00 25.11 ? 137  ARG A O   1 
ATOM   946  C CB  . ARG A 1 137 ? 17.084  -2.759  19.444  1.00 30.70 ? 137  ARG A CB  1 
ATOM   947  C CG  . ARG A 1 137 ? 16.287  -3.305  20.604  1.00 36.05 ? 137  ARG A CG  1 
ATOM   948  C CD  . ARG A 1 137 ? 16.081  -2.267  21.694  1.00 40.65 ? 137  ARG A CD  1 
ATOM   949  N NE  . ARG A 1 137 ? 15.354  -1.087  21.234  1.00 44.46 ? 137  ARG A NE  1 
ATOM   950  C CZ  . ARG A 1 137 ? 15.906  -0.082  20.561  1.00 46.71 ? 137  ARG A CZ  1 
ATOM   951  N NH1 . ARG A 1 137 ? 15.164  0.953   20.184  1.00 47.12 ? 137  ARG A NH1 1 
ATOM   952  N NH2 . ARG A 1 137 ? 17.201  -0.104  20.271  1.00 47.81 ? 137  ARG A NH2 1 
ATOM   953  N N   . TYR A 1 138 ? 16.638  -2.781  16.237  1.00 21.88 ? 138  TYR A N   1 
ATOM   954  C CA  . TYR A 1 138 ? 16.817  -2.095  14.968  1.00 21.04 ? 138  TYR A CA  1 
ATOM   955  C C   . TYR A 1 138 ? 15.757  -1.014  14.813  1.00 20.39 ? 138  TYR A C   1 
ATOM   956  O O   . TYR A 1 138 ? 14.560  -1.283  14.916  1.00 20.60 ? 138  TYR A O   1 
ATOM   957  C CB  . TYR A 1 138 ? 16.706  -3.090  13.809  1.00 21.05 ? 138  TYR A CB  1 
ATOM   958  C CG  . TYR A 1 138 ? 17.470  -4.374  14.042  1.00 22.15 ? 138  TYR A CG  1 
ATOM   959  C CD1 . TYR A 1 138 ? 17.042  -5.294  14.996  1.00 23.85 ? 138  TYR A CD1 1 
ATOM   960  C CD2 . TYR A 1 138 ? 18.628  -4.661  13.328  1.00 23.33 ? 138  TYR A CD2 1 
ATOM   961  C CE1 . TYR A 1 138 ? 17.746  -6.469  15.237  1.00 25.52 ? 138  TYR A CE1 1 
ATOM   962  C CE2 . TYR A 1 138 ? 19.344  -5.836  13.561  1.00 24.99 ? 138  TYR A CE2 1 
ATOM   963  C CZ  . TYR A 1 138 ? 18.896  -6.734  14.518  1.00 25.22 ? 138  TYR A CZ  1 
ATOM   964  O OH  . TYR A 1 138 ? 19.597  -7.893  14.763  1.00 26.63 ? 138  TYR A OH  1 
ATOM   965  N N   . SER A 1 139 ? 16.201  0.211   14.564  1.00 18.93 ? 139  SER A N   1 
ATOM   966  C CA  . SER A 1 139 ? 15.278  1.325   14.398  1.00 19.60 ? 139  SER A CA  1 
ATOM   967  C C   . SER A 1 139 ? 15.290  1.893   12.988  1.00 17.64 ? 139  SER A C   1 
ATOM   968  O O   . SER A 1 139 ? 16.345  2.078   12.385  1.00 18.15 ? 139  SER A O   1 
ATOM   969  C CB  . SER A 1 139 ? 15.602  2.439   15.395  1.00 21.21 ? 139  SER A CB  1 
ATOM   970  O OG  . SER A 1 139 ? 15.225  2.066   16.708  1.00 25.91 ? 139  SER A OG  1 
ATOM   971  N N   . VAL A 1 140 ? 14.099  2.164   12.470  1.00 14.59 ? 140  VAL A N   1 
ATOM   972  C CA  . VAL A 1 140 ? 13.948  2.728   11.143  1.00 12.65 ? 140  VAL A CA  1 
ATOM   973  C C   . VAL A 1 140 ? 13.171  4.030   11.297  1.00 13.06 ? 140  VAL A C   1 
ATOM   974  O O   . VAL A 1 140 ? 12.276  4.127   12.137  1.00 12.56 ? 140  VAL A O   1 
ATOM   975  C CB  . VAL A 1 140 ? 13.190  1.749   10.217  1.00 13.24 ? 140  VAL A CB  1 
ATOM   976  C CG1 . VAL A 1 140 ? 12.892  2.410   8.883   1.00 14.92 ? 140  VAL A CG1 1 
ATOM   977  C CG2 . VAL A 1 140 ? 14.032  0.484   10.004  1.00 11.66 ? 140  VAL A CG2 1 
ATOM   978  N N   . GLN A 1 141 ? 13.525  5.032   10.498  1.00 12.50 ? 141  GLN A N   1 
ATOM   979  C CA  . GLN A 1 141 ? 12.861  6.331   10.561  1.00 12.95 ? 141  GLN A CA  1 
ATOM   980  C C   . GLN A 1 141 ? 11.766  6.441   9.505   1.00 11.78 ? 141  GLN A C   1 
ATOM   981  O O   . GLN A 1 141 ? 11.591  5.526   8.697   1.00 10.49 ? 141  GLN A O   1 
ATOM   982  C CB  . GLN A 1 141 ? 13.894  7.440   10.377  1.00 15.53 ? 141  GLN A CB  1 
ATOM   983  C CG  . GLN A 1 141 ? 15.025  7.370   11.388  1.00 20.67 ? 141  GLN A CG  1 
ATOM   984  C CD  . GLN A 1 141 ? 14.527  7.146   12.800  1.00 22.78 ? 141  GLN A CD  1 
ATOM   985  O OE1 . GLN A 1 141 ? 13.583  7.803   13.249  1.00 27.56 ? 141  GLN A OE1 1 
ATOM   986  N NE2 . GLN A 1 141 ? 15.163  6.221   13.513  1.00 24.63 ? 141  GLN A NE2 1 
ATOM   987  N N   . LYS A 1 142 ? 11.032  7.555   9.505   1.00 10.00 ? 142  LYS A N   1 
ATOM   988  C CA  . LYS A 1 142 ? 9.955   7.735   8.543   1.00 9.75  ? 142  LYS A CA  1 
ATOM   989  C C   . LYS A 1 142 ? 10.527  7.673   7.131   1.00 9.89  ? 142  LYS A C   1 
ATOM   990  O O   . LYS A 1 142 ? 11.427  8.435   6.775   1.00 9.11  ? 142  LYS A O   1 
ATOM   991  C CB  . LYS A 1 142 ? 9.233   9.060   8.780   1.00 9.96  ? 142  LYS A CB  1 
ATOM   992  C CG  . LYS A 1 142 ? 7.895   9.123   8.080   1.00 11.74 ? 142  LYS A CG  1 
ATOM   993  C CD  . LYS A 1 142 ? 7.035   10.252  8.613   1.00 14.18 ? 142  LYS A CD  1 
ATOM   994  C CE  . LYS A 1 142 ? 5.629   10.187  8.032   1.00 15.88 ? 142  LYS A CE  1 
ATOM   995  N NZ  . LYS A 1 142 ? 4.740   11.242  8.609   1.00 17.13 ? 142  LYS A NZ  1 
ATOM   996  N N   . THR A 1 143 ? 9.985   6.765   6.328   1.00 8.69  ? 143  THR A N   1 
ATOM   997  C CA  . THR A 1 143 ? 10.481  6.538   4.976   1.00 9.05  ? 143  THR A CA  1 
ATOM   998  C C   . THR A 1 143 ? 9.392   6.444   3.922   1.00 9.04  ? 143  THR A C   1 
ATOM   999  O O   . THR A 1 143 ? 8.368   5.800   4.135   1.00 9.04  ? 143  THR A O   1 
ATOM   1000 C CB  . THR A 1 143 ? 11.291  5.224   4.946   1.00 10.15 ? 143  THR A CB  1 
ATOM   1001 O OG1 . THR A 1 143 ? 12.325  5.289   5.935   1.00 11.64 ? 143  THR A OG1 1 
ATOM   1002 C CG2 . THR A 1 143 ? 11.900  4.975   3.568   1.00 10.55 ? 143  THR A CG2 1 
ATOM   1003 N N   . SER A 1 144 ? 9.627   7.066   2.772   1.00 8.70  ? 144  SER A N   1 
ATOM   1004 C CA  . SER A 1 144 ? 8.665   7.017   1.678   1.00 9.74  ? 144  SER A CA  1 
ATOM   1005 C C   . SER A 1 144 ? 8.636   5.589   1.120   1.00 9.59  ? 144  SER A C   1 
ATOM   1006 O O   . SER A 1 144 ? 9.686   5.001   0.837   1.00 9.78  ? 144  SER A O   1 
ATOM   1007 C CB  . SER A 1 144 ? 9.061   8.011   0.581   0.65 9.18  ? 144  SER A CB  1 
ATOM   1008 O OG  . SER A 1 144 ? 8.084   8.056   -0.444  0.65 11.74 ? 144  SER A OG  1 
ATOM   1009 N N   . ILE A 1 145 ? 7.435   5.030   0.983   1.00 8.24  ? 145  ILE A N   1 
ATOM   1010 C CA  . ILE A 1 145 ? 7.264   3.670   0.470   1.00 7.92  ? 145  ILE A CA  1 
ATOM   1011 C C   . ILE A 1 145 ? 6.938   3.651   -1.015  1.00 7.58  ? 145  ILE A C   1 
ATOM   1012 O O   . ILE A 1 145 ? 7.599   2.980   -1.805  1.00 9.15  ? 145  ILE A O   1 
ATOM   1013 C CB  . ILE A 1 145 ? 6.114   2.931   1.199   1.00 8.15  ? 145  ILE A CB  1 
ATOM   1014 C CG1 . ILE A 1 145 ? 6.505   2.645   2.648   1.00 7.63  ? 145  ILE A CG1 1 
ATOM   1015 C CG2 . ILE A 1 145 ? 5.767   1.634   0.456   1.00 8.37  ? 145  ILE A CG2 1 
ATOM   1016 C CD1 . ILE A 1 145 ? 5.358   2.086   3.488   1.00 7.76  ? 145  ILE A CD1 1 
ATOM   1017 N N   . GLY A 1 146 ? 5.899   4.390   -1.382  1.00 8.05  ? 146  GLY A N   1 
ATOM   1018 C CA  . GLY A 1 146 ? 5.466   4.432   -2.764  1.00 9.25  ? 146  GLY A CA  1 
ATOM   1019 C C   . GLY A 1 146 ? 4.091   5.058   -2.862  1.00 8.48  ? 146  GLY A C   1 
ATOM   1020 O O   . GLY A 1 146 ? 3.737   5.920   -2.059  1.00 8.46  ? 146  GLY A O   1 
ATOM   1021 N N   . SER A 1 147 ? 3.298   4.603   -3.824  1.00 7.58  ? 147  SER A N   1 
ATOM   1022 C CA  . SER A 1 147 ? 1.977   5.176   -4.027  1.00 7.43  ? 147  SER A CA  1 
ATOM   1023 C C   . SER A 1 147 ? 0.979   4.177   -4.584  1.00 6.96  ? 147  SER A C   1 
ATOM   1024 O O   . SER A 1 147 ? 1.341   3.071   -4.987  1.00 6.32  ? 147  SER A O   1 
ATOM   1025 C CB  . SER A 1 147 ? 2.074   6.345   -5.013  1.00 8.89  ? 147  SER A CB  1 
ATOM   1026 O OG  . SER A 1 147 ? 3.175   7.185   -4.720  1.00 11.17 ? 147  SER A OG  1 
ATOM   1027 N N   . ILE A 1 148 ? -0.282  4.593   -4.590  1.00 7.21  ? 148  ILE A N   1 
ATOM   1028 C CA  . ILE A 1 148 ? -1.382  3.816   -5.149  1.00 7.58  ? 148  ILE A CA  1 
ATOM   1029 C C   . ILE A 1 148 ? -2.203  4.823   -5.946  1.00 8.32  ? 148  ILE A C   1 
ATOM   1030 O O   . ILE A 1 148 ? -2.420  5.951   -5.496  1.00 7.64  ? 148  ILE A O   1 
ATOM   1031 C CB  . ILE A 1 148 ? -2.283  3.171   -4.058  1.00 8.01  ? 148  ILE A CB  1 
ATOM   1032 C CG1 . ILE A 1 148 ? -1.589  1.936   -3.472  1.00 6.40  ? 148  ILE A CG1 1 
ATOM   1033 C CG2 . ILE A 1 148 ? -3.641  2.784   -4.656  1.00 7.48  ? 148  ILE A CG2 1 
ATOM   1034 C CD1 . ILE A 1 148 ? -2.341  1.276   -2.336  1.00 6.33  ? 148  ILE A CD1 1 
ATOM   1035 N N   . ARG A 1 149 ? -2.628  4.426   -7.141  1.00 7.86  ? 149  ARG A N   1 
ATOM   1036 C CA  . ARG A 1 149 ? -3.440  5.289   -7.988  1.00 8.70  ? 149  ARG A CA  1 
ATOM   1037 C C   . ARG A 1 149 ? -4.688  4.530   -8.423  1.00 8.33  ? 149  ARG A C   1 
ATOM   1038 O O   . ARG A 1 149 ? -4.630  3.338   -8.732  1.00 8.63  ? 149  ARG A O   1 
ATOM   1039 C CB  . ARG A 1 149 ? -2.660  5.735   -9.229  1.00 10.15 ? 149  ARG A CB  1 
ATOM   1040 C CG  . ARG A 1 149 ? -2.311  4.604   -10.162 1.00 13.33 ? 149  ARG A CG  1 
ATOM   1041 C CD  . ARG A 1 149 ? -1.656  5.082   -11.450 1.00 16.33 ? 149  ARG A CD  1 
ATOM   1042 N NE  . ARG A 1 149 ? -1.353  3.951   -12.324 1.00 17.02 ? 149  ARG A NE  1 
ATOM   1043 C CZ  . ARG A 1 149 ? -0.526  4.006   -13.362 1.00 17.06 ? 149  ARG A CZ  1 
ATOM   1044 N NH1 . ARG A 1 149 ? 0.085   5.146   -13.662 1.00 16.57 ? 149  ARG A NH1 1 
ATOM   1045 N NH2 . ARG A 1 149 ? -0.297  2.919   -14.086 1.00 18.16 ? 149  ARG A NH2 1 
ATOM   1046 N N   . MET A 1 150 ? -5.822  5.216   -8.435  1.00 9.08  ? 150  MET A N   1 
ATOM   1047 C CA  . MET A 1 150 ? -7.058  4.585   -8.858  1.00 10.30 ? 150  MET A CA  1 
ATOM   1048 C C   . MET A 1 150 ? -6.944  4.315   -10.360 1.00 10.50 ? 150  MET A C   1 
ATOM   1049 O O   . MET A 1 150 ? -6.291  5.070   -11.085 1.00 10.81 ? 150  MET A O   1 
ATOM   1050 C CB  . MET A 1 150 ? -8.251  5.502   -8.569  1.00 12.51 ? 150  MET A CB  1 
ATOM   1051 C CG  . MET A 1 150 ? -8.085  6.928   -9.077  1.00 14.91 ? 150  MET A CG  1 
ATOM   1052 S SD  . MET A 1 150 ? -9.360  7.408   -10.250 1.00 21.71 ? 150  MET A SD  1 
ATOM   1053 C CE  . MET A 1 150 ? -10.773 7.390   -9.218  1.00 17.14 ? 150  MET A CE  1 
ATOM   1054 N N   . ARG A 1 151 ? -7.553  3.224   -10.812 1.00 9.29  ? 151  ARG A N   1 
ATOM   1055 C CA  . ARG A 1 151 ? -7.527  2.843   -12.218 1.00 9.20  ? 151  ARG A CA  1 
ATOM   1056 C C   . ARG A 1 151 ? -8.948  2.666   -12.741 1.00 9.11  ? 151  ARG A C   1 
ATOM   1057 O O   . ARG A 1 151 ? -9.539  1.590   -12.621 1.00 9.58  ? 151  ARG A O   1 
ATOM   1058 C CB  . ARG A 1 151 ? -6.759  1.528   -12.419 1.00 9.38  ? 151  ARG A CB  1 
ATOM   1059 C CG  . ARG A 1 151 ? -6.617  1.130   -13.888 1.00 9.23  ? 151  ARG A CG  1 
ATOM   1060 C CD  . ARG A 1 151 ? -6.042  -0.271  -14.076 1.00 10.20 ? 151  ARG A CD  1 
ATOM   1061 N NE  . ARG A 1 151 ? -6.944  -1.298  -13.566 1.00 9.50  ? 151  ARG A NE  1 
ATOM   1062 C CZ  . ARG A 1 151 ? -6.747  -1.986  -12.448 1.00 7.61  ? 151  ARG A CZ  1 
ATOM   1063 N NH1 . ARG A 1 151 ? -5.668  -1.772  -11.707 1.00 9.29  ? 151  ARG A NH1 1 
ATOM   1064 N NH2 . ARG A 1 151 ? -7.645  -2.880  -12.066 1.00 8.82  ? 151  ARG A NH2 1 
ATOM   1065 N N   . PRO A 1 152 ? -9.525  3.729   -13.311 1.00 9.04  ? 152  PRO A N   1 
ATOM   1066 C CA  . PRO A 1 152 ? -10.885 3.609   -13.836 1.00 8.57  ? 152  PRO A CA  1 
ATOM   1067 C C   . PRO A 1 152 ? -10.854 2.703   -15.059 1.00 7.47  ? 152  PRO A C   1 
ATOM   1068 O O   . PRO A 1 152 ? -9.817  2.550   -15.708 1.00 8.54  ? 152  PRO A O   1 
ATOM   1069 C CB  . PRO A 1 152 ? -11.239 5.045   -14.230 1.00 8.10  ? 152  PRO A CB  1 
ATOM   1070 C CG  . PRO A 1 152 ? -10.346 5.877   -13.380 1.00 9.40  ? 152  PRO A CG  1 
ATOM   1071 C CD  . PRO A 1 152 ? -9.048  5.114   -13.419 1.00 8.86  ? 152  PRO A CD  1 
ATOM   1072 N N   . TYR A 1 153 ? -11.983 2.093   -15.372 1.00 7.51  ? 153  TYR A N   1 
ATOM   1073 C CA  . TYR A 1 153 ? -12.046 1.262   -16.554 1.00 7.21  ? 153  TYR A CA  1 
ATOM   1074 C C   . TYR A 1 153 ? -13.469 1.270   -17.087 1.00 8.47  ? 153  TYR A C   1 
ATOM   1075 O O   . TYR A 1 153 ? -14.336 1.957   -16.542 1.00 7.35  ? 153  TYR A O   1 
ATOM   1076 C CB  . TYR A 1 153 ? -11.542 -0.159  -16.262 1.00 8.50  ? 153  TYR A CB  1 
ATOM   1077 C CG  . TYR A 1 153 ? -12.305 -0.954  -15.228 1.00 9.35  ? 153  TYR A CG  1 
ATOM   1078 C CD1 . TYR A 1 153 ? -13.302 -1.853  -15.607 1.00 9.60  ? 153  TYR A CD1 1 
ATOM   1079 C CD2 . TYR A 1 153 ? -11.977 -0.865  -13.875 1.00 9.01  ? 153  TYR A CD2 1 
ATOM   1080 C CE1 . TYR A 1 153 ? -13.946 -2.658  -14.660 1.00 10.75 ? 153  TYR A CE1 1 
ATOM   1081 C CE2 . TYR A 1 153 ? -12.609 -1.656  -12.927 1.00 10.46 ? 153  TYR A CE2 1 
ATOM   1082 C CZ  . TYR A 1 153 ? -13.588 -2.553  -13.322 1.00 10.54 ? 153  TYR A CZ  1 
ATOM   1083 O OH  . TYR A 1 153 ? -14.194 -3.351  -12.381 1.00 12.04 ? 153  TYR A OH  1 
ATOM   1084 N N   . ASN A 1 154 ? -13.690 0.547   -18.177 1.00 8.85  ? 154  ASN A N   1 
ATOM   1085 C CA  . ASN A 1 154 ? -15.004 0.465   -18.797 1.00 10.59 ? 154  ASN A CA  1 
ATOM   1086 C C   . ASN A 1 154 ? -15.498 1.828   -19.294 1.00 10.49 ? 154  ASN A C   1 
ATOM   1087 O O   . ASN A 1 154 ? -16.705 2.049   -19.428 1.00 11.63 ? 154  ASN A O   1 
ATOM   1088 C CB  . ASN A 1 154 ? -16.014 -0.125  -17.813 1.00 10.97 ? 154  ASN A CB  1 
ATOM   1089 C CG  . ASN A 1 154 ? -17.282 -0.588  -18.494 1.00 16.05 ? 154  ASN A CG  1 
ATOM   1090 O OD1 . ASN A 1 154 ? -17.231 -1.340  -19.466 1.00 19.67 ? 154  ASN A OD1 1 
ATOM   1091 N ND2 . ASN A 1 154 ? -18.428 -0.153  -17.982 1.00 17.35 ? 154  ASN A ND2 1 
ATOM   1092 N N   . GLY A 1 155 ? -14.565 2.736   -19.568 1.00 7.87  ? 155  GLY A N   1 
ATOM   1093 C CA  . GLY A 1 155 ? -14.945 4.050   -20.056 1.00 9.44  ? 155  GLY A CA  1 
ATOM   1094 C C   . GLY A 1 155 ? -15.086 5.108   -18.976 1.00 9.71  ? 155  GLY A C   1 
ATOM   1095 O O   . GLY A 1 155 ? -15.302 6.282   -19.284 1.00 8.82  ? 155  GLY A O   1 
ATOM   1096 N N   . SER A 1 156 ? -14.982 4.705   -17.709 1.00 9.94  ? 156  SER A N   1 
ATOM   1097 C CA  . SER A 1 156 ? -15.076 5.658   -16.604 1.00 9.20  ? 156  SER A CA  1 
ATOM   1098 C C   . SER A 1 156 ? -13.850 6.557   -16.690 1.00 10.39 ? 156  SER A C   1 
ATOM   1099 O O   . SER A 1 156 ? -12.802 6.139   -17.195 1.00 10.29 ? 156  SER A O   1 
ATOM   1100 C CB  . SER A 1 156 ? -15.111 4.928   -15.257 1.00 8.04  ? 156  SER A CB  1 
ATOM   1101 O OG  . SER A 1 156 ? -16.340 4.247   -15.091 1.00 6.75  ? 156  SER A OG  1 
ATOM   1102 N N   . SER A 1 157 ? -13.975 7.785   -16.198 1.00 10.99 ? 157  SER A N   1 
ATOM   1103 C CA  . SER A 1 157 ? -12.871 8.724   -16.282 1.00 13.60 ? 157  SER A CA  1 
ATOM   1104 C C   . SER A 1 157 ? -12.353 9.237   -14.949 1.00 16.07 ? 157  SER A C   1 
ATOM   1105 O O   . SER A 1 157 ? -13.130 9.529   -14.042 1.00 16.24 ? 157  SER A O   1 
ATOM   1106 C CB  . SER A 1 157 ? -13.289 9.918   -17.147 1.00 15.76 ? 157  SER A CB  1 
ATOM   1107 O OG  . SER A 1 157 ? -12.276 10.906  -17.175 1.00 16.98 ? 157  SER A OG  1 
ATOM   1108 N N   . ALA A 1 158 ? -11.031 9.349   -14.840 1.00 18.06 ? 158  ALA A N   1 
ATOM   1109 C CA  . ALA A 1 158 ? -10.423 9.873   -13.627 1.00 22.60 ? 158  ALA A CA  1 
ATOM   1110 C C   . ALA A 1 158 ? -10.856 11.338  -13.569 1.00 25.44 ? 158  ALA A C   1 
ATOM   1111 O O   . ALA A 1 158 ? -10.752 11.996  -12.532 1.00 27.60 ? 158  ALA A O   1 
ATOM   1112 C CB  . ALA A 1 158 ? -8.913  9.767   -13.710 1.00 22.42 ? 158  ALA A CB  1 
ATOM   1113 N N   . GLY A 1 159 ? -11.349 11.829  -14.704 1.00 26.05 ? 159  GLY A N   1 
ATOM   1114 C CA  . GLY A 1 159 ? -11.823 13.198  -14.811 1.00 26.82 ? 159  GLY A CA  1 
ATOM   1115 C C   . GLY A 1 159 ? -11.000 14.220  -14.050 1.00 26.69 ? 159  GLY A C   1 
ATOM   1116 O O   . GLY A 1 159 ? -9.773  14.242  -14.144 1.00 25.91 ? 159  GLY A O   1 
ATOM   1117 N N   . SER A 1 160 ? -11.686 15.076  -13.299 1.00 28.03 ? 160  SER A N   1 
ATOM   1118 C CA  . SER A 1 160 ? -11.016 16.102  -12.510 1.00 29.07 ? 160  SER A CA  1 
ATOM   1119 C C   . SER A 1 160 ? -10.933 15.637  -11.066 1.00 27.81 ? 160  SER A C   1 
ATOM   1120 O O   . SER A 1 160 ? -11.618 16.173  -10.187 1.00 29.01 ? 160  SER A O   1 
ATOM   1121 C CB  . SER A 1 160 ? -11.779 17.436  -12.580 1.00 31.32 ? 160  SER A CB  1 
ATOM   1122 O OG  . SER A 1 160 ? -13.086 17.334  -12.022 1.00 35.00 ? 160  SER A OG  1 
ATOM   1123 N N   . VAL A 1 161 ? -10.099 14.632  -10.820 1.00 23.43 ? 161  VAL A N   1 
ATOM   1124 C CA  . VAL A 1 161 ? -9.944  14.111  -9.474  1.00 18.49 ? 161  VAL A CA  1 
ATOM   1125 C C   . VAL A 1 161 ? -8.504  13.666  -9.222  1.00 15.20 ? 161  VAL A C   1 
ATOM   1126 O O   . VAL A 1 161 ? -7.798  13.246  -10.144 1.00 12.53 ? 161  VAL A O   1 
ATOM   1127 C CB  . VAL A 1 161 ? -10.908 12.920  -9.237  1.00 19.66 ? 161  VAL A CB  1 
ATOM   1128 C CG1 . VAL A 1 161 ? -10.792 12.422  -7.816  1.00 22.12 ? 161  VAL A CG1 1 
ATOM   1129 C CG2 . VAL A 1 161 ? -12.337 13.346  -9.512  1.00 20.15 ? 161  VAL A CG2 1 
ATOM   1130 N N   . GLN A 1 162 ? -8.059  13.785  -7.976  1.00 11.96 ? 162  GLN A N   1 
ATOM   1131 C CA  . GLN A 1 162 ? -6.717  13.352  -7.620  1.00 11.91 ? 162  GLN A CA  1 
ATOM   1132 C C   . GLN A 1 162 ? -6.739  11.835  -7.748  1.00 11.26 ? 162  GLN A C   1 
ATOM   1133 O O   . GLN A 1 162 ? -7.543  11.166  -7.103  1.00 11.49 ? 162  GLN A O   1 
ATOM   1134 C CB  . GLN A 1 162 ? -6.390  13.740  -6.182  1.00 13.19 ? 162  GLN A CB  1 
ATOM   1135 C CG  . GLN A 1 162 ? -4.969  13.430  -5.782  1.00 14.93 ? 162  GLN A CG  1 
ATOM   1136 C CD  . GLN A 1 162 ? -4.643  13.959  -4.413  1.00 18.06 ? 162  GLN A CD  1 
ATOM   1137 O OE1 . GLN A 1 162 ? -4.914  15.122  -4.109  1.00 21.25 ? 162  GLN A OE1 1 
ATOM   1138 N NE2 . GLN A 1 162 ? -4.051  13.119  -3.575  1.00 19.61 ? 162  GLN A NE2 1 
ATOM   1139 N N   . THR A 1 163 ? -5.860  11.296  -8.583  1.00 10.71 ? 163  THR A N   1 
ATOM   1140 C CA  . THR A 1 163 ? -5.817  9.854   -8.807  1.00 10.69 ? 163  THR A CA  1 
ATOM   1141 C C   . THR A 1 163 ? -4.812  9.119   -7.938  1.00 10.16 ? 163  THR A C   1 
ATOM   1142 O O   . THR A 1 163 ? -4.960  7.922   -7.697  1.00 10.06 ? 163  THR A O   1 
ATOM   1143 C CB  . THR A 1 163 ? -5.433  9.522   -10.257 1.00 11.82 ? 163  THR A CB  1 
ATOM   1144 O OG1 . THR A 1 163 ? -4.108  10.007  -10.511 1.00 11.61 ? 163  THR A OG1 1 
ATOM   1145 C CG2 . THR A 1 163 ? -6.407  10.154  -11.238 1.00 11.92 ? 163  THR A CG2 1 
ATOM   1146 N N   . THR A 1 164 ? -3.795  9.835   -7.474  1.00 9.69  ? 164  THR A N   1 
ATOM   1147 C CA  . THR A 1 164 ? -2.729  9.222   -6.696  1.00 9.89  ? 164  THR A CA  1 
ATOM   1148 C C   . THR A 1 164 ? -2.574  9.683   -5.249  1.00 10.85 ? 164  THR A C   1 
ATOM   1149 O O   . THR A 1 164 ? -2.768  10.860  -4.933  1.00 10.85 ? 164  THR A O   1 
ATOM   1150 C CB  . THR A 1 164 ? -1.379  9.436   -7.416  1.00 10.66 ? 164  THR A CB  1 
ATOM   1151 O OG1 . THR A 1 164 ? -1.524  9.104   -8.804  1.00 10.06 ? 164  THR A OG1 1 
ATOM   1152 C CG2 . THR A 1 164 ? -0.291  8.565   -6.804  1.00 10.57 ? 164  THR A CG2 1 
ATOM   1153 N N   . VAL A 1 165 ? -2.239  8.735   -4.372  1.00 8.88  ? 165  VAL A N   1 
ATOM   1154 C CA  . VAL A 1 165 ? -1.995  9.029   -2.963  1.00 8.25  ? 165  VAL A CA  1 
ATOM   1155 C C   . VAL A 1 165 ? -0.686  8.342   -2.599  1.00 7.50  ? 165  VAL A C   1 
ATOM   1156 O O   . VAL A 1 165 ? -0.338  7.308   -3.168  1.00 7.45  ? 165  VAL A O   1 
ATOM   1157 C CB  . VAL A 1 165 ? -3.144  8.532   -2.037  1.00 9.33  ? 165  VAL A CB  1 
ATOM   1158 C CG1 . VAL A 1 165 ? -4.443  9.210   -2.433  1.00 9.47  ? 165  VAL A CG1 1 
ATOM   1159 C CG2 . VAL A 1 165 ? -3.279  7.019   -2.099  1.00 8.97  ? 165  VAL A CG2 1 
ATOM   1160 N N   . ASN A 1 166 ? 0.034   8.920   -1.646  1.00 7.82  ? 166  ASN A N   1 
ATOM   1161 C CA  . ASN A 1 166 ? 1.329   8.400   -1.242  1.00 7.40  ? 166  ASN A CA  1 
ATOM   1162 C C   . ASN A 1 166 ? 1.364   7.764   0.137   1.00 7.43  ? 166  ASN A C   1 
ATOM   1163 O O   . ASN A 1 166 ? 0.507   8.030   0.982   1.00 7.80  ? 166  ASN A O   1 
ATOM   1164 C CB  . ASN A 1 166 ? 2.347   9.530   -1.327  1.00 8.40  ? 166  ASN A CB  1 
ATOM   1165 C CG  . ASN A 1 166 ? 2.293   10.244  -2.660  1.00 8.95  ? 166  ASN A CG  1 
ATOM   1166 O OD1 . ASN A 1 166 ? 2.345   9.607   -3.711  1.00 10.23 ? 166  ASN A OD1 1 
ATOM   1167 N ND2 . ASN A 1 166 ? 2.180   11.570  -2.627  1.00 12.81 ? 166  ASN A ND2 1 
ATOM   1168 N N   . PHE A 1 167 ? 2.369   6.926   0.364   1.00 7.29  ? 167  PHE A N   1 
ATOM   1169 C CA  . PHE A 1 167 ? 2.506   6.239   1.642   1.00 8.15  ? 167  PHE A CA  1 
ATOM   1170 C C   . PHE A 1 167 ? 3.898   6.355   2.212   1.00 8.88  ? 167  PHE A C   1 
ATOM   1171 O O   . PHE A 1 167 ? 4.885   6.250   1.488   1.00 9.21  ? 167  PHE A O   1 
ATOM   1172 C CB  . PHE A 1 167 ? 2.151   4.760   1.476   1.00 7.56  ? 167  PHE A CB  1 
ATOM   1173 C CG  . PHE A 1 167 ? 0.762   4.547   0.984   1.00 6.74  ? 167  PHE A CG  1 
ATOM   1174 C CD1 . PHE A 1 167 ? -0.317  4.644   1.856   1.00 7.26  ? 167  PHE A CD1 1 
ATOM   1175 C CD2 . PHE A 1 167 ? 0.517   4.360   -0.368  1.00 8.70  ? 167  PHE A CD2 1 
ATOM   1176 C CE1 . PHE A 1 167 ? -1.619  4.567   1.387   1.00 7.80  ? 167  PHE A CE1 1 
ATOM   1177 C CE2 . PHE A 1 167 ? -0.783  4.281   -0.850  1.00 8.36  ? 167  PHE A CE2 1 
ATOM   1178 C CZ  . PHE A 1 167 ? -1.855  4.386   0.029   1.00 8.76  ? 167  PHE A CZ  1 
ATOM   1179 N N   . SER A 1 168 ? 3.966   6.581   3.516   1.00 8.26  ? 168  SER A N   1 
ATOM   1180 C CA  . SER A 1 168 ? 5.238   6.673   4.205   1.00 8.16  ? 168  SER A CA  1 
ATOM   1181 C C   . SER A 1 168 ? 5.181   5.723   5.378   1.00 9.06  ? 168  SER A C   1 
ATOM   1182 O O   . SER A 1 168 ? 4.151   5.604   6.048   1.00 10.05 ? 168  SER A O   1 
ATOM   1183 C CB  . SER A 1 168 ? 5.486   8.095   4.710   1.00 10.24 ? 168  SER A CB  1 
ATOM   1184 O OG  . SER A 1 168 ? 5.703   8.982   3.630   1.00 11.46 ? 168  SER A OG  1 
ATOM   1185 N N   . LEU A 1 169 ? 6.288   5.033   5.611   1.00 8.54  ? 169  LEU A N   1 
ATOM   1186 C CA  . LEU A 1 169 ? 6.387   4.096   6.713   1.00 8.61  ? 169  LEU A CA  1 
ATOM   1187 C C   . LEU A 1 169 ? 6.659   4.890   7.988   1.00 8.18  ? 169  LEU A C   1 
ATOM   1188 O O   . LEU A 1 169 ? 7.596   5.691   8.038   1.00 8.91  ? 169  LEU A O   1 
ATOM   1189 C CB  . LEU A 1 169 ? 7.543   3.124   6.459   1.00 8.59  ? 169  LEU A CB  1 
ATOM   1190 C CG  . LEU A 1 169 ? 7.828   2.034   7.493   1.00 10.07 ? 169  LEU A CG  1 
ATOM   1191 C CD1 . LEU A 1 169 ? 6.765   0.946   7.407   1.00 8.32  ? 169  LEU A CD1 1 
ATOM   1192 C CD2 . LEU A 1 169 ? 9.208   1.448   7.242   1.00 9.18  ? 169  LEU A CD2 1 
ATOM   1193 N N   . ASN A 1 170 ? 5.834   4.693   9.011   1.00 8.82  ? 170  ASN A N   1 
ATOM   1194 C CA  . ASN A 1 170 ? 6.056   5.382   10.277  1.00 8.16  ? 170  ASN A CA  1 
ATOM   1195 C C   . ASN A 1 170 ? 7.263   4.731   10.940  1.00 7.85  ? 170  ASN A C   1 
ATOM   1196 O O   . ASN A 1 170 ? 7.560   3.559   10.697  1.00 7.25  ? 170  ASN A O   1 
ATOM   1197 C CB  . ASN A 1 170 ? 4.840   5.257   11.207  1.00 7.37  ? 170  ASN A CB  1 
ATOM   1198 C CG  . ASN A 1 170 ? 3.956   6.498   11.189  1.00 9.82  ? 170  ASN A CG  1 
ATOM   1199 O OD1 . ASN A 1 170 ? 4.416   7.596   10.879  1.00 11.93 ? 170  ASN A OD1 1 
ATOM   1200 N ND2 . ASN A 1 170 ? 2.687   6.328   11.538  1.00 9.42  ? 170  ASN A ND2 1 
ATOM   1201 N N   . PRO A 1 171 ? 7.991   5.489   11.772  1.00 7.73  ? 171  PRO A N   1 
ATOM   1202 C CA  . PRO A 1 171 ? 9.159   4.935   12.454  1.00 7.94  ? 171  PRO A CA  1 
ATOM   1203 C C   . PRO A 1 171 ? 8.763   3.733   13.311  1.00 8.41  ? 171  PRO A C   1 
ATOM   1204 O O   . PRO A 1 171 ? 7.676   3.706   13.890  1.00 8.87  ? 171  PRO A O   1 
ATOM   1205 C CB  . PRO A 1 171 ? 9.636   6.097   13.320  1.00 8.25  ? 171  PRO A CB  1 
ATOM   1206 C CG  . PRO A 1 171 ? 9.245   7.303   12.516  1.00 10.54 ? 171  PRO A CG  1 
ATOM   1207 C CD  . PRO A 1 171 ? 7.861   6.935   12.038  1.00 8.31  ? 171  PRO A CD  1 
ATOM   1208 N N   . PHE A 1 172 ? 9.623   2.724   13.366  1.00 8.16  ? 172  PHE A N   1 
ATOM   1209 C CA  . PHE A 1 172 ? 9.352   1.575   14.211  1.00 7.87  ? 172  PHE A CA  1 
ATOM   1210 C C   . PHE A 1 172 ? 10.645  0.988   14.747  1.00 9.14  ? 172  PHE A C   1 
ATOM   1211 O O   . PHE A 1 172 ? 11.735  1.352   14.305  1.00 9.32  ? 172  PHE A O   1 
ATOM   1212 C CB  . PHE A 1 172 ? 8.494   0.505   13.491  1.00 9.42  ? 172  PHE A CB  1 
ATOM   1213 C CG  . PHE A 1 172 ? 9.167   -0.208  12.329  1.00 9.65  ? 172  PHE A CG  1 
ATOM   1214 C CD1 . PHE A 1 172 ? 10.348  -0.924  12.493  1.00 9.56  ? 172  PHE A CD1 1 
ATOM   1215 C CD2 . PHE A 1 172 ? 8.542   -0.246  11.083  1.00 10.73 ? 172  PHE A CD2 1 
ATOM   1216 C CE1 . PHE A 1 172 ? 10.891  -1.668  11.439  1.00 10.05 ? 172  PHE A CE1 1 
ATOM   1217 C CE2 . PHE A 1 172 ? 9.078   -0.988  10.026  1.00 9.90  ? 172  PHE A CE2 1 
ATOM   1218 C CZ  . PHE A 1 172 ? 10.252  -1.699  10.204  1.00 10.30 ? 172  PHE A CZ  1 
ATOM   1219 N N   . THR A 1 173 ? 10.517  0.106   15.732  1.00 9.82  ? 173  THR A N   1 
ATOM   1220 C CA  . THR A 1 173 ? 11.671  -0.530  16.350  1.00 9.95  ? 173  THR A CA  1 
ATOM   1221 C C   . THR A 1 173 ? 11.464  -2.034  16.366  1.00 10.06 ? 173  THR A C   1 
ATOM   1222 O O   . THR A 1 173 ? 10.383  -2.519  16.691  1.00 10.03 ? 173  THR A O   1 
ATOM   1223 C CB  . THR A 1 173 ? 11.869  -0.038  17.810  1.00 10.68 ? 173  THR A CB  1 
ATOM   1224 O OG1 . THR A 1 173 ? 12.085  1.381   17.817  1.00 10.95 ? 173  THR A OG1 1 
ATOM   1225 C CG2 . THR A 1 173 ? 13.061  -0.730  18.459  1.00 12.17 ? 173  THR A CG2 1 
ATOM   1226 N N   . LEU A 1 174 ? 12.505  -2.769  15.997  1.00 9.30  ? 174  LEU A N   1 
ATOM   1227 C CA  . LEU A 1 174 ? 12.441  -4.218  16.000  1.00 10.98 ? 174  LEU A CA  1 
ATOM   1228 C C   . LEU A 1 174 ? 13.326  -4.688  17.143  1.00 11.41 ? 174  LEU A C   1 
ATOM   1229 O O   . LEU A 1 174 ? 14.451  -4.217  17.297  1.00 12.11 ? 174  LEU A O   1 
ATOM   1230 C CB  . LEU A 1 174 ? 12.954  -4.782  14.674  1.00 11.32 ? 174  LEU A CB  1 
ATOM   1231 C CG  . LEU A 1 174 ? 12.260  -4.276  13.410  1.00 10.72 ? 174  LEU A CG  1 
ATOM   1232 C CD1 . LEU A 1 174 ? 12.870  -4.966  12.197  1.00 12.16 ? 174  LEU A CD1 1 
ATOM   1233 C CD2 . LEU A 1 174 ? 10.761  -4.549  13.491  1.00 9.88  ? 174  LEU A CD2 1 
ATOM   1234 N N   . ASN A 1 175 ? 12.807  -5.602  17.951  1.00 14.05 ? 175  ASN A N   1 
ATOM   1235 C CA  . ASN A 1 175 ? 13.559  -6.122  19.083  1.00 15.72 ? 175  ASN A CA  1 
ATOM   1236 C C   . ASN A 1 175 ? 14.235  -7.417  18.680  1.00 16.21 ? 175  ASN A C   1 
ATOM   1237 O O   . ASN A 1 175 ? 13.526  -8.286  18.134  1.00 16.93 ? 175  ASN A O   1 
ATOM   1238 C CB  . ASN A 1 175 ? 12.625  -6.378  20.268  1.00 16.24 ? 175  ASN A CB  1 
ATOM   1239 C CG  . ASN A 1 175 ? 11.822  -5.151  20.649  1.00 15.95 ? 175  ASN A CG  1 
ATOM   1240 O OD1 . ASN A 1 175 ? 12.382  -4.079  20.868  1.00 15.85 ? 175  ASN A OD1 1 
ATOM   1241 N ND2 . ASN A 1 175 ? 10.500  -5.304  20.732  1.00 16.83 ? 175  ASN A ND2 1 
ATOM   1242 N N   . ASP A 1 176 ? 15.454  -7.543  18.929  1.00 18.00 ? 176  ASP A N   1 
HETATM 1243 C C1  . NAG B 2 .   ? -16.992 -0.714  -0.773  1.00 5.95  ? 1176 NAG A C1  1 
HETATM 1244 C C2  . NAG B 2 .   ? -15.984 -0.287  0.293   1.00 6.16  ? 1176 NAG A C2  1 
HETATM 1245 C C3  . NAG B 2 .   ? -14.706 0.193   -0.294  1.00 6.12  ? 1176 NAG A C3  1 
HETATM 1246 C C4  . NAG B 2 .   ? -14.106 -0.900  -1.150  1.00 5.60  ? 1176 NAG A C4  1 
HETATM 1247 C C5  . NAG B 2 .   ? -15.002 -1.332  -2.218  1.00 7.39  ? 1176 NAG A C5  1 
HETATM 1248 C C6  . NAG B 2 .   ? -14.584 -2.379  -3.205  1.00 7.55  ? 1176 NAG A C6  1 
HETATM 1249 C C7  . NAG B 2 .   ? -16.856 0.600   2.284   1.00 10.34 ? 1176 NAG A C7  1 
HETATM 1250 C C8  . NAG B 2 .   ? -17.480 1.829   3.123   1.00 12.38 ? 1176 NAG A C8  1 
HETATM 1251 N N2  . NAG B 2 .   ? -16.613 0.760   1.116   1.00 8.16  ? 1176 NAG A N2  1 
HETATM 1252 O O1  . NAG B 2 .   ? -18.272 -1.258  -0.244  1.00 3.11  ? 1176 NAG A O1  1 
HETATM 1253 O O3  . NAG B 2 .   ? -13.768 0.559   0.770   1.00 6.43  ? 1176 NAG A O3  1 
HETATM 1254 O O4  . NAG B 2 .   ? -12.819 -0.403  -1.733  1.00 6.26  ? 1176 NAG A O4  1 
HETATM 1255 O O5  . NAG B 2 .   ? -16.299 -1.773  -1.603  1.00 8.60  ? 1176 NAG A O5  1 
HETATM 1256 O O6  . NAG B 2 .   ? -14.395 -3.634  -2.391  1.00 8.04  ? 1176 NAG A O6  1 
HETATM 1257 O O7  . NAG B 2 .   ? -16.697 -0.365  3.134   1.00 11.17 ? 1176 NAG A O7  1 
HETATM 1258 O O   . HOH C 3 .   ? -20.670 -3.851  -2.373  1.00 37.64 ? 2001 HOH A O   1 
HETATM 1259 O O   . HOH C 3 .   ? -22.340 10.435  -12.539 1.00 13.82 ? 2002 HOH A O   1 
HETATM 1260 O O   . HOH C 3 .   ? -19.941 7.317   -13.295 1.00 16.21 ? 2003 HOH A O   1 
HETATM 1261 O O   . HOH C 3 .   ? -14.091 19.312  -2.371  1.00 60.00 ? 2004 HOH A O   1 
HETATM 1262 O O   . HOH C 3 .   ? -15.432 16.758  -5.808  1.00 60.00 ? 2005 HOH A O   1 
HETATM 1263 O O   . HOH C 3 .   ? -18.724 12.692  -6.943  1.00 22.02 ? 2006 HOH A O   1 
HETATM 1264 O O   . HOH C 3 .   ? -10.783 17.367  -2.797  1.00 52.83 ? 2007 HOH A O   1 
HETATM 1265 O O   . HOH C 3 .   ? -12.371 15.399  -6.185  1.00 12.07 ? 2008 HOH A O   1 
HETATM 1266 O O   . HOH C 3 .   ? -14.296 15.739  -2.513  1.00 25.26 ? 2009 HOH A O   1 
HETATM 1267 O O   . HOH C 3 .   ? -0.254  16.463  3.401   1.00 45.06 ? 2010 HOH A O   1 
HETATM 1268 O O   . HOH C 3 .   ? -10.703 14.717  2.833   1.00 25.27 ? 2011 HOH A O   1 
HETATM 1269 O O   . HOH C 3 .   ? -0.874  6.866   12.324  1.00 41.21 ? 2012 HOH A O   1 
HETATM 1270 O O   . HOH C 3 .   ? -2.917  7.127   10.155  1.00 32.72 ? 2013 HOH A O   1 
HETATM 1271 O O   . HOH C 3 .   ? -9.797  15.245  -0.068  1.00 25.78 ? 2014 HOH A O   1 
HETATM 1272 O O   . HOH C 3 .   ? -6.278  8.619   2.406   1.00 13.26 ? 2015 HOH A O   1 
HETATM 1273 O O   . HOH C 3 .   ? -7.786  14.700  4.067   1.00 27.61 ? 2016 HOH A O   1 
HETATM 1274 O O   . HOH C 3 .   ? -7.303  10.233  4.979   1.00 24.90 ? 2017 HOH A O   1 
HETATM 1275 O O   . HOH C 3 .   ? -5.029  12.668  7.320   1.00 59.07 ? 2018 HOH A O   1 
HETATM 1276 O O   . HOH C 3 .   ? -0.276  4.899   17.079  1.00 22.60 ? 2019 HOH A O   1 
HETATM 1277 O O   . HOH C 3 .   ? -2.353  17.285  -2.160  1.00 35.79 ? 2020 HOH A O   1 
HETATM 1278 O O   . HOH C 3 .   ? -4.754  15.511  1.484   1.00 25.80 ? 2021 HOH A O   1 
HETATM 1279 O O   . HOH C 3 .   ? 3.259   9.762   2.765   1.00 15.75 ? 2022 HOH A O   1 
HETATM 1280 O O   . HOH C 3 .   ? 1.221   15.982  -1.109  1.00 55.63 ? 2023 HOH A O   1 
HETATM 1281 O O   . HOH C 3 .   ? -2.352  14.694  3.179   1.00 24.68 ? 2024 HOH A O   1 
HETATM 1282 O O   . HOH C 3 .   ? 5.345   11.408  -0.280  1.00 33.02 ? 2025 HOH A O   1 
HETATM 1283 O O   . HOH C 3 .   ? -0.133  12.359  6.958   1.00 44.36 ? 2026 HOH A O   1 
HETATM 1284 O O   . HOH C 3 .   ? -2.390  13.210  5.738   1.00 57.26 ? 2027 HOH A O   1 
HETATM 1285 O O   . HOH C 3 .   ? 5.753   -10.487 19.504  1.00 25.32 ? 2028 HOH A O   1 
HETATM 1286 O O   . HOH C 3 .   ? 4.200   -8.188  16.102  1.00 24.06 ? 2029 HOH A O   1 
HETATM 1287 O O   . HOH C 3 .   ? -3.830  9.748   6.115   1.00 13.00 ? 2030 HOH A O   1 
HETATM 1288 O O   . HOH C 3 .   ? 1.017   8.965   11.652  1.00 21.53 ? 2031 HOH A O   1 
HETATM 1289 O O   . HOH C 3 .   ? 2.723   10.957  5.472   1.00 24.72 ? 2032 HOH A O   1 
HETATM 1290 O O   . HOH C 3 .   ? -1.624  4.449   10.180  1.00 28.62 ? 2033 HOH A O   1 
HETATM 1291 O O   . HOH C 3 .   ? -2.059  8.824   7.741   1.00 11.69 ? 2034 HOH A O   1 
HETATM 1292 O O   . HOH C 3 .   ? 4.831   0.742   13.329  1.00 10.87 ? 2035 HOH A O   1 
HETATM 1293 O O   . HOH C 3 .   ? 6.744   10.234  13.234  1.00 38.01 ? 2036 HOH A O   1 
HETATM 1294 O O   . HOH C 3 .   ? 2.147   4.700   18.373  1.00 24.73 ? 2037 HOH A O   1 
HETATM 1295 O O   . HOH C 3 .   ? 0.603   6.767   14.959  1.00 30.51 ? 2038 HOH A O   1 
HETATM 1296 O O   . HOH C 3 .   ? 6.297   9.694   16.413  1.00 60.00 ? 2039 HOH A O   1 
HETATM 1297 O O   . HOH C 3 .   ? -5.712  5.740   9.563   1.00 48.89 ? 2040 HOH A O   1 
HETATM 1298 O O   . HOH C 3 .   ? -13.392 -2.504  5.989   1.00 39.12 ? 2041 HOH A O   1 
HETATM 1299 O O   . HOH C 3 .   ? -8.357  -1.368  14.185  1.00 60.00 ? 2042 HOH A O   1 
HETATM 1300 O O   . HOH C 3 .   ? 8.640   1.853   20.694  1.00 17.83 ? 2043 HOH A O   1 
HETATM 1301 O O   . HOH C 3 .   ? -25.917 7.958   -18.228 1.00 60.00 ? 2044 HOH A O   1 
HETATM 1302 O O   . HOH C 3 .   ? 8.607   -9.349  23.218  1.00 14.26 ? 2045 HOH A O   1 
HETATM 1303 O O   . HOH C 3 .   ? 10.955  -12.332 16.832  1.00 30.82 ? 2046 HOH A O   1 
HETATM 1304 O O   . HOH C 3 .   ? 5.731   -8.220  18.235  1.00 9.12  ? 2047 HOH A O   1 
HETATM 1305 O O   . HOH C 3 .   ? -23.808 0.822   -14.756 1.00 60.00 ? 2048 HOH A O   1 
HETATM 1306 O O   . HOH C 3 .   ? 21.787  -13.665 4.499   1.00 14.40 ? 2049 HOH A O   1 
HETATM 1307 O O   . HOH C 3 .   ? 19.146  -17.581 10.153  1.00 46.56 ? 2050 HOH A O   1 
HETATM 1308 O O   . HOH C 3 .   ? 19.412  -17.546 4.214   1.00 39.56 ? 2051 HOH A O   1 
HETATM 1309 O O   . HOH C 3 .   ? 14.755  -17.463 6.595   1.00 60.00 ? 2052 HOH A O   1 
HETATM 1310 O O   . HOH C 3 .   ? 11.806  4.108   -9.465  1.00 60.00 ? 2053 HOH A O   1 
HETATM 1311 O O   . HOH C 3 .   ? 17.131  3.570   -4.601  1.00 26.41 ? 2054 HOH A O   1 
HETATM 1312 O O   . HOH C 3 .   ? -0.594  15.894  8.531   1.00 57.55 ? 2055 HOH A O   1 
HETATM 1313 O O   . HOH C 3 .   ? 14.939  -7.024  14.465  1.00 60.00 ? 2056 HOH A O   1 
HETATM 1314 O O   . HOH C 3 .   ? -17.294 -3.853  -16.647 1.00 60.00 ? 2057 HOH A O   1 
HETATM 1315 O O   . HOH C 3 .   ? -20.086 -3.442  -15.883 1.00 55.73 ? 2058 HOH A O   1 
HETATM 1316 O O   . HOH C 3 .   ? -7.434  -13.619 8.107   1.00 60.00 ? 2059 HOH A O   1 
HETATM 1317 O O   . HOH C 3 .   ? 9.911   -19.058 -4.956  1.00 26.79 ? 2060 HOH A O   1 
HETATM 1318 O O   . HOH C 3 .   ? -3.901  -3.810  12.663  1.00 41.00 ? 2061 HOH A O   1 
HETATM 1319 O O   . HOH C 3 .   ? 19.146  1.827   0.913   1.00 46.67 ? 2062 HOH A O   1 
HETATM 1320 O O   . HOH C 3 .   ? -2.369  -0.948  12.104  1.00 45.09 ? 2063 HOH A O   1 
HETATM 1321 O O   . HOH C 3 .   ? 20.482  -4.689  2.083   1.00 52.83 ? 2064 HOH A O   1 
HETATM 1322 O O   . HOH C 3 .   ? 18.922  1.407   16.894  1.00 60.00 ? 2065 HOH A O   1 
HETATM 1323 O O   . HOH C 3 .   ? 1.199   -4.522  8.437   1.00 60.00 ? 2066 HOH A O   1 
HETATM 1324 O O   . HOH C 3 .   ? -6.368  8.836   7.196   1.00 34.19 ? 2067 HOH A O   1 
HETATM 1325 O O   . HOH C 3 .   ? -11.986 -1.086  8.005   1.00 60.00 ? 2068 HOH A O   1 
HETATM 1326 O O   . HOH C 3 .   ? -9.931  1.602   8.809   1.00 24.97 ? 2069 HOH A O   1 
HETATM 1327 O O   . HOH C 3 .   ? -4.924  2.619   9.264   1.00 15.86 ? 2070 HOH A O   1 
HETATM 1328 O O   . HOH C 3 .   ? -8.265  5.567   8.077   1.00 37.33 ? 2071 HOH A O   1 
HETATM 1329 O O   . HOH C 3 .   ? -9.458  -3.979  9.689   1.00 60.00 ? 2072 HOH A O   1 
HETATM 1330 O O   . HOH C 3 .   ? -13.937 -7.474  -5.363  1.00 57.53 ? 2073 HOH A O   1 
HETATM 1331 O O   . HOH C 3 .   ? -11.617 5.518   7.773   1.00 33.91 ? 2074 HOH A O   1 
HETATM 1332 O O   . HOH C 3 .   ? -7.211  -0.777  11.275  1.00 60.00 ? 2075 HOH A O   1 
HETATM 1333 O O   . HOH C 3 .   ? -11.528 2.838   6.940   1.00 18.37 ? 2076 HOH A O   1 
HETATM 1334 O O   . HOH C 3 .   ? -2.198  -10.562 -8.933  1.00 47.01 ? 2077 HOH A O   1 
HETATM 1335 O O   . HOH C 3 .   ? 1.757   -10.939 -9.192  1.00 44.55 ? 2078 HOH A O   1 
HETATM 1336 O O   . HOH C 3 .   ? -12.930 7.273   6.321   1.00 13.21 ? 2079 HOH A O   1 
HETATM 1337 O O   . HOH C 3 .   ? 5.089   6.137   -15.150 1.00 57.67 ? 2080 HOH A O   1 
HETATM 1338 O O   . HOH C 3 .   ? -8.308  -8.997  -4.522  1.00 57.68 ? 2081 HOH A O   1 
HETATM 1339 O O   . HOH C 3 .   ? -19.497 10.268  -6.834  1.00 22.69 ? 2082 HOH A O   1 
HETATM 1340 O O   . HOH C 3 .   ? -23.786 10.829  -6.413  1.00 15.72 ? 2083 HOH A O   1 
HETATM 1341 O O   . HOH C 3 .   ? -22.321 -0.900  -3.276  1.00 23.40 ? 2084 HOH A O   1 
HETATM 1342 O O   . HOH C 3 .   ? -30.265 0.799   -7.629  1.00 26.43 ? 2085 HOH A O   1 
HETATM 1343 O O   . HOH C 3 .   ? -23.597 12.382  -10.813 1.00 18.25 ? 2086 HOH A O   1 
HETATM 1344 O O   . HOH C 3 .   ? -24.273 7.517   -15.533 1.00 43.39 ? 2087 HOH A O   1 
HETATM 1345 O O   . HOH C 3 .   ? -28.520 10.030  -12.393 1.00 51.49 ? 2088 HOH A O   1 
HETATM 1346 O O   . HOH C 3 .   ? -26.479 0.227   -2.673  1.00 28.04 ? 2089 HOH A O   1 
HETATM 1347 O O   . HOH C 3 .   ? -20.988 0.331   -15.142 1.00 22.96 ? 2090 HOH A O   1 
HETATM 1348 O O   . HOH C 3 .   ? -2.466  -1.954  -14.394 1.00 25.02 ? 2091 HOH A O   1 
HETATM 1349 O O   . HOH C 3 .   ? -3.946  3.708   -14.549 1.00 26.97 ? 2092 HOH A O   1 
HETATM 1350 O O   . HOH C 3 .   ? -2.729  0.704   -15.653 1.00 33.24 ? 2093 HOH A O   1 
HETATM 1351 O O   . HOH C 3 .   ? 9.327   5.619   -10.813 1.00 60.00 ? 2094 HOH A O   1 
HETATM 1352 O O   . HOH C 3 .   ? 6.938   6.869   -12.018 1.00 60.00 ? 2095 HOH A O   1 
HETATM 1353 O O   . HOH C 3 .   ? 6.071   8.385   -8.170  1.00 36.61 ? 2096 HOH A O   1 
HETATM 1354 O O   . HOH C 3 .   ? 14.550  4.572   -3.669  1.00 20.87 ? 2097 HOH A O   1 
HETATM 1355 O O   . HOH C 3 .   ? 14.480  1.916   -6.534  1.00 24.09 ? 2098 HOH A O   1 
HETATM 1356 O O   . HOH C 3 .   ? 8.535   9.121   -5.981  1.00 60.00 ? 2099 HOH A O   1 
HETATM 1357 O O   . HOH C 3 .   ? 12.436  5.905   -6.307  1.00 33.23 ? 2100 HOH A O   1 
HETATM 1358 O O   . HOH C 3 .   ? 1.600   13.186  11.431  1.00 58.91 ? 2101 HOH A O   1 
HETATM 1359 O O   . HOH C 3 .   ? 2.438   15.285  8.217   1.00 60.00 ? 2102 HOH A O   1 
HETATM 1360 O O   . HOH C 3 .   ? 19.743  -5.452  -4.683  1.00 59.95 ? 2103 HOH A O   1 
HETATM 1361 O O   . HOH C 3 .   ? 18.521  -2.137  -5.689  1.00 56.12 ? 2104 HOH A O   1 
HETATM 1362 O O   . HOH C 3 .   ? 21.765  -7.153  -1.367  1.00 59.45 ? 2105 HOH A O   1 
HETATM 1363 O O   . HOH C 3 .   ? -18.922 -5.671  -15.248 1.00 40.50 ? 2106 HOH A O   1 
HETATM 1364 O O   . HOH C 3 .   ? -12.120 -9.218  -15.684 1.00 48.49 ? 2107 HOH A O   1 
HETATM 1365 O O   . HOH C 3 .   ? -15.054 -9.132  -14.308 1.00 58.79 ? 2108 HOH A O   1 
HETATM 1366 O O   . HOH C 3 .   ? 17.274  -12.806 -1.789  1.00 28.39 ? 2109 HOH A O   1 
HETATM 1367 O O   . HOH C 3 .   ? 12.507  -12.995 -7.551  1.00 41.22 ? 2110 HOH A O   1 
HETATM 1368 O O   . HOH C 3 .   ? 14.933  -14.896 0.623   1.00 35.65 ? 2111 HOH A O   1 
HETATM 1369 O O   . HOH C 3 .   ? 11.617  -15.245 -4.854  1.00 16.99 ? 2112 HOH A O   1 
HETATM 1370 O O   . HOH C 3 .   ? 15.831  -15.318 -3.239  1.00 34.58 ? 2113 HOH A O   1 
HETATM 1371 O O   . HOH C 3 .   ? -20.177 4.807   -17.428 1.00 37.55 ? 2114 HOH A O   1 
HETATM 1372 O O   . HOH C 3 .   ? -17.688 10.981  -14.003 1.00 16.17 ? 2115 HOH A O   1 
HETATM 1373 O O   . HOH C 3 .   ? 11.197  -18.637 0.939   1.00 35.92 ? 2116 HOH A O   1 
HETATM 1374 O O   . HOH C 3 .   ? 7.320   -19.754 -3.249  1.00 10.30 ? 2117 HOH A O   1 
HETATM 1375 O O   . HOH C 3 .   ? 8.696   -20.969 1.227   1.00 35.75 ? 2118 HOH A O   1 
HETATM 1376 O O   . HOH C 3 .   ? 12.427  -17.527 -1.780  1.00 24.79 ? 2119 HOH A O   1 
HETATM 1377 O O   . HOH C 3 .   ? 11.313  -19.957 -2.458  1.00 51.50 ? 2120 HOH A O   1 
HETATM 1378 O O   . HOH C 3 .   ? -6.519  17.481  -7.611  1.00 60.00 ? 2121 HOH A O   1 
HETATM 1379 O O   . HOH C 3 .   ? -0.616  12.619  -10.275 1.00 53.00 ? 2122 HOH A O   1 
HETATM 1380 O O   . HOH C 3 .   ? 7.229   -7.221  -1.275  1.00 8.59  ? 2123 HOH A O   1 
HETATM 1381 O O   . HOH C 3 .   ? 12.246  -8.858  -6.704  1.00 15.30 ? 2124 HOH A O   1 
HETATM 1382 O O   . HOH C 3 .   ? 16.053  2.462   1.144   1.00 16.54 ? 2125 HOH A O   1 
HETATM 1383 O O   . HOH C 3 .   ? 16.286  4.404   3.567   1.00 43.88 ? 2126 HOH A O   1 
HETATM 1384 O O   . HOH C 3 .   ? 18.574  -2.520  2.561   1.00 19.54 ? 2127 HOH A O   1 
HETATM 1385 O O   . HOH C 3 .   ? 18.042  -0.352  10.932  1.00 20.44 ? 2128 HOH A O   1 
HETATM 1386 O O   . HOH C 3 .   ? 27.112  2.242   6.046   1.00 26.51 ? 2129 HOH A O   1 
HETATM 1387 O O   . HOH C 3 .   ? 25.554  -2.873  3.628   1.00 54.96 ? 2130 HOH A O   1 
HETATM 1388 O O   . HOH C 3 .   ? 21.629  1.809   6.666   1.00 35.09 ? 2131 HOH A O   1 
HETATM 1389 O O   . HOH C 3 .   ? 22.279  -5.038  3.911   1.00 20.44 ? 2132 HOH A O   1 
HETATM 1390 O O   . HOH C 3 .   ? 24.074  -0.011  12.764  1.00 60.00 ? 2133 HOH A O   1 
HETATM 1391 O O   . HOH C 3 .   ? 19.417  -0.233  13.666  1.00 42.36 ? 2134 HOH A O   1 
HETATM 1392 O O   . HOH C 3 .   ? 21.613  -3.980  13.438  1.00 60.00 ? 2135 HOH A O   1 
HETATM 1393 O O   . HOH C 3 .   ? 20.966  0.656   10.155  1.00 60.00 ? 2136 HOH A O   1 
HETATM 1394 O O   . HOH C 3 .   ? -11.880 -4.815  0.348   1.00 9.84  ? 2137 HOH A O   1 
HETATM 1395 O O   . HOH C 3 .   ? -11.878 -6.773  -2.780  1.00 12.72 ? 2138 HOH A O   1 
HETATM 1396 O O   . HOH C 3 .   ? -14.825 -9.480  5.835   1.00 59.99 ? 2139 HOH A O   1 
HETATM 1397 O O   . HOH C 3 .   ? -18.261 -5.668  3.841   1.00 48.44 ? 2140 HOH A O   1 
HETATM 1398 O O   . HOH C 3 .   ? -2.288  -6.715  2.610   1.00 11.11 ? 2141 HOH A O   1 
HETATM 1399 O O   . HOH C 3 .   ? -4.686  -0.843  10.288  1.00 27.12 ? 2142 HOH A O   1 
HETATM 1400 O O   . HOH C 3 .   ? -5.972  -12.306 -1.461  1.00 12.95 ? 2143 HOH A O   1 
HETATM 1401 O O   . HOH C 3 .   ? -3.797  -10.364 0.864   1.00 60.00 ? 2144 HOH A O   1 
HETATM 1402 O O   . HOH C 3 .   ? -9.791  -11.928 0.823   1.00 12.21 ? 2145 HOH A O   1 
HETATM 1403 O O   . HOH C 3 .   ? -15.825 -12.135 0.926   1.00 35.13 ? 2146 HOH A O   1 
HETATM 1404 O O   . HOH C 3 .   ? -4.327  -10.935 -3.242  1.00 18.53 ? 2147 HOH A O   1 
HETATM 1405 O O   . HOH C 3 .   ? -4.386  -8.555  -7.793  1.00 31.64 ? 2148 HOH A O   1 
HETATM 1406 O O   . HOH C 3 .   ? 1.741   -10.736 -6.228  1.00 14.20 ? 2149 HOH A O   1 
HETATM 1407 O O   . HOH C 3 .   ? 3.733   -7.231  -7.825  1.00 29.50 ? 2150 HOH A O   1 
HETATM 1408 O O   . HOH C 3 .   ? 7.243   -3.751  -10.506 1.00 12.24 ? 2151 HOH A O   1 
HETATM 1409 O O   . HOH C 3 .   ? 5.203   -10.099 -7.260  1.00 30.22 ? 2152 HOH A O   1 
HETATM 1410 O O   . HOH C 3 .   ? 10.388  -10.721 -6.818  1.00 26.48 ? 2153 HOH A O   1 
HETATM 1411 O O   . HOH C 3 .   ? 9.418   3.371   -8.622  1.00 13.10 ? 2154 HOH A O   1 
HETATM 1412 O O   . HOH C 3 .   ? 15.115  -1.720  -6.999  1.00 19.06 ? 2155 HOH A O   1 
HETATM 1413 O O   . HOH C 3 .   ? 9.355   3.014   -11.843 1.00 51.74 ? 2156 HOH A O   1 
HETATM 1414 O O   . HOH C 3 .   ? 9.815   1.494   -15.403 1.00 42.42 ? 2157 HOH A O   1 
HETATM 1415 O O   . HOH C 3 .   ? 6.284   -1.397  -7.612  1.00 8.33  ? 2158 HOH A O   1 
HETATM 1416 O O   . HOH C 3 .   ? 7.644   -2.418  -15.965 1.00 60.00 ? 2159 HOH A O   1 
HETATM 1417 O O   . HOH C 3 .   ? 4.369   7.795   -12.382 1.00 19.53 ? 2160 HOH A O   1 
HETATM 1418 O O   . HOH C 3 .   ? 5.498   1.820   -14.267 1.00 21.05 ? 2161 HOH A O   1 
HETATM 1419 O O   . HOH C 3 .   ? 4.087   -1.670  -15.067 1.00 29.84 ? 2162 HOH A O   1 
HETATM 1420 O O   . HOH C 3 .   ? 0.542   -5.714  -12.633 1.00 21.28 ? 2163 HOH A O   1 
HETATM 1421 O O   . HOH C 3 .   ? 3.496   -6.189  -14.718 1.00 60.00 ? 2164 HOH A O   1 
HETATM 1422 O O   . HOH C 3 .   ? 5.256   -3.926  -14.577 1.00 58.59 ? 2165 HOH A O   1 
HETATM 1423 O O   . HOH C 3 .   ? -3.691  -6.193  -15.518 1.00 27.22 ? 2166 HOH A O   1 
HETATM 1424 O O   . HOH C 3 .   ? 0.862   -7.356  -9.192  1.00 45.15 ? 2167 HOH A O   1 
HETATM 1425 O O   . HOH C 3 .   ? -7.795  -6.011  -13.791 1.00 25.68 ? 2168 HOH A O   1 
HETATM 1426 O O   . HOH C 3 .   ? -4.550  -9.663  -11.794 1.00 46.90 ? 2169 HOH A O   1 
HETATM 1427 O O   . HOH C 3 .   ? -6.710  -5.948  -3.870  1.00 8.30  ? 2170 HOH A O   1 
HETATM 1428 O O   . HOH C 3 .   ? -10.437 -8.487  -6.250  1.00 43.62 ? 2171 HOH A O   1 
HETATM 1429 O O   . HOH C 3 .   ? -12.469 -7.469  -8.279  1.00 54.21 ? 2172 HOH A O   1 
HETATM 1430 O O   . HOH C 3 .   ? -7.855  -7.888  -7.376  1.00 20.95 ? 2173 HOH A O   1 
HETATM 1431 O O   . HOH C 3 .   ? -15.554 -6.818  -7.950  1.00 49.22 ? 2174 HOH A O   1 
HETATM 1432 O O   . HOH C 3 .   ? -22.095 -3.042  -7.587  1.00 20.24 ? 2175 HOH A O   1 
HETATM 1433 O O   . HOH C 3 .   ? -18.365 -5.025  -10.168 1.00 23.16 ? 2176 HOH A O   1 
HETATM 1434 O O   . HOH C 3 .   ? -22.642 -1.599  -12.212 1.00 23.55 ? 2177 HOH A O   1 
HETATM 1435 O O   . HOH C 3 .   ? -23.269 -1.119  -6.147  1.00 13.11 ? 2178 HOH A O   1 
HETATM 1436 O O   . HOH C 3 .   ? -26.253 -1.492  -12.262 1.00 18.02 ? 2179 HOH A O   1 
HETATM 1437 O O   . HOH C 3 .   ? -26.077 5.372   -14.474 1.00 33.74 ? 2180 HOH A O   1 
HETATM 1438 O O   . HOH C 3 .   ? -29.775 4.017   -4.388  1.00 28.84 ? 2181 HOH A O   1 
HETATM 1439 O O   . HOH C 3 .   ? -33.010 6.877   -7.511  1.00 59.99 ? 2182 HOH A O   1 
HETATM 1440 O O   . HOH C 3 .   ? -28.140 0.616   -9.518  1.00 23.32 ? 2183 HOH A O   1 
HETATM 1441 O O   . HOH C 3 .   ? -32.538 4.513   -6.222  1.00 58.65 ? 2184 HOH A O   1 
HETATM 1442 O O   . HOH C 3 .   ? -25.884 -1.838  -6.081  1.00 23.14 ? 2185 HOH A O   1 
HETATM 1443 O O   . HOH C 3 .   ? -24.243 0.997   -3.907  1.00 60.00 ? 2186 HOH A O   1 
HETATM 1444 O O   . HOH C 3 .   ? -21.915 1.670   0.696   1.00 44.22 ? 2187 HOH A O   1 
HETATM 1445 O O   . HOH C 3 .   ? -2.603  -4.524  1.446   1.00 11.50 ? 2188 HOH A O   1 
HETATM 1446 O O   . HOH C 3 .   ? 20.565  -11.124 4.912   1.00 18.22 ? 2189 HOH A O   1 
HETATM 1447 O O   . HOH C 3 .   ? 25.410  -8.301  2.960   1.00 34.72 ? 2190 HOH A O   1 
HETATM 1448 O O   . HOH C 3 .   ? 17.262  -10.024 16.798  1.00 30.85 ? 2191 HOH A O   1 
HETATM 1449 O O   . HOH C 3 .   ? 17.860  -13.806 11.682  1.00 56.68 ? 2192 HOH A O   1 
HETATM 1450 O O   . HOH C 3 .   ? 23.861  -9.157  19.838  1.00 60.00 ? 2193 HOH A O   1 
HETATM 1451 O O   . HOH C 3 .   ? 24.208  -6.332  19.618  1.00 56.38 ? 2194 HOH A O   1 
HETATM 1452 O O   . HOH C 3 .   ? 21.687  -2.703  18.662  1.00 57.13 ? 2195 HOH A O   1 
HETATM 1453 O O   . HOH C 3 .   ? 24.070  -1.542  16.781  1.00 51.08 ? 2196 HOH A O   1 
HETATM 1454 O O   . HOH C 3 .   ? 20.904  -4.372  20.386  1.00 27.55 ? 2197 HOH A O   1 
HETATM 1455 O O   . HOH C 3 .   ? 15.853  4.598   8.865   1.00 18.12 ? 2198 HOH A O   1 
HETATM 1456 O O   . HOH C 3 .   ? 7.084   13.700  9.095   1.00 24.50 ? 2199 HOH A O   1 
HETATM 1457 O O   . HOH C 3 .   ? 6.352   13.079  6.481   1.00 26.92 ? 2200 HOH A O   1 
HETATM 1458 O O   . HOH C 3 .   ? 11.488  9.844   11.371  1.00 10.11 ? 2201 HOH A O   1 
HETATM 1459 O O   . HOH C 3 .   ? 4.531   13.777  10.516  1.00 45.65 ? 2202 HOH A O   1 
HETATM 1460 O O   . HOH C 3 .   ? 14.819  3.649   6.266   1.00 36.14 ? 2203 HOH A O   1 
HETATM 1461 O O   . HOH C 3 .   ? 12.000  6.209   0.204   1.00 32.50 ? 2204 HOH A O   1 
HETATM 1462 O O   . HOH C 3 .   ? 8.781   7.985   -3.115  1.00 36.64 ? 2205 HOH A O   1 
HETATM 1463 O O   . HOH C 3 .   ? 5.538   8.839   0.279   1.00 24.74 ? 2206 HOH A O   1 
HETATM 1464 O O   . HOH C 3 .   ? 12.073  8.379   2.206   1.00 13.95 ? 2207 HOH A O   1 
HETATM 1465 O O   . HOH C 3 .   ? 5.853   8.547   -2.719  1.00 57.51 ? 2208 HOH A O   1 
HETATM 1466 O O   . HOH C 3 .   ? 5.494   7.157   -5.863  1.00 30.65 ? 2209 HOH A O   1 
HETATM 1467 O O   . HOH C 3 .   ? -0.293  -0.480  -14.254 1.00 43.06 ? 2210 HOH A O   1 
HETATM 1468 O O   . HOH C 3 .   ? 2.292   4.594   -15.937 1.00 54.33 ? 2211 HOH A O   1 
HETATM 1469 O O   . HOH C 3 .   ? 0.470   7.416   -12.591 1.00 45.29 ? 2212 HOH A O   1 
HETATM 1470 O O   . HOH C 3 .   ? -5.336  6.724   -12.931 1.00 29.18 ? 2213 HOH A O   1 
HETATM 1471 O O   . HOH C 3 .   ? -5.197  -3.341  -15.471 1.00 31.84 ? 2214 HOH A O   1 
HETATM 1472 O O   . HOH C 3 .   ? -16.315 -5.571  -12.913 1.00 29.18 ? 2215 HOH A O   1 
HETATM 1473 O O   . HOH C 3 .   ? -12.978 -5.935  -13.820 1.00 35.95 ? 2216 HOH A O   1 
HETATM 1474 O O   . HOH C 3 .   ? -19.618 2.028   -20.065 1.00 53.94 ? 2217 HOH A O   1 
HETATM 1475 O O   . HOH C 3 .   ? -16.585 8.654   -18.465 1.00 13.40 ? 2218 HOH A O   1 
HETATM 1476 O O   . HOH C 3 .   ? -18.010 2.513   -16.258 1.00 13.92 ? 2219 HOH A O   1 
HETATM 1477 O O   . HOH C 3 .   ? -18.374 6.289   -15.196 1.00 9.85  ? 2220 HOH A O   1 
HETATM 1478 O O   . HOH C 3 .   ? -16.557 8.687   -15.731 1.00 16.27 ? 2221 HOH A O   1 
HETATM 1479 O O   . HOH C 3 .   ? -14.870 12.499  -14.366 1.00 46.98 ? 2222 HOH A O   1 
HETATM 1480 O O   . HOH C 3 .   ? -7.560  13.203  -12.891 1.00 29.63 ? 2223 HOH A O   1 
HETATM 1481 O O   . HOH C 3 .   ? -9.738  17.745  -8.323  1.00 45.05 ? 2224 HOH A O   1 
HETATM 1482 O O   . HOH C 3 .   ? -9.543  16.088  -6.430  1.00 14.73 ? 2225 HOH A O   1 
HETATM 1483 O O   . HOH C 3 .   ? -7.137  16.798  -3.837  1.00 29.87 ? 2226 HOH A O   1 
HETATM 1484 O O   . HOH C 3 .   ? -6.144  16.508  -1.131  1.00 48.39 ? 2227 HOH A O   1 
HETATM 1485 O O   . HOH C 3 .   ? -2.842  13.023  -9.029  1.00 20.82 ? 2228 HOH A O   1 
HETATM 1486 O O   . HOH C 3 .   ? 0.939   9.227   -10.254 1.00 22.81 ? 2229 HOH A O   1 
HETATM 1487 O O   . HOH C 3 .   ? -0.304  13.269  -5.332  1.00 60.00 ? 2230 HOH A O   1 
HETATM 1488 O O   . HOH C 3 .   ? 2.589   10.906  -5.789  1.00 30.85 ? 2231 HOH A O   1 
HETATM 1489 O O   . HOH C 3 .   ? 3.223   13.501  -5.060  1.00 57.63 ? 2232 HOH A O   1 
HETATM 1490 O O   . HOH C 3 .   ? 5.670   1.608   10.922  1.00 10.55 ? 2233 HOH A O   1 
HETATM 1491 O O   . HOH C 3 .   ? 4.635   10.296  11.469  1.00 18.18 ? 2234 HOH A O   1 
HETATM 1492 O O   . HOH C 3 .   ? 11.319  3.019   20.336  1.00 60.00 ? 2235 HOH A O   1 
HETATM 1493 O O   . HOH C 3 .   ? 11.092  -1.837  21.827  1.00 25.27 ? 2236 HOH A O   1 
HETATM 1494 O O   . HOH C 3 .   ? 11.996  -10.573 19.003  1.00 60.00 ? 2237 HOH A O   1 
HETATM 1495 O O   . HOH C 3 .   ? 15.186  -10.437 19.004  1.00 51.13 ? 2238 HOH A O   1 
HETATM 1496 O O   . HOH C 3 .   ? 16.787  -9.337  20.291  1.00 35.18 ? 2239 HOH A O   1 
HETATM 1497 O O   . HOH C 3 .   ? -17.837 -0.363  5.984   1.00 38.61 ? 2240 HOH A O   1 
HETATM 1498 O O   . HOH C 3 .   ? -17.430 -3.928  0.682   1.00 29.94 ? 2241 HOH A O   1 
HETATM 1499 O O   . HOH C 3 .   ? -18.276 -4.095  -3.507  1.00 30.47 ? 2242 HOH A O   1 
HETATM 1500 O O   . HOH C 3 .   ? -14.842 -2.343  3.224   1.00 31.49 ? 2243 HOH A O   1 
HETATM 1501 O O   . HOH C 3 .   ? -21.828 -1.752  -0.934  1.00 38.00 ? 2244 HOH A O   1 
HETATM 1502 O O   . HOH C 3 .   ? -15.987 -6.045  -4.207  1.00 47.36 ? 2245 HOH A O   1 
# 
